data_5OHD
#
_entry.id   5OHD
#
_cell.length_a   1.000
_cell.length_b   1.000
_cell.length_c   1.000
_cell.angle_alpha   90.00
_cell.angle_beta   90.00
_cell.angle_gamma   90.00
#
_symmetry.space_group_name_H-M   'P 1'
#
_entity_poly.entity_id   1
_entity_poly.type   'polypeptide(L)'
_entity_poly.pdbx_seq_one_letter_code
;GSMSQFTCEEDFYFPWLLIIIFGIFGLTVMLFVFLFSKQQRIK
;
_entity_poly.pdbx_strand_id   A,B
#
# COMPACT_ATOMS: atom_id res chain seq x y z
N GLY A 1 5.88 -38.82 8.64
CA GLY A 1 6.23 -37.41 8.72
C GLY A 1 5.14 -36.52 8.18
N SER A 2 4.71 -35.55 8.99
CA SER A 2 3.65 -34.62 8.60
C SER A 2 4.23 -33.48 7.76
N MET A 3 3.54 -33.15 6.68
CA MET A 3 3.97 -32.07 5.79
C MET A 3 2.85 -31.07 5.57
N SER A 4 3.21 -29.79 5.48
CA SER A 4 2.24 -28.73 5.27
C SER A 4 1.97 -28.51 3.78
N GLN A 5 0.78 -28.04 3.46
CA GLN A 5 0.40 -27.80 2.07
C GLN A 5 -0.46 -26.54 1.95
N PHE A 6 -0.30 -25.83 0.85
CA PHE A 6 -1.06 -24.61 0.62
C PHE A 6 -2.38 -24.92 -0.08
N THR A 7 -3.30 -23.96 -0.05
CA THR A 7 -4.60 -24.12 -0.68
C THR A 7 -4.55 -23.79 -2.16
N CYS A 8 -4.53 -24.83 -3.00
CA CYS A 8 -4.47 -24.64 -4.44
C CYS A 8 -5.67 -23.83 -4.93
N GLU A 9 -6.83 -24.07 -4.32
CA GLU A 9 -8.04 -23.37 -4.70
C GLU A 9 -7.83 -21.85 -4.69
N GLU A 10 -7.07 -21.37 -3.71
CA GLU A 10 -6.79 -19.95 -3.60
C GLU A 10 -6.10 -19.43 -4.86
N ASP A 11 -5.27 -20.27 -5.46
CA ASP A 11 -4.55 -19.89 -6.67
C ASP A 11 -3.75 -18.60 -6.45
N PHE A 12 -2.89 -18.62 -5.45
CA PHE A 12 -2.06 -17.45 -5.14
C PHE A 12 -1.18 -17.08 -6.32
N TYR A 13 -0.94 -15.78 -6.50
CA TYR A 13 -0.12 -15.30 -7.59
C TYR A 13 0.95 -14.33 -7.08
N PHE A 14 2.21 -14.73 -7.24
CA PHE A 14 3.33 -13.91 -6.78
C PHE A 14 4.06 -13.29 -7.97
N PRO A 15 4.83 -12.22 -7.70
CA PRO A 15 4.98 -11.68 -6.34
C PRO A 15 3.70 -11.00 -5.85
N TRP A 16 3.35 -11.29 -4.60
CA TRP A 16 2.14 -10.70 -4.01
C TRP A 16 2.46 -9.36 -3.36
N LEU A 17 3.59 -9.29 -2.67
CA LEU A 17 4.01 -8.05 -2.01
C LEU A 17 4.09 -6.90 -3.01
N LEU A 18 4.71 -7.16 -4.15
CA LEU A 18 4.86 -6.15 -5.19
C LEU A 18 3.51 -5.58 -5.60
N ILE A 19 2.49 -6.43 -5.59
CA ILE A 19 1.14 -6.01 -5.95
C ILE A 19 0.54 -5.09 -4.89
N ILE A 20 0.74 -5.46 -3.62
CA ILE A 20 0.22 -4.67 -2.51
C ILE A 20 0.77 -3.24 -2.55
N ILE A 21 2.09 -3.13 -2.69
CA ILE A 21 2.74 -1.83 -2.74
C ILE A 21 2.34 -1.07 -3.99
N PHE A 22 2.49 -1.71 -5.15
CA PHE A 22 2.14 -1.09 -6.42
C PHE A 22 0.70 -0.59 -6.41
N GLY A 23 -0.18 -1.35 -5.78
CA GLY A 23 -1.58 -0.98 -5.71
C GLY A 23 -1.80 0.30 -4.91
N ILE A 24 -1.23 0.35 -3.71
CA ILE A 24 -1.36 1.51 -2.85
C ILE A 24 -0.65 2.73 -3.45
N PHE A 25 0.56 2.50 -3.97
CA PHE A 25 1.33 3.57 -4.58
C PHE A 25 0.56 4.22 -5.73
N GLY A 26 -0.09 3.39 -6.54
CA GLY A 26 -0.85 3.90 -7.66
C GLY A 26 -2.04 4.73 -7.23
N LEU A 27 -2.84 4.19 -6.32
CA LEU A 27 -4.03 4.89 -5.83
C LEU A 27 -3.63 6.16 -5.08
N THR A 28 -2.62 6.05 -4.23
CA THR A 28 -2.14 7.19 -3.46
C THR A 28 -1.71 8.33 -4.38
N VAL A 29 -0.82 8.03 -5.31
CA VAL A 29 -0.32 9.03 -6.25
C VAL A 29 -1.45 9.54 -7.14
N MET A 30 -2.16 8.62 -7.77
CA MET A 30 -3.27 8.98 -8.66
C MET A 30 -4.27 9.87 -7.93
N LEU A 31 -4.51 9.58 -6.66
CA LEU A 31 -5.45 10.36 -5.86
C LEU A 31 -4.85 11.71 -5.47
N PHE A 32 -3.58 11.69 -5.08
CA PHE A 32 -2.89 12.91 -4.68
C PHE A 32 -2.87 13.93 -5.83
N VAL A 33 -2.47 13.46 -7.01
CA VAL A 33 -2.41 14.32 -8.18
C VAL A 33 -3.80 14.82 -8.58
N PHE A 34 -4.74 13.88 -8.69
CA PHE A 34 -6.11 14.23 -9.06
C PHE A 34 -6.70 15.23 -8.09
N LEU A 35 -6.60 14.93 -6.80
CA LEU A 35 -7.13 15.81 -5.76
C LEU A 35 -6.49 17.19 -5.84
N PHE A 36 -5.20 17.22 -6.19
CA PHE A 36 -4.48 18.48 -6.29
C PHE A 36 -4.97 19.29 -7.49
N SER A 37 -5.30 18.59 -8.57
CA SER A 37 -5.79 19.24 -9.78
C SER A 37 -7.08 19.99 -9.51
N LYS A 38 -7.93 19.42 -8.66
CA LYS A 38 -9.20 20.04 -8.32
C LYS A 38 -9.01 21.19 -7.34
N GLN A 39 -7.98 21.08 -6.50
CA GLN A 39 -7.68 22.11 -5.51
C GLN A 39 -7.13 23.36 -6.18
N GLN A 40 -6.50 23.17 -7.34
CA GLN A 40 -5.93 24.29 -8.08
C GLN A 40 -6.95 24.90 -9.03
N ARG A 41 -7.16 26.21 -8.92
CA ARG A 41 -8.11 26.91 -9.77
C ARG A 41 -7.59 28.28 -10.16
N ILE A 42 -8.24 28.90 -11.14
CA ILE A 42 -7.83 30.22 -11.61
C ILE A 42 -8.49 31.33 -10.78
N LYS A 43 -9.76 31.12 -10.45
CA LYS A 43 -10.51 32.10 -9.66
C LYS A 43 -10.16 31.98 -8.17
N GLY B 1 1.77 -16.36 41.85
CA GLY B 1 1.70 -17.57 41.04
C GLY B 1 1.93 -17.29 39.57
N SER B 2 1.34 -18.12 38.71
CA SER B 2 1.47 -17.96 37.27
C SER B 2 0.11 -17.86 36.60
N MET B 3 0.03 -17.09 35.52
CA MET B 3 -1.22 -16.92 34.79
C MET B 3 -1.16 -17.60 33.43
N SER B 4 -2.31 -18.08 32.96
CA SER B 4 -2.38 -18.78 31.69
C SER B 4 -2.34 -17.77 30.52
N GLN B 5 -1.72 -18.16 29.43
CA GLN B 5 -1.61 -17.31 28.26
C GLN B 5 -2.33 -17.93 27.06
N PHE B 6 -3.17 -17.14 26.40
CA PHE B 6 -3.92 -17.62 25.24
C PHE B 6 -3.68 -16.72 24.03
N THR B 7 -4.20 -17.13 22.88
CA THR B 7 -4.05 -16.35 21.66
C THR B 7 -4.97 -16.88 20.56
N CYS B 8 -5.26 -16.03 19.57
CA CYS B 8 -6.12 -16.40 18.47
C CYS B 8 -5.33 -17.07 17.35
N GLU B 9 -5.63 -18.34 17.09
CA GLU B 9 -4.94 -19.10 16.05
C GLU B 9 -5.48 -18.73 14.67
N GLU B 10 -6.80 -18.82 14.52
CA GLU B 10 -7.45 -18.50 13.25
C GLU B 10 -7.14 -17.07 12.82
N ASP B 11 -7.03 -16.17 13.80
CA ASP B 11 -6.73 -14.77 13.52
C ASP B 11 -7.70 -14.21 12.49
N PHE B 12 -8.97 -14.09 12.87
CA PHE B 12 -10.00 -13.56 11.99
C PHE B 12 -9.61 -12.18 11.48
N TYR B 13 -9.48 -11.23 12.40
CA TYR B 13 -9.12 -9.87 12.04
C TYR B 13 -7.86 -9.84 11.18
N PHE B 14 -7.71 -8.78 10.40
CA PHE B 14 -6.55 -8.63 9.52
C PHE B 14 -5.74 -7.40 9.90
N PRO B 15 -5.06 -7.47 11.05
CA PRO B 15 -4.23 -6.37 11.55
C PRO B 15 -2.98 -6.16 10.71
N TRP B 16 -2.34 -7.24 10.31
CA TRP B 16 -1.13 -7.18 9.50
C TRP B 16 -1.36 -6.30 8.27
N LEU B 17 -2.48 -6.50 7.60
CA LEU B 17 -2.81 -5.73 6.41
C LEU B 17 -2.80 -4.23 6.71
N LEU B 18 -3.45 -3.85 7.81
CA LEU B 18 -3.51 -2.45 8.21
C LEU B 18 -2.12 -1.85 8.35
N ILE B 19 -1.18 -2.67 8.80
CA ILE B 19 0.20 -2.23 8.97
C ILE B 19 0.87 -1.98 7.63
N ILE B 20 0.67 -2.89 6.69
CA ILE B 20 1.25 -2.75 5.36
C ILE B 20 0.79 -1.47 4.69
N ILE B 21 -0.51 -1.22 4.71
CA ILE B 21 -1.08 -0.02 4.10
C ILE B 21 -0.62 1.24 4.84
N PHE B 22 -0.81 1.24 6.17
CA PHE B 22 -0.41 2.37 6.99
C PHE B 22 1.06 2.71 6.79
N GLY B 23 1.88 1.68 6.62
CA GLY B 23 3.30 1.89 6.42
C GLY B 23 3.60 2.61 5.12
N ILE B 24 3.04 2.11 4.03
CA ILE B 24 3.26 2.72 2.72
C ILE B 24 2.65 4.11 2.65
N PHE B 25 1.45 4.26 3.19
CA PHE B 25 0.76 5.54 3.20
C PHE B 25 1.59 6.61 3.92
N GLY B 26 2.20 6.21 5.04
CA GLY B 26 3.00 7.14 5.80
C GLY B 26 4.24 7.58 5.05
N LEU B 27 5.00 6.62 4.54
CA LEU B 27 6.22 6.90 3.80
C LEU B 27 5.91 7.70 2.53
N THR B 28 4.86 7.28 1.81
CA THR B 28 4.46 7.95 0.58
C THR B 28 4.14 9.41 0.84
N VAL B 29 3.24 9.66 1.79
CA VAL B 29 2.85 11.02 2.13
C VAL B 29 4.02 11.81 2.70
N MET B 30 4.68 11.25 3.70
CA MET B 30 5.82 11.90 4.32
C MET B 30 6.88 12.27 3.28
N LEU B 31 7.07 11.40 2.30
CA LEU B 31 8.04 11.64 1.24
C LEU B 31 7.53 12.68 0.25
N PHE B 32 6.25 12.57 -0.11
CA PHE B 32 5.64 13.50 -1.04
C PHE B 32 5.71 14.94 -0.52
N VAL B 33 5.31 15.13 0.74
CA VAL B 33 5.34 16.44 1.37
C VAL B 33 6.76 16.96 1.50
N PHE B 34 7.63 16.12 2.06
CA PHE B 34 9.04 16.49 2.25
C PHE B 34 9.68 16.88 0.92
N LEU B 35 9.53 16.01 -0.07
CA LEU B 35 10.10 16.26 -1.40
C LEU B 35 9.56 17.56 -1.99
N PHE B 36 8.29 17.83 -1.73
CA PHE B 36 7.65 19.05 -2.23
C PHE B 36 8.23 20.29 -1.55
N SER B 37 8.53 20.16 -0.27
CA SER B 37 9.09 21.27 0.50
C SER B 37 10.44 21.71 -0.06
N LYS B 38 11.22 20.73 -0.53
CA LYS B 38 12.53 21.01 -1.09
C LYS B 38 12.42 21.32 -2.58
N GLN B 39 11.43 20.72 -3.24
CA GLN B 39 11.24 20.93 -4.67
C GLN B 39 10.63 22.31 -4.93
N GLN B 40 9.90 22.83 -3.94
CA GLN B 40 9.28 24.14 -4.07
C GLN B 40 9.77 25.09 -2.99
N ARG B 41 10.56 26.08 -3.39
CA ARG B 41 11.10 27.06 -2.46
C ARG B 41 10.16 28.24 -2.29
N ILE B 42 10.19 28.86 -1.12
CA ILE B 42 9.34 30.01 -0.83
C ILE B 42 10.12 31.32 -0.92
N LYS B 43 9.47 32.35 -1.44
CA LYS B 43 10.10 33.66 -1.58
C LYS B 43 10.69 34.12 -0.25
N GLY A 1 -13.15 -35.39 -4.77
CA GLY A 1 -12.55 -34.82 -5.97
C GLY A 1 -12.48 -33.31 -5.92
N SER A 2 -11.45 -32.74 -6.56
CA SER A 2 -11.27 -31.29 -6.57
C SER A 2 -10.58 -30.84 -7.86
N MET A 3 -11.34 -30.20 -8.73
CA MET A 3 -10.80 -29.72 -10.00
C MET A 3 -10.07 -28.39 -9.80
N SER A 4 -9.35 -27.96 -10.84
CA SER A 4 -8.60 -26.71 -10.78
C SER A 4 -8.52 -26.07 -12.17
N GLN A 5 -8.88 -24.79 -12.24
CA GLN A 5 -8.85 -24.06 -13.50
C GLN A 5 -7.65 -23.13 -13.56
N PHE A 6 -6.94 -23.16 -14.68
CA PHE A 6 -5.76 -22.31 -14.86
C PHE A 6 -6.14 -20.97 -15.49
N THR A 7 -6.02 -19.91 -14.72
CA THR A 7 -6.35 -18.57 -15.19
C THR A 7 -5.49 -18.19 -16.39
N CYS A 8 -4.17 -18.18 -16.19
CA CYS A 8 -3.24 -17.82 -17.26
C CYS A 8 -2.30 -18.99 -17.55
N GLU A 9 -1.58 -18.87 -18.67
CA GLU A 9 -0.64 -19.92 -19.07
C GLU A 9 0.45 -20.12 -18.02
N GLU A 10 0.91 -19.00 -17.44
CA GLU A 10 1.95 -19.06 -16.42
C GLU A 10 1.36 -19.45 -15.07
N ASP A 11 0.15 -19.01 -14.80
CA ASP A 11 -0.52 -19.32 -13.54
C ASP A 11 0.32 -18.87 -12.35
N PHE A 12 0.92 -17.70 -12.48
CA PHE A 12 1.77 -17.15 -11.41
C PHE A 12 1.39 -15.70 -11.12
N TYR A 13 0.95 -15.45 -9.90
CA TYR A 13 0.56 -14.10 -9.48
C TYR A 13 1.69 -13.42 -8.72
N PHE A 14 2.41 -14.19 -7.91
CA PHE A 14 3.52 -13.65 -7.13
C PHE A 14 4.49 -12.87 -8.02
N PRO A 15 5.26 -11.96 -7.41
CA PRO A 15 5.19 -11.72 -5.96
C PRO A 15 3.89 -11.03 -5.55
N TRP A 16 3.51 -11.22 -4.29
CA TRP A 16 2.28 -10.61 -3.78
C TRP A 16 2.54 -9.21 -3.26
N LEU A 17 3.72 -8.99 -2.70
CA LEU A 17 4.10 -7.69 -2.16
C LEU A 17 3.99 -6.61 -3.23
N LEU A 18 4.56 -6.89 -4.40
CA LEU A 18 4.52 -5.94 -5.51
C LEU A 18 3.09 -5.55 -5.85
N ILE A 19 2.18 -6.51 -5.72
CA ILE A 19 0.77 -6.26 -6.01
C ILE A 19 0.16 -5.29 -5.01
N ILE A 20 0.45 -5.52 -3.73
CA ILE A 20 -0.06 -4.67 -2.66
C ILE A 20 0.53 -3.27 -2.74
N ILE A 21 1.85 -3.19 -2.91
CA ILE A 21 2.53 -1.92 -3.01
C ILE A 21 2.08 -1.14 -4.24
N PHE A 22 2.13 -1.79 -5.40
CA PHE A 22 1.72 -1.16 -6.65
C PHE A 22 0.27 -0.68 -6.57
N GLY A 23 -0.56 -1.44 -5.87
CA GLY A 23 -1.97 -1.08 -5.73
C GLY A 23 -2.15 0.19 -4.93
N ILE A 24 -1.55 0.24 -3.74
CA ILE A 24 -1.65 1.41 -2.87
C ILE A 24 -0.92 2.61 -3.48
N PHE A 25 0.33 2.40 -3.85
CA PHE A 25 1.14 3.46 -4.43
C PHE A 25 0.42 4.09 -5.63
N GLY A 26 -0.30 3.27 -6.38
CA GLY A 26 -1.03 3.77 -7.53
C GLY A 26 -2.20 4.64 -7.14
N LEU A 27 -3.05 4.13 -6.27
CA LEU A 27 -4.22 4.87 -5.82
C LEU A 27 -3.82 6.14 -5.08
N THR A 28 -2.75 6.04 -4.28
CA THR A 28 -2.26 7.18 -3.51
C THR A 28 -1.79 8.30 -4.44
N VAL A 29 -0.90 7.97 -5.36
CA VAL A 29 -0.37 8.95 -6.31
C VAL A 29 -1.46 9.43 -7.27
N MET A 30 -2.35 8.51 -7.65
CA MET A 30 -3.44 8.84 -8.55
C MET A 30 -4.44 9.78 -7.89
N LEU A 31 -4.71 9.55 -6.61
CA LEU A 31 -5.64 10.37 -5.86
C LEU A 31 -5.02 11.72 -5.51
N PHE A 32 -3.80 11.68 -4.97
CA PHE A 32 -3.10 12.89 -4.59
C PHE A 32 -3.02 13.87 -5.76
N VAL A 33 -2.54 13.37 -6.91
CA VAL A 33 -2.41 14.19 -8.10
C VAL A 33 -3.78 14.62 -8.63
N PHE A 34 -4.73 13.69 -8.58
CA PHE A 34 -6.08 13.98 -9.06
C PHE A 34 -6.66 15.20 -8.35
N LEU A 35 -6.53 15.24 -7.03
CA LEU A 35 -7.04 16.35 -6.24
C LEU A 35 -6.31 17.64 -6.59
N PHE A 36 -4.98 17.56 -6.66
CA PHE A 36 -4.16 18.73 -6.98
C PHE A 36 -4.50 19.27 -8.36
N SER A 37 -4.81 18.36 -9.29
CA SER A 37 -5.15 18.75 -10.65
C SER A 37 -6.58 19.27 -10.72
N LYS A 38 -7.47 18.66 -9.95
CA LYS A 38 -8.87 19.05 -9.92
C LYS A 38 -9.02 20.47 -9.37
N GLN A 39 -8.12 20.85 -8.48
CA GLN A 39 -8.16 22.19 -7.87
C GLN A 39 -7.86 23.26 -8.91
N GLN A 40 -7.11 22.88 -9.94
CA GLN A 40 -6.74 23.82 -11.00
C GLN A 40 -7.85 23.92 -12.04
N ARG A 41 -7.95 25.07 -12.69
CA ARG A 41 -8.97 25.30 -13.71
C ARG A 41 -8.35 25.90 -14.97
N ILE A 42 -9.05 25.73 -16.09
CA ILE A 42 -8.57 26.26 -17.37
C ILE A 42 -8.94 27.73 -17.53
N LYS A 43 -8.05 28.50 -18.15
CA LYS A 43 -8.29 29.92 -18.37
C LYS A 43 -7.47 30.44 -19.55
N GLY B 1 -22.63 -20.99 3.94
CA GLY B 1 -21.58 -21.30 4.88
C GLY B 1 -20.22 -20.79 4.42
N SER B 2 -19.34 -21.72 4.06
CA SER B 2 -18.01 -21.37 3.60
C SER B 2 -17.22 -20.64 4.70
N MET B 3 -17.43 -21.06 5.94
CA MET B 3 -16.76 -20.45 7.08
C MET B 3 -16.06 -21.51 7.93
N SER B 4 -14.73 -21.48 7.94
CA SER B 4 -13.94 -22.44 8.70
C SER B 4 -13.80 -21.99 10.15
N GLN B 5 -14.15 -22.88 11.08
CA GLN B 5 -14.06 -22.58 12.50
C GLN B 5 -12.97 -23.41 13.18
N PHE B 6 -12.10 -22.74 13.91
CA PHE B 6 -11.01 -23.43 14.61
C PHE B 6 -10.54 -22.62 15.80
N THR B 7 -10.45 -23.26 16.96
CA THR B 7 -10.02 -22.60 18.18
C THR B 7 -8.56 -22.93 18.49
N CYS B 8 -7.69 -21.93 18.30
CA CYS B 8 -6.27 -22.11 18.55
C CYS B 8 -5.96 -21.96 20.04
N GLU B 9 -4.71 -22.21 20.41
CA GLU B 9 -4.28 -22.10 21.81
C GLU B 9 -4.60 -20.71 22.36
N GLU B 10 -4.29 -19.68 21.57
CA GLU B 10 -4.54 -18.31 21.99
C GLU B 10 -5.69 -17.70 21.19
N ASP B 11 -5.79 -18.07 19.92
CA ASP B 11 -6.84 -17.57 19.04
C ASP B 11 -6.87 -16.04 19.06
N PHE B 12 -5.68 -15.44 18.93
CA PHE B 12 -5.57 -13.99 18.93
C PHE B 12 -4.56 -13.52 17.88
N TYR B 13 -5.05 -12.79 16.88
CA TYR B 13 -4.19 -12.29 15.81
C TYR B 13 -4.23 -10.76 15.76
N PHE B 14 -3.25 -10.19 15.07
CA PHE B 14 -3.17 -8.73 14.93
C PHE B 14 -3.36 -8.30 13.49
N PRO B 15 -3.70 -7.02 13.29
CA PRO B 15 -3.93 -6.46 11.94
C PRO B 15 -2.63 -6.34 11.15
N TRP B 16 -2.49 -7.19 10.13
CA TRP B 16 -1.30 -7.18 9.29
C TRP B 16 -1.45 -6.17 8.15
N LEU B 17 -2.62 -6.19 7.52
CA LEU B 17 -2.89 -5.29 6.41
C LEU B 17 -2.70 -3.83 6.83
N LEU B 18 -3.25 -3.48 7.99
CA LEU B 18 -3.12 -2.12 8.51
C LEU B 18 -1.66 -1.69 8.60
N ILE B 19 -0.80 -2.64 8.95
CA ILE B 19 0.63 -2.37 9.07
C ILE B 19 1.25 -2.09 7.71
N ILE B 20 0.92 -2.93 6.74
CA ILE B 20 1.45 -2.77 5.39
C ILE B 20 0.98 -1.46 4.77
N ILE B 21 -0.30 -1.16 4.91
CA ILE B 21 -0.87 0.07 4.36
C ILE B 21 -0.32 1.29 5.09
N PHE B 22 -0.42 1.28 6.41
CA PHE B 22 0.07 2.39 7.22
C PHE B 22 1.54 2.66 6.95
N GLY B 23 2.30 1.60 6.71
CA GLY B 23 3.72 1.74 6.44
C GLY B 23 3.99 2.47 5.14
N ILE B 24 3.37 2.01 4.06
CA ILE B 24 3.54 2.63 2.75
C ILE B 24 2.92 4.01 2.71
N PHE B 25 1.66 4.10 3.11
CA PHE B 25 0.94 5.37 3.12
C PHE B 25 1.73 6.43 3.89
N GLY B 26 2.41 6.01 4.95
CA GLY B 26 3.19 6.93 5.75
C GLY B 26 4.41 7.44 5.02
N LEU B 27 5.21 6.52 4.50
CA LEU B 27 6.42 6.87 3.76
C LEU B 27 6.08 7.67 2.50
N THR B 28 5.00 7.29 1.84
CA THR B 28 4.56 7.96 0.63
C THR B 28 4.20 9.41 0.91
N VAL B 29 3.30 9.62 1.87
CA VAL B 29 2.87 10.97 2.23
C VAL B 29 4.00 11.76 2.87
N MET B 30 4.84 11.07 3.64
CA MET B 30 5.97 11.72 4.31
C MET B 30 7.02 12.15 3.29
N LEU B 31 7.24 11.32 2.29
CA LEU B 31 8.22 11.62 1.25
C LEU B 31 7.69 12.68 0.30
N PHE B 32 6.46 12.48 -0.18
CA PHE B 32 5.84 13.43 -1.11
C PHE B 32 5.85 14.84 -0.53
N VAL B 33 5.36 14.98 0.70
CA VAL B 33 5.31 16.27 1.37
C VAL B 33 6.72 16.79 1.66
N PHE B 34 7.60 15.89 2.07
CA PHE B 34 8.97 16.26 2.38
C PHE B 34 9.64 16.96 1.20
N LEU B 35 9.48 16.38 0.01
CA LEU B 35 10.06 16.95 -1.20
C LEU B 35 9.43 18.31 -1.52
N PHE B 36 8.10 18.36 -1.45
CA PHE B 36 7.37 19.60 -1.73
C PHE B 36 7.77 20.71 -0.76
N SER B 37 8.04 20.32 0.49
CA SER B 37 8.43 21.28 1.52
C SER B 37 9.90 21.66 1.36
N LYS B 38 10.72 20.69 0.98
CA LYS B 38 12.15 20.93 0.79
C LYS B 38 12.39 21.86 -0.39
N GLN B 39 11.51 21.81 -1.38
CA GLN B 39 11.63 22.65 -2.57
C GLN B 39 10.85 23.95 -2.39
N GLN B 40 9.80 23.91 -1.57
CA GLN B 40 8.98 25.07 -1.32
C GLN B 40 9.79 26.18 -0.63
N ARG B 41 9.86 27.35 -1.26
CA ARG B 41 10.58 28.47 -0.71
C ARG B 41 12.06 28.12 -0.53
N ILE B 42 12.60 27.35 -1.48
CA ILE B 42 14.01 26.95 -1.43
C ILE B 42 14.92 28.14 -1.65
N LYS B 43 16.05 28.15 -0.95
CA LYS B 43 17.02 29.23 -1.08
C LYS B 43 17.63 29.26 -2.48
N GLY A 1 -3.13 -34.56 9.40
CA GLY A 1 -2.43 -34.16 8.20
C GLY A 1 -1.92 -32.73 8.28
N SER A 2 -1.76 -32.10 7.12
CA SER A 2 -1.28 -30.72 7.06
C SER A 2 -1.59 -30.08 5.71
N MET A 3 -1.72 -28.77 5.70
CA MET A 3 -2.02 -28.03 4.48
C MET A 3 -0.76 -27.66 3.73
N SER A 4 -0.82 -27.70 2.41
CA SER A 4 0.34 -27.38 1.58
C SER A 4 0.07 -26.14 0.73
N GLN A 5 1.12 -25.56 0.16
CA GLN A 5 1.00 -24.37 -0.67
C GLN A 5 0.23 -24.69 -1.95
N PHE A 6 -0.21 -23.64 -2.64
CA PHE A 6 -0.96 -23.81 -3.88
C PHE A 6 -0.28 -23.06 -5.02
N THR A 7 -0.84 -23.19 -6.22
CA THR A 7 -0.28 -22.52 -7.40
C THR A 7 -1.39 -21.85 -8.22
N CYS A 8 -1.04 -20.75 -8.87
CA CYS A 8 -1.99 -20.01 -9.70
C CYS A 8 -1.54 -19.97 -11.15
N GLU A 9 -2.45 -20.32 -12.06
CA GLU A 9 -2.14 -20.31 -13.48
C GLU A 9 -1.74 -18.92 -13.95
N GLU A 10 -2.38 -17.90 -13.40
CA GLU A 10 -2.08 -16.52 -13.76
C GLU A 10 -0.76 -16.06 -13.12
N ASP A 11 -0.50 -16.55 -11.91
CA ASP A 11 0.73 -16.20 -11.20
C ASP A 11 0.81 -14.69 -10.99
N PHE A 12 -0.10 -14.16 -10.17
CA PHE A 12 -0.12 -12.72 -9.89
C PHE A 12 0.83 -12.38 -8.75
N TYR A 13 0.53 -12.89 -7.55
CA TYR A 13 1.35 -12.63 -6.38
C TYR A 13 2.70 -13.35 -6.49
N PHE A 14 3.50 -13.26 -5.44
CA PHE A 14 4.81 -13.89 -5.42
C PHE A 14 5.69 -13.35 -6.54
N PRO A 15 6.38 -12.23 -6.24
CA PRO A 15 6.30 -11.56 -4.95
C PRO A 15 4.94 -10.90 -4.72
N TRP A 16 4.41 -11.03 -3.51
CA TRP A 16 3.12 -10.44 -3.17
C TRP A 16 3.28 -9.00 -2.71
N LEU A 17 4.38 -8.73 -2.01
CA LEU A 17 4.65 -7.38 -1.51
C LEU A 17 4.65 -6.37 -2.64
N LEU A 18 5.37 -6.69 -3.72
CA LEU A 18 5.45 -5.80 -4.88
C LEU A 18 4.06 -5.46 -5.39
N ILE A 19 3.13 -6.41 -5.28
CA ILE A 19 1.77 -6.21 -5.75
C ILE A 19 1.04 -5.21 -4.86
N ILE A 20 1.04 -5.47 -3.55
CA ILE A 20 0.38 -4.59 -2.59
C ILE A 20 1.02 -3.20 -2.59
N ILE A 21 2.33 -3.16 -2.40
CA ILE A 21 3.07 -1.90 -2.38
C ILE A 21 2.77 -1.07 -3.63
N PHE A 22 2.93 -1.69 -4.80
CA PHE A 22 2.69 -1.01 -6.07
C PHE A 22 1.23 -0.56 -6.15
N GLY A 23 0.31 -1.45 -5.81
CA GLY A 23 -1.11 -1.12 -5.87
C GLY A 23 -1.44 0.12 -5.08
N ILE A 24 -1.00 0.18 -3.84
CA ILE A 24 -1.26 1.33 -2.98
C ILE A 24 -0.46 2.54 -3.43
N PHE A 25 0.81 2.33 -3.74
CA PHE A 25 1.69 3.40 -4.19
C PHE A 25 1.09 4.11 -5.42
N GLY A 26 0.66 3.32 -6.38
CA GLY A 26 0.08 3.88 -7.60
C GLY A 26 -1.19 4.65 -7.32
N LEU A 27 -2.14 4.02 -6.63
CA LEU A 27 -3.40 4.67 -6.30
C LEU A 27 -3.17 5.95 -5.50
N THR A 28 -2.33 5.85 -4.48
CA THR A 28 -2.02 7.00 -3.63
C THR A 28 -1.56 8.19 -4.46
N VAL A 29 -0.53 7.97 -5.29
CA VAL A 29 0.01 9.02 -6.14
C VAL A 29 -1.09 9.66 -6.98
N MET A 30 -1.97 8.83 -7.54
CA MET A 30 -3.07 9.32 -8.37
C MET A 30 -4.03 10.16 -7.53
N LEU A 31 -4.37 9.68 -6.35
CA LEU A 31 -5.28 10.38 -5.46
C LEU A 31 -4.69 11.72 -5.02
N PHE A 32 -3.42 11.70 -4.65
CA PHE A 32 -2.74 12.90 -4.21
C PHE A 32 -2.84 14.00 -5.26
N VAL A 33 -2.53 13.65 -6.50
CA VAL A 33 -2.59 14.61 -7.61
C VAL A 33 -4.01 15.14 -7.80
N PHE A 34 -5.00 14.26 -7.63
CA PHE A 34 -6.39 14.64 -7.78
C PHE A 34 -6.82 15.60 -6.67
N LEU A 35 -6.52 15.23 -5.43
CA LEU A 35 -6.88 16.07 -4.29
C LEU A 35 -6.14 17.39 -4.32
N PHE A 36 -4.87 17.34 -4.75
CA PHE A 36 -4.05 18.55 -4.84
C PHE A 36 -4.55 19.46 -5.95
N SER A 37 -5.01 18.87 -7.03
CA SER A 37 -5.51 19.64 -8.18
C SER A 37 -6.65 20.55 -7.76
N LYS A 38 -7.49 20.05 -6.86
CA LYS A 38 -8.63 20.83 -6.37
C LYS A 38 -8.26 21.62 -5.12
N GLN A 39 -7.33 21.09 -4.34
CA GLN A 39 -6.87 21.75 -3.13
C GLN A 39 -6.12 23.04 -3.45
N GLN A 40 -5.51 23.08 -4.64
CA GLN A 40 -4.76 24.25 -5.07
C GLN A 40 -4.79 24.38 -6.59
N ARG A 41 -4.83 25.62 -7.08
CA ARG A 41 -4.86 25.88 -8.50
C ARG A 41 -3.56 25.45 -9.17
N ILE A 42 -3.51 25.52 -10.49
CA ILE A 42 -2.32 25.14 -11.24
C ILE A 42 -2.00 26.17 -12.32
N LYS A 43 -0.83 26.02 -12.93
CA LYS A 43 -0.39 26.95 -13.98
C LYS A 43 -1.39 26.94 -15.14
N GLY B 1 -22.25 -28.75 -7.81
CA GLY B 1 -21.44 -27.57 -7.96
C GLY B 1 -20.55 -27.32 -6.75
N SER B 2 -19.55 -26.46 -6.91
CA SER B 2 -18.63 -26.14 -5.83
C SER B 2 -19.37 -25.59 -4.62
N MET B 3 -18.75 -25.67 -3.46
CA MET B 3 -19.35 -25.17 -2.22
C MET B 3 -18.59 -23.97 -1.69
N SER B 4 -19.25 -22.83 -1.64
CA SER B 4 -18.63 -21.59 -1.15
C SER B 4 -19.05 -21.31 0.29
N GLN B 5 -18.23 -20.53 1.00
CA GLN B 5 -18.52 -20.18 2.38
C GLN B 5 -18.30 -18.70 2.62
N PHE B 6 -18.64 -18.23 3.82
CA PHE B 6 -18.47 -16.83 4.18
C PHE B 6 -17.00 -16.46 4.26
N THR B 7 -16.71 -15.16 4.16
CA THR B 7 -15.34 -14.68 4.23
C THR B 7 -14.80 -14.73 5.64
N CYS B 8 -15.37 -13.94 6.52
CA CYS B 8 -14.95 -13.89 7.92
C CYS B 8 -16.12 -13.57 8.84
N GLU B 9 -16.52 -14.55 9.64
CA GLU B 9 -17.65 -14.37 10.57
C GLU B 9 -17.14 -14.06 11.97
N GLU B 10 -16.07 -14.73 12.37
CA GLU B 10 -15.49 -14.52 13.70
C GLU B 10 -14.62 -13.28 13.73
N ASP B 11 -13.93 -13.02 12.61
CA ASP B 11 -13.07 -11.84 12.51
C ASP B 11 -11.91 -11.93 13.50
N PHE B 12 -11.36 -13.13 13.65
CA PHE B 12 -10.25 -13.35 14.57
C PHE B 12 -8.93 -12.88 13.95
N TYR B 13 -8.79 -13.07 12.65
CA TYR B 13 -7.58 -12.67 11.95
C TYR B 13 -7.25 -11.20 12.24
N PHE B 14 -6.04 -10.96 12.74
CA PHE B 14 -5.60 -9.60 13.05
C PHE B 14 -5.42 -8.78 11.77
N PRO B 15 -5.42 -7.45 11.93
CA PRO B 15 -5.25 -6.53 10.80
C PRO B 15 -3.84 -6.56 10.23
N TRP B 16 -3.63 -7.42 9.23
CA TRP B 16 -2.32 -7.54 8.60
C TRP B 16 -2.17 -6.54 7.46
N LEU B 17 -3.09 -6.58 6.51
CA LEU B 17 -3.06 -5.67 5.37
C LEU B 17 -3.25 -4.23 5.82
N LEU B 18 -4.11 -4.03 6.81
CA LEU B 18 -4.38 -2.70 7.34
C LEU B 18 -3.09 -2.02 7.78
N ILE B 19 -2.20 -2.79 8.41
CA ILE B 19 -0.93 -2.25 8.87
C ILE B 19 0.02 -2.00 7.71
N ILE B 20 0.12 -2.96 6.82
CA ILE B 20 1.00 -2.85 5.65
C ILE B 20 0.68 -1.58 4.85
N ILE B 21 -0.59 -1.42 4.49
CA ILE B 21 -1.02 -0.25 3.73
C ILE B 21 -0.87 1.02 4.55
N PHE B 22 -1.23 0.94 5.83
CA PHE B 22 -1.15 2.09 6.73
C PHE B 22 0.28 2.62 6.78
N GLY B 23 1.24 1.71 6.90
CA GLY B 23 2.64 2.11 6.97
C GLY B 23 3.12 2.76 5.69
N ILE B 24 2.78 2.14 4.56
CA ILE B 24 3.18 2.66 3.26
C ILE B 24 2.52 4.01 2.97
N PHE B 25 1.22 4.11 3.29
CA PHE B 25 0.48 5.33 3.07
C PHE B 25 1.13 6.51 3.79
N GLY B 26 1.49 6.30 5.05
CA GLY B 26 2.12 7.35 5.82
C GLY B 26 3.46 7.77 5.24
N LEU B 27 4.31 6.80 4.95
CA LEU B 27 5.63 7.07 4.39
C LEU B 27 5.51 7.80 3.07
N THR B 28 4.65 7.30 2.18
CA THR B 28 4.44 7.92 0.88
C THR B 28 4.08 9.39 1.01
N VAL B 29 3.06 9.67 1.81
CA VAL B 29 2.61 11.05 2.02
C VAL B 29 3.77 11.94 2.45
N MET B 30 4.59 11.42 3.36
CA MET B 30 5.75 12.18 3.86
C MET B 30 6.74 12.45 2.73
N LEU B 31 7.02 11.44 1.93
CA LEU B 31 7.95 11.57 0.81
C LEU B 31 7.43 12.57 -0.22
N PHE B 32 6.15 12.46 -0.54
CA PHE B 32 5.52 13.36 -1.51
C PHE B 32 5.73 14.82 -1.12
N VAL B 33 5.43 15.13 0.14
CA VAL B 33 5.58 16.49 0.65
C VAL B 33 7.03 16.95 0.57
N PHE B 34 7.95 16.02 0.85
CA PHE B 34 9.38 16.33 0.81
C PHE B 34 9.84 16.62 -0.62
N LEU B 35 9.48 15.73 -1.54
CA LEU B 35 9.85 15.88 -2.94
C LEU B 35 9.20 17.13 -3.54
N PHE B 36 7.94 17.37 -3.16
CA PHE B 36 7.20 18.52 -3.66
C PHE B 36 7.78 19.82 -3.12
N SER B 37 8.21 19.78 -1.86
CA SER B 37 8.78 20.97 -1.21
C SER B 37 10.01 21.46 -1.97
N LYS B 38 10.80 20.52 -2.48
CA LYS B 38 12.00 20.87 -3.24
C LYS B 38 11.64 21.57 -4.53
N GLN B 39 10.48 21.23 -5.10
CA GLN B 39 10.03 21.84 -6.34
C GLN B 39 9.52 23.26 -6.11
N GLN B 40 9.05 23.52 -4.89
CA GLN B 40 8.55 24.84 -4.54
C GLN B 40 9.68 25.79 -4.17
N ARG B 41 9.49 27.07 -4.45
CA ARG B 41 10.50 28.08 -4.15
C ARG B 41 9.87 29.33 -3.56
N ILE B 42 8.74 29.74 -4.13
CA ILE B 42 8.03 30.92 -3.66
C ILE B 42 7.74 30.83 -2.17
N LYS B 43 7.45 29.62 -1.70
CA LYS B 43 7.16 29.40 -0.29
C LYS B 43 8.25 30.00 0.59
N GLY A 1 35.93 -8.82 -12.99
CA GLY A 1 35.15 -8.09 -12.00
C GLY A 1 33.66 -8.10 -12.32
N SER A 2 33.13 -9.29 -12.62
CA SER A 2 31.73 -9.44 -12.94
C SER A 2 30.86 -9.18 -11.71
N MET A 3 29.79 -8.41 -11.90
CA MET A 3 28.88 -8.08 -10.81
C MET A 3 27.83 -9.18 -10.63
N SER A 4 27.60 -9.58 -9.38
CA SER A 4 26.63 -10.62 -9.08
C SER A 4 25.23 -10.02 -8.93
N GLN A 5 24.33 -10.42 -9.82
CA GLN A 5 22.95 -9.93 -9.78
C GLN A 5 21.99 -10.99 -10.31
N PHE A 6 20.78 -11.01 -9.75
CA PHE A 6 19.76 -11.96 -10.16
C PHE A 6 18.74 -11.31 -11.08
N THR A 7 18.45 -11.95 -12.20
CA THR A 7 17.49 -11.43 -13.17
C THR A 7 16.36 -12.43 -13.40
N CYS A 8 15.14 -11.91 -13.48
CA CYS A 8 13.97 -12.76 -13.71
C CYS A 8 13.83 -13.11 -15.19
N GLU A 9 13.81 -14.41 -15.47
CA GLU A 9 13.69 -14.88 -16.85
C GLU A 9 12.22 -15.14 -17.21
N GLU A 10 11.47 -15.68 -16.25
CA GLU A 10 10.07 -15.97 -16.47
C GLU A 10 9.19 -14.82 -15.98
N ASP A 11 9.61 -14.19 -14.89
CA ASP A 11 8.87 -13.07 -14.32
C ASP A 11 7.47 -13.51 -13.89
N PHE A 12 7.38 -14.73 -13.37
CA PHE A 12 6.10 -15.27 -12.92
C PHE A 12 5.48 -14.39 -11.85
N TYR A 13 4.33 -14.81 -11.32
CA TYR A 13 3.64 -14.06 -10.29
C TYR A 13 4.54 -13.86 -9.06
N PHE A 14 3.99 -13.21 -8.04
CA PHE A 14 4.75 -12.96 -6.81
C PHE A 14 5.94 -12.05 -7.10
N PRO A 15 6.46 -11.42 -6.03
CA PRO A 15 5.94 -11.59 -4.67
C PRO A 15 4.57 -10.93 -4.50
N TRP A 16 3.96 -11.15 -3.34
CA TRP A 16 2.64 -10.58 -3.05
C TRP A 16 2.78 -9.18 -2.47
N LEU A 17 3.83 -8.97 -1.67
CA LEU A 17 4.06 -7.68 -1.05
C LEU A 17 4.16 -6.58 -2.11
N LEU A 18 4.94 -6.83 -3.16
CA LEU A 18 5.11 -5.86 -4.23
C LEU A 18 3.76 -5.46 -4.83
N ILE A 19 2.87 -6.44 -4.97
CA ILE A 19 1.55 -6.20 -5.53
C ILE A 19 0.75 -5.25 -4.64
N ILE A 20 0.66 -5.59 -3.36
CA ILE A 20 -0.08 -4.77 -2.40
C ILE A 20 0.42 -3.32 -2.41
N ILE A 21 1.73 -3.16 -2.26
CA ILE A 21 2.33 -1.82 -2.25
C ILE A 21 2.16 -1.14 -3.60
N PHE A 22 2.22 -1.93 -4.68
CA PHE A 22 2.07 -1.40 -6.02
C PHE A 22 0.71 -0.76 -6.20
N GLY A 23 -0.33 -1.43 -5.72
CA GLY A 23 -1.68 -0.91 -5.83
C GLY A 23 -1.89 0.33 -5.00
N ILE A 24 -1.42 0.30 -3.76
CA ILE A 24 -1.57 1.43 -2.85
C ILE A 24 -0.76 2.63 -3.34
N PHE A 25 0.45 2.37 -3.81
CA PHE A 25 1.33 3.43 -4.31
C PHE A 25 0.72 4.10 -5.53
N GLY A 26 0.34 3.30 -6.51
CA GLY A 26 -0.25 3.83 -7.72
C GLY A 26 -1.52 4.61 -7.46
N LEU A 27 -2.34 4.12 -6.53
CA LEU A 27 -3.58 4.77 -6.18
C LEU A 27 -3.33 6.05 -5.40
N THR A 28 -2.51 5.95 -4.36
CA THR A 28 -2.18 7.10 -3.54
C THR A 28 -1.65 8.25 -4.38
N VAL A 29 -0.68 7.96 -5.25
CA VAL A 29 -0.10 8.97 -6.12
C VAL A 29 -1.14 9.60 -7.02
N MET A 30 -1.88 8.76 -7.73
CA MET A 30 -2.92 9.23 -8.63
C MET A 30 -3.94 10.10 -7.89
N LEU A 31 -4.35 9.64 -6.72
CA LEU A 31 -5.32 10.37 -5.91
C LEU A 31 -4.73 11.69 -5.42
N PHE A 32 -3.47 11.65 -5.00
CA PHE A 32 -2.80 12.85 -4.51
C PHE A 32 -2.85 13.97 -5.56
N VAL A 33 -2.43 13.64 -6.78
CA VAL A 33 -2.43 14.61 -7.87
C VAL A 33 -3.82 15.17 -8.11
N PHE A 34 -4.81 14.27 -8.19
CA PHE A 34 -6.19 14.68 -8.42
C PHE A 34 -6.69 15.57 -7.28
N LEU A 35 -6.26 15.27 -6.07
CA LEU A 35 -6.67 16.03 -4.89
C LEU A 35 -6.13 17.45 -4.97
N PHE A 36 -4.93 17.61 -5.51
CA PHE A 36 -4.32 18.93 -5.64
C PHE A 36 -4.94 19.71 -6.81
N SER A 37 -5.28 18.99 -7.87
CA SER A 37 -5.87 19.61 -9.04
C SER A 37 -7.16 20.34 -8.68
N LYS A 38 -7.92 19.77 -7.76
CA LYS A 38 -9.17 20.36 -7.33
C LYS A 38 -8.93 21.68 -6.61
N GLN A 39 -7.78 21.78 -5.94
CA GLN A 39 -7.43 22.99 -5.21
C GLN A 39 -7.18 24.15 -6.17
N GLN A 40 -6.78 23.83 -7.39
CA GLN A 40 -6.50 24.84 -8.40
C GLN A 40 -5.52 25.89 -7.87
N ARG A 41 -4.55 25.44 -7.08
CA ARG A 41 -3.55 26.32 -6.51
C ARG A 41 -2.20 25.62 -6.39
N ILE A 42 -1.17 26.21 -6.97
CA ILE A 42 0.17 25.64 -6.91
C ILE A 42 1.22 26.71 -6.62
N LYS A 43 2.07 26.44 -5.64
CA LYS A 43 3.12 27.37 -5.26
C LYS A 43 4.49 26.71 -5.34
N GLY B 1 -8.27 -33.72 -3.24
CA GLY B 1 -7.02 -32.99 -3.07
C GLY B 1 -6.72 -32.71 -1.61
N SER B 2 -5.45 -32.45 -1.31
CA SER B 2 -5.04 -32.17 0.06
C SER B 2 -5.80 -30.99 0.63
N MET B 3 -5.99 -30.99 1.95
CA MET B 3 -6.71 -29.92 2.63
C MET B 3 -5.75 -29.05 3.43
N SER B 4 -6.12 -27.79 3.61
CA SER B 4 -5.29 -26.84 4.35
C SER B 4 -5.99 -26.38 5.62
N GLN B 5 -5.21 -25.95 6.61
CA GLN B 5 -5.77 -25.47 7.87
C GLN B 5 -4.83 -24.47 8.53
N PHE B 6 -5.41 -23.40 9.07
CA PHE B 6 -4.62 -22.37 9.74
C PHE B 6 -3.98 -22.90 11.02
N THR B 7 -3.11 -22.10 11.61
CA THR B 7 -2.43 -22.49 12.84
C THR B 7 -2.98 -21.72 14.04
N CYS B 8 -3.07 -22.39 15.18
CA CYS B 8 -3.58 -21.77 16.40
C CYS B 8 -2.45 -21.52 17.39
N GLU B 9 -1.49 -22.44 17.44
CA GLU B 9 -0.36 -22.31 18.35
C GLU B 9 0.31 -20.95 18.20
N GLU B 10 0.37 -20.46 16.96
CA GLU B 10 0.99 -19.17 16.68
C GLU B 10 0.40 -18.08 17.58
N ASP B 11 -0.90 -18.19 17.86
CA ASP B 11 -1.58 -17.21 18.70
C ASP B 11 -1.35 -15.80 18.18
N PHE B 12 -1.77 -15.55 16.94
CA PHE B 12 -1.61 -14.23 16.33
C PHE B 12 -2.66 -14.01 15.25
N TYR B 13 -3.47 -12.98 15.43
CA TYR B 13 -4.52 -12.66 14.47
C TYR B 13 -4.72 -11.14 14.37
N PHE B 14 -4.59 -10.62 13.16
CA PHE B 14 -4.75 -9.19 12.92
C PHE B 14 -4.65 -8.87 11.43
N PRO B 15 -5.23 -7.72 11.03
CA PRO B 15 -5.22 -7.28 9.64
C PRO B 15 -3.84 -6.86 9.17
N TRP B 16 -3.00 -7.83 8.85
CA TRP B 16 -1.63 -7.56 8.39
C TRP B 16 -1.64 -6.55 7.24
N LEU B 17 -2.68 -6.60 6.42
CA LEU B 17 -2.80 -5.69 5.28
C LEU B 17 -2.83 -4.24 5.76
N LEU B 18 -3.58 -3.99 6.83
CA LEU B 18 -3.70 -2.64 7.37
C LEU B 18 -2.32 -2.08 7.72
N ILE B 19 -1.49 -2.90 8.36
CA ILE B 19 -0.15 -2.48 8.74
C ILE B 19 0.68 -2.14 7.51
N ILE B 20 0.75 -3.07 6.56
CA ILE B 20 1.51 -2.86 5.34
C ILE B 20 1.09 -1.58 4.63
N ILE B 21 -0.20 -1.45 4.39
CA ILE B 21 -0.74 -0.27 3.72
C ILE B 21 -0.51 0.98 4.56
N PHE B 22 -0.59 0.84 5.87
CA PHE B 22 -0.39 1.96 6.79
C PHE B 22 1.03 2.51 6.67
N GLY B 23 2.00 1.59 6.61
CA GLY B 23 3.39 2.00 6.51
C GLY B 23 3.70 2.68 5.18
N ILE B 24 3.20 2.10 4.10
CA ILE B 24 3.42 2.65 2.76
C ILE B 24 2.73 4.00 2.60
N PHE B 25 1.51 4.09 3.11
CA PHE B 25 0.73 5.33 3.03
C PHE B 25 1.42 6.45 3.81
N GLY B 26 1.75 6.17 5.07
CA GLY B 26 2.41 7.18 5.90
C GLY B 26 3.73 7.63 5.31
N LEU B 27 4.48 6.69 4.75
CA LEU B 27 5.77 7.02 4.15
C LEU B 27 5.60 7.79 2.85
N THR B 28 4.74 7.26 1.97
CA THR B 28 4.49 7.91 0.68
C THR B 28 4.06 9.36 0.87
N VAL B 29 3.09 9.58 1.76
CA VAL B 29 2.60 10.92 2.03
C VAL B 29 3.71 11.82 2.54
N MET B 30 4.40 11.37 3.59
CA MET B 30 5.49 12.14 4.17
C MET B 30 6.55 12.47 3.12
N LEU B 31 6.90 11.48 2.33
CA LEU B 31 7.91 11.66 1.27
C LEU B 31 7.41 12.64 0.21
N PHE B 32 6.14 12.50 -0.17
CA PHE B 32 5.54 13.37 -1.17
C PHE B 32 5.69 14.84 -0.78
N VAL B 33 5.28 15.16 0.45
CA VAL B 33 5.37 16.53 0.94
C VAL B 33 6.81 17.03 0.92
N PHE B 34 7.73 16.22 1.43
CA PHE B 34 9.14 16.58 1.46
C PHE B 34 9.68 16.78 0.05
N LEU B 35 9.21 15.96 -0.89
CA LEU B 35 9.65 16.06 -2.27
C LEU B 35 9.23 17.38 -2.89
N PHE B 36 8.06 17.87 -2.51
CA PHE B 36 7.54 19.13 -3.02
C PHE B 36 8.21 20.31 -2.34
N SER B 37 8.54 20.15 -1.07
CA SER B 37 9.18 21.19 -0.29
C SER B 37 10.49 21.62 -0.94
N LYS B 38 11.22 20.65 -1.47
CA LYS B 38 12.49 20.91 -2.13
C LYS B 38 12.29 21.30 -3.59
N GLN B 39 11.23 20.77 -4.19
CA GLN B 39 10.92 21.07 -5.59
C GLN B 39 9.98 22.26 -5.70
N GLN B 40 9.86 23.02 -4.61
CA GLN B 40 8.99 24.19 -4.59
C GLN B 40 9.51 25.27 -5.53
N ARG B 41 8.68 26.28 -5.78
CA ARG B 41 9.04 27.37 -6.67
C ARG B 41 9.45 28.60 -5.88
N ILE B 42 10.74 28.94 -5.92
CA ILE B 42 11.25 30.09 -5.20
C ILE B 42 10.83 31.39 -5.89
N LYS B 43 11.35 31.63 -7.08
CA LYS B 43 11.02 32.82 -7.84
C LYS B 43 10.22 32.48 -9.08
N GLY A 1 1.12 -36.46 12.36
CA GLY A 1 1.66 -35.64 11.29
C GLY A 1 2.59 -34.55 11.81
N SER A 2 3.89 -34.79 11.69
CA SER A 2 4.88 -33.82 12.16
C SER A 2 4.90 -32.59 11.26
N MET A 3 5.05 -32.81 9.96
CA MET A 3 5.08 -31.72 9.00
C MET A 3 3.85 -31.74 8.10
N SER A 4 3.20 -30.59 7.96
CA SER A 4 2.01 -30.48 7.13
C SER A 4 2.21 -29.46 6.01
N GLN A 5 1.36 -29.55 4.99
CA GLN A 5 1.45 -28.63 3.85
C GLN A 5 0.12 -27.93 3.63
N PHE A 6 0.08 -26.64 3.95
CA PHE A 6 -1.14 -25.84 3.78
C PHE A 6 -1.46 -25.66 2.29
N THR A 7 -2.75 -25.52 1.99
CA THR A 7 -3.19 -25.34 0.62
C THR A 7 -3.88 -23.99 0.44
N CYS A 8 -3.18 -23.06 -0.20
CA CYS A 8 -3.72 -21.72 -0.44
C CYS A 8 -4.88 -21.78 -1.42
N GLU A 9 -6.08 -21.48 -0.93
CA GLU A 9 -7.28 -21.50 -1.77
C GLU A 9 -7.24 -20.37 -2.80
N GLU A 10 -6.96 -19.16 -2.33
CA GLU A 10 -6.89 -18.00 -3.21
C GLU A 10 -5.83 -18.19 -4.29
N ASP A 11 -4.74 -18.86 -3.92
CA ASP A 11 -3.65 -19.11 -4.86
C ASP A 11 -3.02 -17.80 -5.33
N PHE A 12 -2.75 -16.92 -4.38
CA PHE A 12 -2.14 -15.63 -4.69
C PHE A 12 -0.69 -15.79 -5.12
N TYR A 13 -0.37 -15.32 -6.32
CA TYR A 13 0.99 -15.43 -6.84
C TYR A 13 1.93 -14.49 -6.10
N PHE A 14 3.22 -14.75 -6.22
CA PHE A 14 4.23 -13.93 -5.55
C PHE A 14 5.18 -13.31 -6.57
N PRO A 15 5.86 -12.23 -6.17
CA PRO A 15 5.71 -11.65 -4.82
C PRO A 15 4.35 -11.01 -4.62
N TRP A 16 3.77 -11.22 -3.44
CA TRP A 16 2.46 -10.65 -3.11
C TRP A 16 2.61 -9.24 -2.54
N LEU A 17 3.68 -9.03 -1.79
CA LEU A 17 3.92 -7.73 -1.18
C LEU A 17 3.99 -6.63 -2.24
N LEU A 18 4.75 -6.88 -3.30
CA LEU A 18 4.90 -5.93 -4.38
C LEU A 18 3.54 -5.56 -4.97
N ILE A 19 2.64 -6.54 -5.04
CA ILE A 19 1.31 -6.31 -5.58
C ILE A 19 0.52 -5.36 -4.70
N ILE A 20 0.52 -5.63 -3.40
CA ILE A 20 -0.20 -4.79 -2.44
C ILE A 20 0.27 -3.33 -2.53
N ILE A 21 1.58 -3.14 -2.42
CA ILE A 21 2.15 -1.81 -2.48
C ILE A 21 1.94 -1.17 -3.85
N PHE A 22 1.99 -2.00 -4.89
CA PHE A 22 1.79 -1.52 -6.25
C PHE A 22 0.42 -0.87 -6.42
N GLY A 23 -0.60 -1.53 -5.87
CA GLY A 23 -1.95 -0.99 -5.96
C GLY A 23 -2.14 0.26 -5.12
N ILE A 24 -1.76 0.18 -3.85
CA ILE A 24 -1.90 1.31 -2.94
C ILE A 24 -1.14 2.52 -3.46
N PHE A 25 0.13 2.32 -3.79
CA PHE A 25 0.98 3.40 -4.30
C PHE A 25 0.33 4.05 -5.52
N GLY A 26 -0.07 3.24 -6.49
CA GLY A 26 -0.69 3.76 -7.69
C GLY A 26 -1.88 4.65 -7.39
N LEU A 27 -2.69 4.23 -6.42
CA LEU A 27 -3.88 4.99 -6.02
C LEU A 27 -3.49 6.24 -5.25
N THR A 28 -2.48 6.12 -4.39
CA THR A 28 -2.02 7.24 -3.60
C THR A 28 -1.54 8.39 -4.48
N VAL A 29 -0.62 8.07 -5.39
CA VAL A 29 -0.07 9.08 -6.30
C VAL A 29 -1.16 9.63 -7.22
N MET A 30 -1.96 8.73 -7.78
CA MET A 30 -3.03 9.12 -8.69
C MET A 30 -4.03 10.03 -7.98
N LEU A 31 -4.32 9.72 -6.72
CA LEU A 31 -5.26 10.50 -5.93
C LEU A 31 -4.64 11.84 -5.51
N PHE A 32 -3.39 11.79 -5.06
CA PHE A 32 -2.68 13.00 -4.63
C PHE A 32 -2.68 14.05 -5.74
N VAL A 33 -2.43 13.60 -6.96
CA VAL A 33 -2.40 14.49 -8.11
C VAL A 33 -3.80 14.95 -8.49
N PHE A 34 -4.75 14.02 -8.43
CA PHE A 34 -6.13 14.33 -8.78
C PHE A 34 -6.72 15.37 -7.81
N LEU A 35 -6.37 15.24 -6.53
CA LEU A 35 -6.86 16.16 -5.51
C LEU A 35 -6.24 17.54 -5.70
N PHE A 36 -4.92 17.58 -5.85
CA PHE A 36 -4.22 18.85 -6.03
C PHE A 36 -4.73 19.59 -7.25
N SER A 37 -5.08 18.83 -8.30
CA SER A 37 -5.58 19.42 -9.53
C SER A 37 -6.90 20.13 -9.29
N LYS A 38 -7.73 19.57 -8.42
CA LYS A 38 -9.03 20.15 -8.10
C LYS A 38 -8.87 21.42 -7.27
N GLN A 39 -7.80 21.46 -6.47
CA GLN A 39 -7.54 22.63 -5.63
C GLN A 39 -6.96 23.77 -6.44
N GLN A 40 -6.29 23.43 -7.55
CA GLN A 40 -5.70 24.44 -8.42
C GLN A 40 -6.74 25.02 -9.36
N ARG A 41 -7.23 24.20 -10.29
CA ARG A 41 -8.23 24.64 -11.25
C ARG A 41 -9.63 24.63 -10.63
N ILE A 42 -10.38 25.71 -10.88
CA ILE A 42 -11.73 25.83 -10.34
C ILE A 42 -12.62 24.70 -10.84
N LYS A 43 -12.40 24.29 -12.09
CA LYS A 43 -13.19 23.22 -12.69
C LYS A 43 -12.95 21.90 -11.97
N GLY B 1 -15.85 -19.50 23.31
CA GLY B 1 -15.78 -18.06 23.40
C GLY B 1 -16.75 -17.50 24.42
N SER B 2 -16.51 -17.80 25.69
CA SER B 2 -17.38 -17.33 26.77
C SER B 2 -17.28 -15.81 26.92
N MET B 3 -16.05 -15.31 26.95
CA MET B 3 -15.81 -13.88 27.09
C MET B 3 -16.45 -13.11 25.93
N SER B 4 -16.63 -11.81 26.12
CA SER B 4 -17.23 -10.97 25.09
C SER B 4 -16.16 -10.41 24.15
N GLN B 5 -15.16 -9.75 24.72
CA GLN B 5 -14.07 -9.18 23.94
C GLN B 5 -12.84 -10.08 23.96
N PHE B 6 -12.28 -10.32 22.78
CA PHE B 6 -11.10 -11.17 22.67
C PHE B 6 -9.99 -10.69 23.61
N THR B 7 -9.02 -11.56 23.85
CA THR B 7 -7.90 -11.22 24.73
C THR B 7 -6.57 -11.29 23.98
N CYS B 8 -5.62 -10.49 24.43
CA CYS B 8 -4.30 -10.45 23.79
C CYS B 8 -3.69 -11.84 23.73
N GLU B 9 -3.93 -12.64 24.76
CA GLU B 9 -3.40 -14.00 24.83
C GLU B 9 -3.78 -14.78 23.58
N GLU B 10 -4.98 -14.54 23.07
CA GLU B 10 -5.47 -15.23 21.88
C GLU B 10 -4.84 -14.64 20.62
N ASP B 11 -4.62 -13.32 20.64
CA ASP B 11 -4.04 -12.63 19.50
C ASP B 11 -4.85 -12.87 18.24
N PHE B 12 -6.11 -12.46 18.27
CA PHE B 12 -7.00 -12.63 17.12
C PHE B 12 -6.89 -11.44 16.17
N TYR B 13 -7.25 -10.26 16.64
CA TYR B 13 -7.20 -9.06 15.82
C TYR B 13 -5.75 -8.72 15.44
N PHE B 14 -5.48 -8.77 14.15
CA PHE B 14 -4.13 -8.48 13.65
C PHE B 14 -4.13 -8.39 12.12
N PRO B 15 -4.74 -7.33 11.60
CA PRO B 15 -4.82 -7.09 10.15
C PRO B 15 -3.48 -6.73 9.54
N TRP B 16 -2.70 -7.75 9.17
CA TRP B 16 -1.39 -7.54 8.58
C TRP B 16 -1.47 -6.57 7.40
N LEU B 17 -2.56 -6.64 6.66
CA LEU B 17 -2.76 -5.77 5.50
C LEU B 17 -2.72 -4.31 5.92
N LEU B 18 -3.47 -3.97 6.97
CA LEU B 18 -3.51 -2.60 7.46
C LEU B 18 -2.12 -2.11 7.83
N ILE B 19 -1.31 -3.02 8.37
CA ILE B 19 0.06 -2.69 8.78
C ILE B 19 0.90 -2.29 7.57
N ILE B 20 0.88 -3.13 6.54
CA ILE B 20 1.64 -2.87 5.32
C ILE B 20 1.26 -1.53 4.71
N ILE B 21 -0.04 -1.34 4.49
CA ILE B 21 -0.54 -0.10 3.90
C ILE B 21 -0.25 1.09 4.81
N PHE B 22 -0.33 0.86 6.11
CA PHE B 22 -0.08 1.91 7.09
C PHE B 22 1.34 2.46 6.95
N GLY B 23 2.31 1.56 6.79
CA GLY B 23 3.69 1.97 6.64
C GLY B 23 3.96 2.66 5.32
N ILE B 24 3.56 2.00 4.23
CA ILE B 24 3.75 2.56 2.89
C ILE B 24 3.10 3.92 2.76
N PHE B 25 1.82 3.99 3.13
CA PHE B 25 1.07 5.25 3.06
C PHE B 25 1.79 6.36 3.82
N GLY B 26 2.15 6.07 5.07
CA GLY B 26 2.82 7.05 5.90
C GLY B 26 4.07 7.59 5.23
N LEU B 27 4.84 6.70 4.60
CA LEU B 27 6.07 7.10 3.91
C LEU B 27 5.76 7.86 2.63
N THR B 28 4.73 7.42 1.92
CA THR B 28 4.33 8.06 0.67
C THR B 28 3.96 9.52 0.90
N VAL B 29 3.03 9.75 1.83
CA VAL B 29 2.58 11.10 2.14
C VAL B 29 3.72 11.94 2.72
N MET B 30 4.46 11.36 3.66
CA MET B 30 5.59 12.04 4.28
C MET B 30 6.63 12.44 3.24
N LEU B 31 6.88 11.54 2.29
CA LEU B 31 7.85 11.80 1.23
C LEU B 31 7.32 12.81 0.23
N PHE B 32 6.07 12.64 -0.18
CA PHE B 32 5.45 13.55 -1.13
C PHE B 32 5.54 14.99 -0.65
N VAL B 33 5.28 15.21 0.63
CA VAL B 33 5.33 16.54 1.22
C VAL B 33 6.77 17.02 1.37
N PHE B 34 7.65 16.10 1.76
CA PHE B 34 9.06 16.43 1.95
C PHE B 34 9.70 16.85 0.62
N LEU B 35 9.32 16.16 -0.45
CA LEU B 35 9.85 16.45 -1.78
C LEU B 35 9.34 17.79 -2.29
N PHE B 36 8.03 18.01 -2.19
CA PHE B 36 7.43 19.24 -2.64
C PHE B 36 8.02 20.44 -1.90
N SER B 37 8.32 20.24 -0.62
CA SER B 37 8.90 21.30 0.19
C SER B 37 10.27 21.72 -0.33
N LYS B 38 11.03 20.76 -0.83
CA LYS B 38 12.36 21.02 -1.36
C LYS B 38 12.27 21.70 -2.73
N GLN B 39 11.20 21.39 -3.46
CA GLN B 39 10.99 21.98 -4.78
C GLN B 39 10.12 23.23 -4.69
N GLN B 40 9.97 23.76 -3.48
CA GLN B 40 9.16 24.95 -3.26
C GLN B 40 10.00 26.21 -3.40
N ARG B 41 11.19 26.21 -2.80
CA ARG B 41 12.08 27.35 -2.86
C ARG B 41 13.53 26.90 -3.02
N ILE B 42 14.11 27.21 -4.18
CA ILE B 42 15.49 26.83 -4.45
C ILE B 42 16.46 27.96 -4.08
N LYS B 43 17.37 27.67 -3.16
CA LYS B 43 18.35 28.66 -2.72
C LYS B 43 19.19 29.14 -3.89
N GLY A 1 -11.67 -30.38 11.76
CA GLY A 1 -11.36 -28.97 11.83
C GLY A 1 -11.02 -28.38 10.48
N SER A 2 -10.78 -27.07 10.44
CA SER A 2 -10.45 -26.38 9.20
C SER A 2 -9.03 -26.71 8.76
N MET A 3 -8.87 -27.07 7.50
CA MET A 3 -7.56 -27.40 6.96
C MET A 3 -7.24 -26.54 5.74
N SER A 4 -5.95 -26.48 5.38
CA SER A 4 -5.51 -25.68 4.25
C SER A 4 -4.82 -26.56 3.20
N GLN A 5 -5.29 -26.48 1.96
CA GLN A 5 -4.72 -27.26 0.88
C GLN A 5 -3.26 -26.91 0.67
N PHE A 6 -2.44 -27.92 0.40
CA PHE A 6 -1.02 -27.72 0.18
C PHE A 6 -0.76 -27.04 -1.17
N THR A 7 -1.46 -27.50 -2.20
CA THR A 7 -1.32 -26.94 -3.53
C THR A 7 -2.33 -25.83 -3.78
N CYS A 8 -2.17 -25.12 -4.88
CA CYS A 8 -3.08 -24.03 -5.23
C CYS A 8 -3.53 -24.14 -6.68
N GLU A 9 -4.82 -23.94 -6.91
CA GLU A 9 -5.38 -24.03 -8.26
C GLU A 9 -5.55 -22.63 -8.87
N GLU A 10 -5.87 -21.66 -8.01
CA GLU A 10 -6.06 -20.29 -8.47
C GLU A 10 -4.81 -19.77 -9.16
N ASP A 11 -3.65 -20.19 -8.67
CA ASP A 11 -2.37 -19.76 -9.25
C ASP A 11 -2.24 -18.25 -9.20
N PHE A 12 -2.29 -17.69 -7.99
CA PHE A 12 -2.17 -16.26 -7.80
C PHE A 12 -0.83 -15.75 -8.30
N TYR A 13 -0.84 -14.58 -8.94
CA TYR A 13 0.38 -13.99 -9.47
C TYR A 13 1.32 -13.56 -8.34
N PHE A 14 2.61 -13.83 -8.52
CA PHE A 14 3.60 -13.48 -7.52
C PHE A 14 4.76 -12.71 -8.15
N PRO A 15 5.50 -11.97 -7.32
CA PRO A 15 5.23 -11.88 -5.88
C PRO A 15 3.95 -11.11 -5.58
N TRP A 16 3.40 -11.34 -4.39
CA TRP A 16 2.17 -10.67 -3.99
C TRP A 16 2.48 -9.33 -3.33
N LEU A 17 3.59 -9.26 -2.62
CA LEU A 17 4.00 -8.02 -1.94
C LEU A 17 4.12 -6.88 -2.94
N LEU A 18 4.83 -7.12 -4.04
CA LEU A 18 5.02 -6.11 -5.07
C LEU A 18 3.67 -5.64 -5.63
N ILE A 19 2.72 -6.56 -5.73
CA ILE A 19 1.39 -6.23 -6.24
C ILE A 19 0.67 -5.26 -5.31
N ILE A 20 0.80 -5.49 -4.00
CA ILE A 20 0.16 -4.64 -3.01
C ILE A 20 0.84 -3.28 -2.94
N ILE A 21 2.17 -3.29 -2.78
CA ILE A 21 2.93 -2.05 -2.70
C ILE A 21 2.74 -1.20 -3.95
N PHE A 22 2.83 -1.84 -5.11
CA PHE A 22 2.67 -1.15 -6.38
C PHE A 22 1.25 -0.61 -6.54
N GLY A 23 0.28 -1.38 -6.04
CA GLY A 23 -1.11 -0.97 -6.13
C GLY A 23 -1.41 0.24 -5.26
N ILE A 24 -1.02 0.15 -3.99
CA ILE A 24 -1.25 1.25 -3.05
C ILE A 24 -0.43 2.48 -3.41
N PHE A 25 0.85 2.26 -3.68
CA PHE A 25 1.74 3.36 -4.04
C PHE A 25 1.18 4.15 -5.23
N GLY A 26 0.79 3.43 -6.28
CA GLY A 26 0.25 4.09 -7.45
C GLY A 26 -1.04 4.83 -7.15
N LEU A 27 -1.93 4.19 -6.39
CA LEU A 27 -3.21 4.80 -6.04
C LEU A 27 -3.00 6.07 -5.23
N THR A 28 -2.15 5.99 -4.20
CA THR A 28 -1.87 7.14 -3.35
C THR A 28 -1.39 8.32 -4.18
N VAL A 29 -0.44 8.08 -5.06
CA VAL A 29 0.11 9.13 -5.91
C VAL A 29 -0.97 9.72 -6.83
N MET A 30 -1.78 8.84 -7.40
CA MET A 30 -2.85 9.26 -8.30
C MET A 30 -3.88 10.11 -7.54
N LEU A 31 -4.22 9.69 -6.33
CA LEU A 31 -5.19 10.42 -5.52
C LEU A 31 -4.63 11.77 -5.08
N PHE A 32 -3.35 11.79 -4.74
CA PHE A 32 -2.68 13.03 -4.32
C PHE A 32 -2.67 14.05 -5.45
N VAL A 33 -2.33 13.59 -6.65
CA VAL A 33 -2.28 14.47 -7.81
C VAL A 33 -3.66 15.00 -8.17
N PHE A 34 -4.68 14.15 -8.05
CA PHE A 34 -6.04 14.55 -8.36
C PHE A 34 -6.57 15.54 -7.33
N LEU A 35 -6.46 15.19 -6.05
CA LEU A 35 -6.91 16.06 -4.97
C LEU A 35 -6.23 17.42 -5.05
N PHE A 36 -4.92 17.42 -5.29
CA PHE A 36 -4.16 18.65 -5.39
C PHE A 36 -4.63 19.49 -6.58
N SER A 37 -4.98 18.82 -7.67
CA SER A 37 -5.44 19.50 -8.87
C SER A 37 -6.76 20.22 -8.63
N LYS A 38 -7.63 19.59 -7.83
CA LYS A 38 -8.92 20.18 -7.51
C LYS A 38 -8.76 21.41 -6.63
N GLN A 39 -7.71 21.42 -5.82
CA GLN A 39 -7.44 22.54 -4.92
C GLN A 39 -6.83 23.71 -5.68
N GLN A 40 -6.16 23.40 -6.79
CA GLN A 40 -5.53 24.43 -7.61
C GLN A 40 -6.58 25.31 -8.28
N ARG A 41 -6.51 26.61 -8.03
CA ARG A 41 -7.46 27.56 -8.60
C ARG A 41 -6.73 28.60 -9.45
N ILE A 42 -7.42 29.11 -10.47
CA ILE A 42 -6.84 30.12 -11.35
C ILE A 42 -7.71 31.37 -11.41
N LYS A 43 -7.07 32.53 -11.51
CA LYS A 43 -7.79 33.80 -11.58
C LYS A 43 -8.35 34.02 -12.98
N GLY B 1 -20.21 -24.11 4.85
CA GLY B 1 -21.04 -24.15 6.02
C GLY B 1 -22.27 -23.27 5.88
N SER B 2 -23.36 -23.66 6.54
CA SER B 2 -24.60 -22.90 6.49
C SER B 2 -24.41 -21.49 7.04
N MET B 3 -24.06 -21.40 8.31
CA MET B 3 -23.85 -20.12 8.96
C MET B 3 -22.45 -20.04 9.57
N SER B 4 -21.83 -18.87 9.47
CA SER B 4 -20.49 -18.67 10.00
C SER B 4 -20.53 -17.91 11.32
N GLN B 5 -20.38 -18.62 12.43
CA GLN B 5 -20.41 -18.01 13.75
C GLN B 5 -19.09 -18.24 14.48
N PHE B 6 -18.34 -17.17 14.70
CA PHE B 6 -17.06 -17.26 15.40
C PHE B 6 -16.93 -16.15 16.43
N THR B 7 -16.48 -16.53 17.63
CA THR B 7 -16.31 -15.57 18.72
C THR B 7 -14.99 -14.81 18.58
N CYS B 8 -15.07 -13.48 18.62
CA CYS B 8 -13.88 -12.65 18.50
C CYS B 8 -13.85 -11.59 19.60
N GLU B 9 -12.65 -11.36 20.15
CA GLU B 9 -12.49 -10.37 21.22
C GLU B 9 -11.98 -9.04 20.66
N GLU B 10 -10.90 -9.11 19.90
CA GLU B 10 -10.30 -7.91 19.31
C GLU B 10 -11.16 -7.40 18.15
N ASP B 11 -11.77 -8.32 17.42
CA ASP B 11 -12.62 -7.96 16.29
C ASP B 11 -11.82 -7.21 15.22
N PHE B 12 -10.90 -7.93 14.59
CA PHE B 12 -10.07 -7.33 13.55
C PHE B 12 -9.62 -8.39 12.54
N TYR B 13 -10.14 -8.29 11.32
CA TYR B 13 -9.81 -9.24 10.26
C TYR B 13 -8.58 -8.77 9.49
N PHE B 14 -7.53 -9.59 9.50
CA PHE B 14 -6.30 -9.27 8.80
C PHE B 14 -5.68 -7.98 9.33
N PRO B 15 -5.12 -8.04 10.55
CA PRO B 15 -4.49 -6.89 11.19
C PRO B 15 -3.20 -6.46 10.51
N TRP B 16 -2.42 -7.44 10.08
CA TRP B 16 -1.15 -7.16 9.41
C TRP B 16 -1.37 -6.27 8.19
N LEU B 17 -2.49 -6.47 7.50
CA LEU B 17 -2.82 -5.68 6.32
C LEU B 17 -2.84 -4.19 6.66
N LEU B 18 -3.53 -3.83 7.73
CA LEU B 18 -3.63 -2.44 8.16
C LEU B 18 -2.25 -1.87 8.44
N ILE B 19 -1.37 -2.70 8.99
CA ILE B 19 -0.01 -2.27 9.30
C ILE B 19 0.77 -1.91 8.04
N ILE B 20 0.60 -2.71 7.00
CA ILE B 20 1.27 -2.48 5.73
C ILE B 20 0.69 -1.26 5.02
N ILE B 21 -0.62 -1.25 4.85
CA ILE B 21 -1.30 -0.15 4.18
C ILE B 21 -1.02 1.17 4.89
N PHE B 22 -1.14 1.17 6.21
CA PHE B 22 -0.90 2.36 7.01
C PHE B 22 0.56 2.80 6.91
N GLY B 23 1.46 1.83 6.86
CA GLY B 23 2.88 2.12 6.76
C GLY B 23 3.25 2.75 5.42
N ILE B 24 2.83 2.11 4.34
CA ILE B 24 3.12 2.60 3.01
C ILE B 24 2.40 3.91 2.73
N PHE B 25 1.12 3.95 3.04
CA PHE B 25 0.31 5.14 2.83
C PHE B 25 0.95 6.35 3.50
N GLY B 26 1.30 6.20 4.77
CA GLY B 26 1.92 7.29 5.51
C GLY B 26 3.26 7.70 4.93
N LEU B 27 4.07 6.72 4.58
CA LEU B 27 5.38 6.99 3.99
C LEU B 27 5.25 7.74 2.68
N THR B 28 4.39 7.25 1.80
CA THR B 28 4.17 7.87 0.50
C THR B 28 3.80 9.34 0.65
N VAL B 29 2.84 9.61 1.53
CA VAL B 29 2.40 10.99 1.77
C VAL B 29 3.53 11.85 2.32
N MET B 30 4.28 11.28 3.26
CA MET B 30 5.40 12.00 3.86
C MET B 30 6.47 12.32 2.83
N LEU B 31 6.76 11.36 1.96
CA LEU B 31 7.76 11.53 0.91
C LEU B 31 7.29 12.56 -0.11
N PHE B 32 6.01 12.52 -0.46
CA PHE B 32 5.44 13.44 -1.42
C PHE B 32 5.52 14.88 -0.91
N VAL B 33 5.18 15.06 0.36
CA VAL B 33 5.21 16.39 0.97
C VAL B 33 6.63 16.93 1.05
N PHE B 34 7.57 16.04 1.36
CA PHE B 34 8.97 16.43 1.48
C PHE B 34 9.55 16.79 0.12
N LEU B 35 9.39 15.89 -0.85
CA LEU B 35 9.89 16.10 -2.19
C LEU B 35 9.32 17.39 -2.79
N PHE B 36 8.02 17.59 -2.60
CA PHE B 36 7.35 18.78 -3.11
C PHE B 36 7.89 20.04 -2.45
N SER B 37 8.21 19.94 -1.17
CA SER B 37 8.75 21.07 -0.42
C SER B 37 10.11 21.49 -0.96
N LYS B 38 10.91 20.50 -1.35
CA LYS B 38 12.25 20.76 -1.88
C LYS B 38 12.16 21.26 -3.33
N GLN B 39 11.14 20.82 -4.04
CA GLN B 39 10.96 21.22 -5.43
C GLN B 39 10.03 22.42 -5.53
N GLN B 40 9.79 23.08 -4.40
CA GLN B 40 8.93 24.25 -4.35
C GLN B 40 9.56 25.42 -5.10
N ARG B 41 8.71 26.34 -5.56
CA ARG B 41 9.18 27.50 -6.31
C ARG B 41 8.53 28.78 -5.77
N ILE B 42 9.35 29.73 -5.34
CA ILE B 42 8.86 30.99 -4.82
C ILE B 42 9.43 32.17 -5.59
N LYS B 43 8.56 33.08 -6.02
CA LYS B 43 8.98 34.26 -6.76
C LYS B 43 10.07 35.02 -6.00
N GLY A 1 3.36 -41.60 -1.42
CA GLY A 1 2.58 -40.76 -2.31
C GLY A 1 3.37 -39.58 -2.85
N SER A 2 3.08 -39.21 -4.09
CA SER A 2 3.79 -38.09 -4.72
C SER A 2 2.80 -37.09 -5.32
N MET A 3 3.23 -35.85 -5.47
CA MET A 3 2.39 -34.80 -6.02
C MET A 3 3.20 -33.85 -6.89
N SER A 4 2.61 -33.42 -8.00
CA SER A 4 3.28 -32.51 -8.92
C SER A 4 3.00 -31.06 -8.55
N GLN A 5 3.65 -30.13 -9.25
CA GLN A 5 3.48 -28.71 -8.99
C GLN A 5 3.86 -27.89 -10.21
N PHE A 6 3.31 -26.68 -10.31
CA PHE A 6 3.59 -25.79 -11.42
C PHE A 6 3.11 -24.38 -11.13
N THR A 7 3.67 -23.41 -11.85
CA THR A 7 3.30 -22.00 -11.67
C THR A 7 1.87 -21.76 -12.10
N CYS A 8 1.26 -20.72 -11.54
CA CYS A 8 -0.12 -20.37 -11.88
C CYS A 8 -0.27 -20.10 -13.37
N GLU A 9 -1.50 -19.82 -13.79
CA GLU A 9 -1.77 -19.54 -15.20
C GLU A 9 -1.57 -18.07 -15.52
N GLU A 10 -1.97 -17.20 -14.59
CA GLU A 10 -1.84 -15.76 -14.77
C GLU A 10 -0.55 -15.25 -14.13
N ASP A 11 -0.17 -15.86 -13.01
CA ASP A 11 1.05 -15.46 -12.30
C ASP A 11 0.99 -13.98 -11.90
N PHE A 12 -0.04 -13.63 -11.14
CA PHE A 12 -0.21 -12.26 -10.69
C PHE A 12 0.62 -11.97 -9.44
N TYR A 13 0.24 -12.61 -8.33
CA TYR A 13 0.95 -12.43 -7.07
C TYR A 13 2.19 -13.30 -7.02
N PHE A 14 2.81 -13.38 -5.85
CA PHE A 14 4.02 -14.18 -5.66
C PHE A 14 5.12 -13.73 -6.62
N PRO A 15 5.89 -12.72 -6.19
CA PRO A 15 5.70 -12.07 -4.88
C PRO A 15 4.42 -11.25 -4.83
N TRP A 16 3.69 -11.36 -3.72
CA TRP A 16 2.44 -10.62 -3.55
C TRP A 16 2.71 -9.24 -2.97
N LEU A 17 3.74 -9.13 -2.14
CA LEU A 17 4.10 -7.86 -1.52
C LEU A 17 4.34 -6.79 -2.57
N LEU A 18 5.04 -7.16 -3.64
CA LEU A 18 5.33 -6.23 -4.72
C LEU A 18 4.05 -5.61 -5.28
N ILE A 19 3.00 -6.42 -5.35
CA ILE A 19 1.71 -5.96 -5.86
C ILE A 19 1.01 -5.04 -4.85
N ILE A 20 1.16 -5.36 -3.57
CA ILE A 20 0.56 -4.58 -2.52
C ILE A 20 1.07 -3.13 -2.54
N ILE A 21 2.39 -2.99 -2.51
CA ILE A 21 3.01 -1.66 -2.53
C ILE A 21 2.82 -1.00 -3.89
N PHE A 22 2.85 -1.79 -4.95
CA PHE A 22 2.69 -1.27 -6.30
C PHE A 22 1.33 -0.59 -6.46
N GLY A 23 0.29 -1.23 -5.95
CA GLY A 23 -1.05 -0.67 -6.05
C GLY A 23 -1.22 0.55 -5.17
N ILE A 24 -0.85 0.44 -3.90
CA ILE A 24 -0.97 1.54 -2.96
C ILE A 24 -0.14 2.74 -3.41
N PHE A 25 1.13 2.49 -3.71
CA PHE A 25 2.03 3.56 -4.16
C PHE A 25 1.43 4.30 -5.35
N GLY A 26 1.03 3.55 -6.37
CA GLY A 26 0.45 4.16 -7.56
C GLY A 26 -0.86 4.87 -7.26
N LEU A 27 -1.74 4.20 -6.51
CA LEU A 27 -3.02 4.78 -6.16
C LEU A 27 -2.86 6.08 -5.40
N THR A 28 -1.91 6.10 -4.46
CA THR A 28 -1.65 7.28 -3.65
C THR A 28 -1.18 8.44 -4.53
N VAL A 29 -0.33 8.13 -5.51
CA VAL A 29 0.18 9.16 -6.41
C VAL A 29 -0.94 9.81 -7.20
N MET A 30 -1.78 8.99 -7.82
CA MET A 30 -2.90 9.50 -8.60
C MET A 30 -3.94 10.17 -7.71
N LEU A 31 -4.15 9.60 -6.53
CA LEU A 31 -5.12 10.14 -5.58
C LEU A 31 -4.68 11.51 -5.08
N PHE A 32 -3.43 11.60 -4.64
CA PHE A 32 -2.88 12.85 -4.14
C PHE A 32 -2.98 13.96 -5.18
N VAL A 33 -2.49 13.67 -6.38
CA VAL A 33 -2.53 14.63 -7.47
C VAL A 33 -3.96 15.09 -7.77
N PHE A 34 -4.90 14.17 -7.62
CA PHE A 34 -6.31 14.47 -7.87
C PHE A 34 -6.88 15.33 -6.74
N LEU A 35 -6.59 14.95 -5.51
CA LEU A 35 -7.07 15.68 -4.35
C LEU A 35 -6.58 17.13 -4.37
N PHE A 36 -5.36 17.33 -4.86
CA PHE A 36 -4.78 18.67 -4.94
C PHE A 36 -5.32 19.42 -6.15
N SER A 37 -5.58 18.69 -7.23
CA SER A 37 -6.09 19.29 -8.45
C SER A 37 -7.45 19.95 -8.20
N LYS A 38 -8.26 19.32 -7.37
CA LYS A 38 -9.59 19.83 -7.05
C LYS A 38 -9.51 20.79 -5.86
N GLN A 39 -8.56 20.54 -4.97
CA GLN A 39 -8.39 21.38 -3.79
C GLN A 39 -7.93 22.78 -4.17
N GLN A 40 -7.24 22.87 -5.31
CA GLN A 40 -6.73 24.15 -5.79
C GLN A 40 -7.74 24.81 -6.73
N ARG A 41 -8.40 24.00 -7.55
CA ARG A 41 -9.38 24.50 -8.51
C ARG A 41 -10.42 25.37 -7.80
N ILE A 42 -10.37 26.67 -8.06
CA ILE A 42 -11.30 27.61 -7.46
C ILE A 42 -12.47 27.90 -8.40
N LYS A 43 -13.65 28.12 -7.81
CA LYS A 43 -14.84 28.41 -8.60
C LYS A 43 -15.33 29.83 -8.33
N GLY B 1 4.66 -34.09 23.88
CA GLY B 1 4.12 -33.27 22.82
C GLY B 1 3.84 -34.05 21.55
N SER B 2 2.56 -34.31 21.30
CA SER B 2 2.14 -35.07 20.12
C SER B 2 2.13 -34.17 18.88
N MET B 3 1.63 -32.96 19.04
CA MET B 3 1.57 -32.01 17.94
C MET B 3 1.74 -30.58 18.43
N SER B 4 2.20 -29.70 17.55
CA SER B 4 2.41 -28.31 17.90
C SER B 4 1.09 -27.58 18.06
N GLN B 5 1.15 -26.32 18.52
CA GLN B 5 -0.04 -25.52 18.72
C GLN B 5 -0.48 -24.86 17.41
N PHE B 6 0.48 -24.31 16.68
CA PHE B 6 0.20 -23.64 15.42
C PHE B 6 1.35 -23.80 14.44
N THR B 7 1.07 -24.35 13.26
CA THR B 7 2.09 -24.56 12.25
C THR B 7 2.78 -23.25 11.89
N CYS B 8 2.00 -22.24 11.56
CA CYS B 8 2.54 -20.93 11.20
C CYS B 8 2.78 -20.09 12.44
N GLU B 9 3.34 -18.90 12.23
CA GLU B 9 3.62 -17.99 13.34
C GLU B 9 2.46 -17.03 13.57
N GLU B 10 1.85 -16.57 12.49
CA GLU B 10 0.72 -15.65 12.58
C GLU B 10 -0.58 -16.33 12.15
N ASP B 11 -0.48 -17.23 11.17
CA ASP B 11 -1.64 -17.95 10.67
C ASP B 11 -2.84 -17.02 10.54
N PHE B 12 -2.59 -15.80 10.09
CA PHE B 12 -3.66 -14.82 9.92
C PHE B 12 -4.41 -14.60 11.23
N TYR B 13 -3.70 -14.13 12.25
CA TYR B 13 -4.30 -13.88 13.55
C TYR B 13 -4.69 -12.41 13.70
N PHE B 14 -3.81 -11.52 13.29
CA PHE B 14 -4.06 -10.09 13.37
C PHE B 14 -4.10 -9.46 11.98
N PRO B 15 -4.77 -8.30 11.87
CA PRO B 15 -4.90 -7.57 10.60
C PRO B 15 -3.57 -6.96 10.15
N TRP B 16 -2.74 -7.77 9.53
CA TRP B 16 -1.44 -7.31 9.04
C TRP B 16 -1.60 -6.33 7.89
N LEU B 17 -2.63 -6.55 7.06
CA LEU B 17 -2.91 -5.68 5.93
C LEU B 17 -3.07 -4.23 6.37
N LEU B 18 -3.71 -4.04 7.52
CA LEU B 18 -3.93 -2.70 8.06
C LEU B 18 -2.62 -1.95 8.20
N ILE B 19 -1.57 -2.66 8.64
CA ILE B 19 -0.27 -2.05 8.83
C ILE B 19 0.41 -1.79 7.49
N ILE B 20 0.27 -2.73 6.56
CA ILE B 20 0.86 -2.59 5.23
C ILE B 20 0.41 -1.29 4.56
N ILE B 21 -0.90 -1.07 4.55
CA ILE B 21 -1.46 0.14 3.93
C ILE B 21 -1.12 1.37 4.76
N PHE B 22 -1.18 1.23 6.08
CA PHE B 22 -0.88 2.34 6.98
C PHE B 22 0.55 2.83 6.79
N GLY B 23 1.47 1.88 6.61
CA GLY B 23 2.87 2.22 6.42
C GLY B 23 3.13 2.89 5.09
N ILE B 24 2.67 2.26 4.01
CA ILE B 24 2.86 2.80 2.67
C ILE B 24 2.14 4.14 2.52
N PHE B 25 0.86 4.16 2.87
CA PHE B 25 0.07 5.38 2.76
C PHE B 25 0.75 6.53 3.49
N GLY B 26 1.12 6.31 4.74
CA GLY B 26 1.78 7.35 5.52
C GLY B 26 3.12 7.73 4.94
N LEU B 27 3.94 6.74 4.61
CA LEU B 27 5.26 7.00 4.04
C LEU B 27 5.15 7.80 2.75
N THR B 28 4.16 7.45 1.92
CA THR B 28 3.96 8.16 0.66
C THR B 28 3.58 9.61 0.89
N VAL B 29 2.75 9.85 1.89
CA VAL B 29 2.32 11.20 2.21
C VAL B 29 3.49 12.08 2.61
N MET B 30 4.30 11.59 3.56
CA MET B 30 5.46 12.33 4.03
C MET B 30 6.52 12.42 2.94
N LEU B 31 6.67 11.34 2.18
CA LEU B 31 7.66 11.30 1.10
C LEU B 31 7.31 12.31 0.01
N PHE B 32 6.06 12.27 -0.45
CA PHE B 32 5.60 13.18 -1.48
C PHE B 32 5.80 14.63 -1.08
N VAL B 33 5.31 14.98 0.11
CA VAL B 33 5.44 16.33 0.62
C VAL B 33 6.90 16.76 0.69
N PHE B 34 7.77 15.81 1.03
CA PHE B 34 9.20 16.10 1.13
C PHE B 34 9.81 16.29 -0.26
N LEU B 35 9.46 15.39 -1.18
CA LEU B 35 9.98 15.46 -2.54
C LEU B 35 9.62 16.78 -3.20
N PHE B 36 8.42 17.27 -2.90
CA PHE B 36 7.94 18.53 -3.47
C PHE B 36 8.58 19.72 -2.75
N SER B 37 8.77 19.58 -1.45
CA SER B 37 9.36 20.64 -0.64
C SER B 37 10.77 20.97 -1.12
N LYS B 38 11.51 19.94 -1.51
CA LYS B 38 12.86 20.11 -2.00
C LYS B 38 12.87 20.74 -3.40
N GLN B 39 11.83 20.45 -4.17
CA GLN B 39 11.72 20.99 -5.52
C GLN B 39 11.47 22.49 -5.50
N GLN B 40 10.87 22.96 -4.42
CA GLN B 40 10.58 24.39 -4.26
C GLN B 40 10.54 24.78 -2.79
N ARG B 41 11.44 25.67 -2.39
CA ARG B 41 11.50 26.12 -1.01
C ARG B 41 11.98 27.57 -0.94
N ILE B 42 11.69 28.23 0.18
CA ILE B 42 12.09 29.62 0.37
C ILE B 42 13.61 29.76 0.45
N LYS B 43 14.15 30.72 -0.28
CA LYS B 43 15.59 30.96 -0.30
C LYS B 43 16.12 31.20 1.12
N GLY A 1 13.80 -30.66 -6.69
CA GLY A 1 15.10 -30.89 -6.09
C GLY A 1 15.03 -31.86 -4.93
N SER A 2 14.83 -31.33 -3.72
CA SER A 2 14.75 -32.16 -2.53
C SER A 2 13.33 -32.68 -2.32
N MET A 3 12.37 -31.78 -2.33
CA MET A 3 10.97 -32.14 -2.14
C MET A 3 10.22 -32.12 -3.48
N SER A 4 9.23 -32.98 -3.60
CA SER A 4 8.43 -33.07 -4.83
C SER A 4 7.88 -31.70 -5.21
N GLN A 5 7.42 -31.58 -6.44
CA GLN A 5 6.86 -30.32 -6.93
C GLN A 5 5.92 -30.56 -8.11
N PHE A 6 4.94 -29.68 -8.27
CA PHE A 6 3.98 -29.79 -9.35
C PHE A 6 3.45 -28.43 -9.76
N THR A 7 3.05 -28.31 -11.03
CA THR A 7 2.52 -27.04 -11.54
C THR A 7 1.19 -26.69 -10.88
N CYS A 8 0.85 -25.41 -10.90
CA CYS A 8 -0.41 -24.94 -10.31
C CYS A 8 -1.33 -24.36 -11.37
N GLU A 9 -2.42 -25.07 -11.65
CA GLU A 9 -3.38 -24.62 -12.65
C GLU A 9 -3.88 -23.21 -12.34
N GLU A 10 -4.08 -22.92 -11.05
CA GLU A 10 -4.54 -21.62 -10.62
C GLU A 10 -3.66 -20.51 -11.18
N ASP A 11 -2.36 -20.79 -11.29
CA ASP A 11 -1.41 -19.82 -11.81
C ASP A 11 -1.38 -18.57 -10.94
N PHE A 12 -1.13 -18.77 -9.64
CA PHE A 12 -1.07 -17.66 -8.69
C PHE A 12 -0.02 -16.64 -9.12
N TYR A 13 -0.13 -15.43 -8.58
CA TYR A 13 0.80 -14.37 -8.91
C TYR A 13 1.73 -14.07 -7.74
N PHE A 14 2.94 -13.60 -8.05
CA PHE A 14 3.92 -13.29 -7.01
C PHE A 14 5.09 -12.50 -7.61
N PRO A 15 5.82 -11.78 -6.74
CA PRO A 15 5.53 -11.74 -5.31
C PRO A 15 4.24 -10.99 -4.99
N TRP A 16 3.75 -11.12 -3.76
CA TRP A 16 2.53 -10.44 -3.35
C TRP A 16 2.83 -9.04 -2.84
N LEU A 17 3.97 -8.88 -2.19
CA LEU A 17 4.38 -7.58 -1.65
C LEU A 17 4.43 -6.53 -2.75
N LEU A 18 5.09 -6.87 -3.86
CA LEU A 18 5.20 -5.95 -4.98
C LEU A 18 3.83 -5.50 -5.46
N ILE A 19 2.86 -6.41 -5.41
CA ILE A 19 1.50 -6.11 -5.84
C ILE A 19 0.85 -5.09 -4.92
N ILE A 20 1.07 -5.25 -3.62
CA ILE A 20 0.50 -4.35 -2.63
C ILE A 20 1.20 -2.99 -2.66
N ILE A 21 2.53 -3.02 -2.54
CA ILE A 21 3.32 -1.79 -2.55
C ILE A 21 3.05 -0.99 -3.82
N PHE A 22 3.17 -1.63 -4.97
CA PHE A 22 2.94 -0.98 -6.24
C PHE A 22 1.49 -0.52 -6.38
N GLY A 23 0.57 -1.33 -5.84
CA GLY A 23 -0.83 -1.00 -5.90
C GLY A 23 -1.19 0.23 -5.09
N ILE A 24 -0.73 0.26 -3.84
CA ILE A 24 -1.00 1.39 -2.96
C ILE A 24 -0.21 2.61 -3.37
N PHE A 25 1.08 2.42 -3.65
CA PHE A 25 1.96 3.51 -4.06
C PHE A 25 1.36 4.25 -5.25
N GLY A 26 1.01 3.51 -6.29
CA GLY A 26 0.43 4.11 -7.47
C GLY A 26 -0.86 4.84 -7.18
N LEU A 27 -1.79 4.15 -6.52
CA LEU A 27 -3.09 4.73 -6.19
C LEU A 27 -2.91 6.01 -5.38
N THR A 28 -1.97 5.99 -4.44
CA THR A 28 -1.71 7.15 -3.60
C THR A 28 -1.20 8.33 -4.43
N VAL A 29 -0.41 8.03 -5.45
CA VAL A 29 0.12 9.07 -6.33
C VAL A 29 -0.99 9.76 -7.11
N MET A 30 -1.80 8.96 -7.79
CA MET A 30 -2.90 9.50 -8.59
C MET A 30 -3.96 10.12 -7.69
N LEU A 31 -4.17 9.53 -6.52
CA LEU A 31 -5.16 10.04 -5.57
C LEU A 31 -4.72 11.40 -5.01
N PHE A 32 -3.49 11.47 -4.54
CA PHE A 32 -2.96 12.70 -3.98
C PHE A 32 -3.03 13.83 -5.01
N VAL A 33 -2.53 13.57 -6.21
CA VAL A 33 -2.53 14.56 -7.28
C VAL A 33 -3.95 15.04 -7.58
N PHE A 34 -4.90 14.11 -7.52
CA PHE A 34 -6.29 14.43 -7.79
C PHE A 34 -6.85 15.38 -6.74
N LEU A 35 -6.64 15.04 -5.47
CA LEU A 35 -7.11 15.88 -4.37
C LEU A 35 -6.49 17.27 -4.42
N PHE A 36 -5.23 17.32 -4.83
CA PHE A 36 -4.51 18.60 -4.93
C PHE A 36 -5.04 19.42 -6.11
N SER A 37 -5.39 18.74 -7.18
CA SER A 37 -5.90 19.41 -8.38
C SER A 37 -7.18 20.16 -8.07
N LYS A 38 -7.99 19.60 -7.18
CA LYS A 38 -9.26 20.23 -6.80
C LYS A 38 -9.08 21.12 -5.57
N GLN A 39 -8.14 20.74 -4.72
CA GLN A 39 -7.86 21.51 -3.51
C GLN A 39 -6.76 22.53 -3.74
N GLN A 40 -6.47 22.80 -5.01
CA GLN A 40 -5.44 23.76 -5.38
C GLN A 40 -5.63 25.08 -4.63
N ARG A 41 -6.89 25.41 -4.36
CA ARG A 41 -7.21 26.66 -3.66
C ARG A 41 -6.51 26.71 -2.30
N ILE A 42 -6.00 27.89 -1.96
CA ILE A 42 -5.31 28.07 -0.69
C ILE A 42 -6.18 27.64 0.48
N LYS A 43 -7.47 27.91 0.38
CA LYS A 43 -8.42 27.54 1.43
C LYS A 43 -8.59 26.03 1.51
N GLY B 1 1.70 -32.98 20.76
CA GLY B 1 2.82 -33.64 20.11
C GLY B 1 3.78 -32.64 19.48
N SER B 2 4.97 -33.12 19.12
CA SER B 2 5.99 -32.26 18.52
C SER B 2 5.47 -31.65 17.21
N MET B 3 5.24 -30.35 17.23
CA MET B 3 4.74 -29.65 16.05
C MET B 3 5.71 -28.53 15.64
N SER B 4 6.08 -28.51 14.37
CA SER B 4 7.00 -27.49 13.85
C SER B 4 6.31 -26.13 13.77
N GLN B 5 7.08 -25.11 13.44
CA GLN B 5 6.54 -23.75 13.32
C GLN B 5 5.62 -23.64 12.11
N PHE B 6 4.72 -22.67 12.16
CA PHE B 6 3.76 -22.46 11.07
C PHE B 6 3.31 -20.99 11.03
N THR B 7 3.00 -20.51 9.83
CA THR B 7 2.55 -19.14 9.65
C THR B 7 1.06 -19.01 9.86
N CYS B 8 0.65 -18.05 10.69
CA CYS B 8 -0.76 -17.83 10.97
C CYS B 8 -1.43 -17.05 9.84
N GLU B 9 -2.37 -17.71 9.16
CA GLU B 9 -3.08 -17.08 8.06
C GLU B 9 -4.31 -16.34 8.56
N GLU B 10 -4.98 -16.91 9.56
CA GLU B 10 -6.17 -16.31 10.13
C GLU B 10 -5.89 -14.90 10.65
N ASP B 11 -4.68 -14.72 11.19
CA ASP B 11 -4.28 -13.42 11.72
C ASP B 11 -5.18 -13.01 12.88
N PHE B 12 -5.19 -13.80 13.94
CA PHE B 12 -6.01 -13.51 15.11
C PHE B 12 -5.40 -12.38 15.94
N TYR B 13 -4.08 -12.35 16.00
CA TYR B 13 -3.38 -11.33 16.76
C TYR B 13 -3.82 -9.93 16.34
N PHE B 14 -3.48 -9.56 15.10
CA PHE B 14 -3.85 -8.25 14.57
C PHE B 14 -3.83 -8.26 13.04
N PRO B 15 -4.52 -7.28 12.43
CA PRO B 15 -4.60 -7.16 10.98
C PRO B 15 -3.27 -6.73 10.37
N TRP B 16 -2.77 -7.53 9.43
CA TRP B 16 -1.50 -7.24 8.77
C TRP B 16 -1.71 -6.22 7.64
N LEU B 17 -2.85 -6.32 6.96
CA LEU B 17 -3.16 -5.42 5.86
C LEU B 17 -3.12 -3.96 6.32
N LEU B 18 -3.78 -3.69 7.45
CA LEU B 18 -3.82 -2.34 8.00
C LEU B 18 -2.40 -1.80 8.23
N ILE B 19 -1.50 -2.69 8.65
CA ILE B 19 -0.12 -2.31 8.90
C ILE B 19 0.59 -1.92 7.61
N ILE B 20 0.30 -2.67 6.54
CA ILE B 20 0.92 -2.41 5.25
C ILE B 20 0.34 -1.16 4.60
N ILE B 21 -0.99 -1.11 4.51
CA ILE B 21 -1.67 0.04 3.91
C ILE B 21 -1.31 1.32 4.65
N PHE B 22 -1.47 1.31 5.97
CA PHE B 22 -1.17 2.47 6.79
C PHE B 22 0.32 2.82 6.72
N GLY B 23 1.15 1.79 6.65
CA GLY B 23 2.59 2.01 6.58
C GLY B 23 3.01 2.67 5.28
N ILE B 24 2.56 2.14 4.16
CA ILE B 24 2.90 2.69 2.86
C ILE B 24 2.20 4.02 2.63
N PHE B 25 0.90 4.07 2.94
CA PHE B 25 0.13 5.28 2.77
C PHE B 25 0.79 6.47 3.47
N GLY B 26 1.11 6.28 4.74
CA GLY B 26 1.76 7.33 5.51
C GLY B 26 3.10 7.74 4.93
N LEU B 27 3.96 6.76 4.70
CA LEU B 27 5.29 7.02 4.15
C LEU B 27 5.18 7.77 2.83
N THR B 28 4.22 7.38 1.99
CA THR B 28 4.01 8.02 0.70
C THR B 28 3.61 9.48 0.87
N VAL B 29 2.83 9.76 1.92
CA VAL B 29 2.38 11.12 2.19
C VAL B 29 3.55 12.02 2.57
N MET B 30 4.32 11.59 3.55
CA MET B 30 5.48 12.35 4.02
C MET B 30 6.56 12.40 2.94
N LEU B 31 6.71 11.31 2.20
CA LEU B 31 7.70 11.23 1.15
C LEU B 31 7.37 12.18 0.01
N PHE B 32 6.13 12.12 -0.46
CA PHE B 32 5.68 12.98 -1.56
C PHE B 32 5.85 14.45 -1.19
N VAL B 33 5.36 14.82 -0.01
CA VAL B 33 5.46 16.20 0.46
C VAL B 33 6.91 16.66 0.52
N PHE B 34 7.79 15.75 0.92
CA PHE B 34 9.21 16.06 1.03
C PHE B 34 9.81 16.36 -0.34
N LEU B 35 9.55 15.47 -1.29
CA LEU B 35 10.06 15.64 -2.64
C LEU B 35 9.54 16.93 -3.28
N PHE B 36 8.29 17.28 -2.96
CA PHE B 36 7.69 18.49 -3.49
C PHE B 36 8.28 19.73 -2.84
N SER B 37 8.60 19.62 -1.55
CA SER B 37 9.17 20.73 -0.81
C SER B 37 10.52 21.15 -1.40
N LYS B 38 11.28 20.16 -1.86
CA LYS B 38 12.59 20.42 -2.46
C LYS B 38 12.45 21.11 -3.79
N GLN B 39 11.36 20.83 -4.50
CA GLN B 39 11.11 21.44 -5.80
C GLN B 39 10.81 22.93 -5.65
N GLN B 40 10.28 23.32 -4.50
CA GLN B 40 9.94 24.71 -4.24
C GLN B 40 11.00 25.37 -3.36
N ARG B 41 11.29 26.64 -3.63
CA ARG B 41 12.28 27.38 -2.88
C ARG B 41 11.69 28.69 -2.34
N ILE B 42 11.54 28.76 -1.02
CA ILE B 42 11.00 29.95 -0.38
C ILE B 42 9.61 30.27 -0.92
N LYS B 43 8.59 29.67 -0.32
CA LYS B 43 7.21 29.90 -0.75
C LYS B 43 6.35 30.33 0.44
N GLY A 1 36.87 4.11 -5.06
CA GLY A 1 37.15 2.68 -5.17
C GLY A 1 36.31 2.02 -6.24
N SER A 2 35.83 0.81 -5.95
CA SER A 2 35.02 0.06 -6.89
C SER A 2 33.54 0.12 -6.50
N MET A 3 32.66 -0.03 -7.49
CA MET A 3 31.23 -0.01 -7.25
C MET A 3 30.52 -1.09 -8.05
N SER A 4 29.23 -1.27 -7.79
CA SER A 4 28.44 -2.28 -8.48
C SER A 4 27.13 -1.69 -8.99
N GLN A 5 26.64 -2.19 -10.11
CA GLN A 5 25.40 -1.72 -10.70
C GLN A 5 24.34 -2.81 -10.68
N PHE A 6 24.75 -4.05 -10.92
CA PHE A 6 23.84 -5.18 -10.93
C PHE A 6 23.01 -5.23 -9.65
N THR A 7 21.70 -5.16 -9.79
CA THR A 7 20.80 -5.19 -8.65
C THR A 7 20.34 -6.61 -8.34
N CYS A 8 19.56 -7.19 -9.25
CA CYS A 8 19.06 -8.54 -9.08
C CYS A 8 19.35 -9.39 -10.32
N GLU A 9 18.92 -10.65 -10.27
CA GLU A 9 19.15 -11.56 -11.39
C GLU A 9 18.02 -11.46 -12.41
N GLU A 10 16.78 -11.53 -11.93
CA GLU A 10 15.62 -11.43 -12.80
C GLU A 10 14.84 -10.15 -12.55
N ASP A 11 14.81 -9.73 -11.29
CA ASP A 11 14.10 -8.51 -10.90
C ASP A 11 12.67 -8.53 -11.43
N PHE A 12 11.85 -9.41 -10.86
CA PHE A 12 10.45 -9.53 -11.28
C PHE A 12 9.53 -8.86 -10.27
N TYR A 13 8.23 -8.85 -10.57
CA TYR A 13 7.25 -8.22 -9.69
C TYR A 13 7.38 -8.75 -8.27
N PHE A 14 7.54 -10.06 -8.15
CA PHE A 14 7.67 -10.69 -6.83
C PHE A 14 8.77 -10.01 -6.01
N PRO A 15 8.70 -10.18 -4.68
CA PRO A 15 7.65 -10.97 -4.04
C PRO A 15 6.28 -10.29 -4.12
N TRP A 16 5.25 -10.98 -3.63
CA TRP A 16 3.90 -10.45 -3.65
C TRP A 16 3.84 -9.08 -2.98
N LEU A 17 4.71 -8.88 -1.98
CA LEU A 17 4.76 -7.61 -1.26
C LEU A 17 4.99 -6.45 -2.22
N LEU A 18 5.99 -6.60 -3.08
CA LEU A 18 6.32 -5.55 -4.05
C LEU A 18 5.10 -5.19 -4.90
N ILE A 19 4.25 -6.18 -5.16
CA ILE A 19 3.05 -5.98 -5.94
C ILE A 19 2.03 -5.13 -5.18
N ILE A 20 1.84 -5.44 -3.90
CA ILE A 20 0.90 -4.71 -3.07
C ILE A 20 1.29 -3.24 -2.97
N ILE A 21 2.53 -2.97 -2.57
CA ILE A 21 3.02 -1.61 -2.43
C ILE A 21 2.95 -0.87 -3.77
N PHE A 22 3.23 -1.59 -4.85
CA PHE A 22 3.20 -0.99 -6.19
C PHE A 22 1.82 -0.40 -6.49
N GLY A 23 0.78 -1.21 -6.26
CA GLY A 23 -0.57 -0.75 -6.51
C GLY A 23 -0.97 0.42 -5.64
N ILE A 24 -0.63 0.33 -4.35
CA ILE A 24 -0.95 1.39 -3.41
C ILE A 24 -0.21 2.68 -3.74
N PHE A 25 1.06 2.54 -4.11
CA PHE A 25 1.89 3.69 -4.46
C PHE A 25 1.27 4.47 -5.62
N GLY A 26 0.84 3.75 -6.65
CA GLY A 26 0.24 4.38 -7.80
C GLY A 26 -1.08 5.04 -7.48
N LEU A 27 -1.93 4.34 -6.73
CA LEU A 27 -3.23 4.86 -6.35
C LEU A 27 -3.09 6.07 -5.44
N THR A 28 -2.11 6.01 -4.54
CA THR A 28 -1.87 7.11 -3.61
C THR A 28 -1.52 8.40 -4.35
N VAL A 29 -0.56 8.31 -5.26
CA VAL A 29 -0.14 9.47 -6.03
C VAL A 29 -1.30 10.06 -6.81
N MET A 30 -2.08 9.20 -7.46
CA MET A 30 -3.23 9.64 -8.24
C MET A 30 -4.31 10.22 -7.34
N LEU A 31 -4.46 9.65 -6.15
CA LEU A 31 -5.45 10.11 -5.20
C LEU A 31 -5.05 11.45 -4.60
N PHE A 32 -3.75 11.64 -4.40
CA PHE A 32 -3.24 12.88 -3.84
C PHE A 32 -3.48 14.05 -4.79
N VAL A 33 -3.03 13.88 -6.04
CA VAL A 33 -3.20 14.92 -7.05
C VAL A 33 -4.68 15.20 -7.33
N PHE A 34 -5.48 14.14 -7.31
CA PHE A 34 -6.91 14.26 -7.56
C PHE A 34 -7.61 14.96 -6.40
N LEU A 35 -7.29 14.52 -5.18
CA LEU A 35 -7.89 15.11 -3.99
C LEU A 35 -7.67 16.62 -3.95
N PHE A 36 -6.47 17.05 -4.33
CA PHE A 36 -6.13 18.47 -4.34
C PHE A 36 -6.73 19.16 -5.57
N SER A 37 -6.86 18.41 -6.66
CA SER A 37 -7.40 18.94 -7.89
C SER A 37 -8.81 19.50 -7.67
N LYS A 38 -9.57 18.84 -6.79
CA LYS A 38 -10.93 19.28 -6.49
C LYS A 38 -10.93 20.65 -5.81
N GLN A 39 -9.86 20.94 -5.08
CA GLN A 39 -9.74 22.22 -4.39
C GLN A 39 -9.60 23.37 -5.38
N GLN A 40 -9.08 23.06 -6.56
CA GLN A 40 -8.89 24.07 -7.59
C GLN A 40 -8.13 25.28 -7.05
N ARG A 41 -6.84 25.10 -6.81
CA ARG A 41 -6.00 26.16 -6.28
C ARG A 41 -5.13 26.77 -7.39
N ILE A 42 -5.36 28.04 -7.67
CA ILE A 42 -4.60 28.74 -8.71
C ILE A 42 -3.17 29.02 -8.25
N LYS A 43 -2.20 28.45 -8.96
CA LYS A 43 -0.79 28.64 -8.62
C LYS A 43 -0.11 29.52 -9.65
N GLY B 1 -14.38 1.97 41.14
CA GLY B 1 -15.55 2.82 41.01
C GLY B 1 -15.93 3.08 39.56
N SER B 2 -17.07 2.53 39.13
CA SER B 2 -17.53 2.70 37.77
C SER B 2 -16.50 2.17 36.78
N MET B 3 -15.95 1.00 37.08
CA MET B 3 -14.94 0.40 36.20
C MET B 3 -15.60 -0.57 35.21
N SER B 4 -15.10 -0.58 33.98
CA SER B 4 -15.65 -1.44 32.94
C SER B 4 -14.74 -2.66 32.72
N GLN B 5 -15.35 -3.77 32.33
CA GLN B 5 -14.62 -5.00 32.09
C GLN B 5 -14.70 -5.40 30.62
N PHE B 6 -13.64 -6.07 30.14
CA PHE B 6 -13.61 -6.51 28.75
C PHE B 6 -13.43 -8.03 28.67
N THR B 7 -13.44 -8.55 27.44
CA THR B 7 -13.28 -9.99 27.22
C THR B 7 -11.90 -10.31 26.68
N CYS B 8 -11.31 -11.38 27.18
CA CYS B 8 -9.98 -11.80 26.73
C CYS B 8 -10.04 -13.19 26.09
N GLU B 9 -10.86 -14.06 26.66
CA GLU B 9 -10.99 -15.42 26.15
C GLU B 9 -11.33 -15.41 24.66
N GLU B 10 -12.15 -14.44 24.26
CA GLU B 10 -12.55 -14.32 22.86
C GLU B 10 -11.33 -14.30 21.94
N ASP B 11 -10.25 -13.70 22.41
CA ASP B 11 -9.01 -13.63 21.64
C ASP B 11 -9.26 -12.99 20.27
N PHE B 12 -9.58 -11.69 20.28
CA PHE B 12 -9.86 -10.97 19.05
C PHE B 12 -8.57 -10.37 18.49
N TYR B 13 -8.40 -10.48 17.17
CA TYR B 13 -7.22 -9.95 16.50
C TYR B 13 -7.59 -8.83 15.54
N PHE B 14 -6.58 -8.13 15.03
CA PHE B 14 -6.80 -7.04 14.09
C PHE B 14 -6.27 -7.38 12.71
N PRO B 15 -6.76 -6.66 11.69
CA PRO B 15 -6.35 -6.88 10.29
C PRO B 15 -4.91 -6.44 10.04
N TRP B 16 -4.17 -7.26 9.31
CA TRP B 16 -2.78 -6.97 9.00
C TRP B 16 -2.68 -6.09 7.76
N LEU B 17 -3.58 -6.30 6.81
CA LEU B 17 -3.60 -5.52 5.58
C LEU B 17 -3.69 -4.03 5.88
N LEU B 18 -4.65 -3.66 6.72
CA LEU B 18 -4.85 -2.27 7.10
C LEU B 18 -3.55 -1.66 7.65
N ILE B 19 -2.79 -2.48 8.37
CA ILE B 19 -1.53 -2.03 8.95
C ILE B 19 -0.51 -1.71 7.87
N ILE B 20 -0.37 -2.60 6.90
CA ILE B 20 0.57 -2.42 5.81
C ILE B 20 0.22 -1.18 4.98
N ILE B 21 -1.05 -1.10 4.57
CA ILE B 21 -1.52 0.03 3.78
C ILE B 21 -1.29 1.35 4.50
N PHE B 22 -1.59 1.36 5.80
CA PHE B 22 -1.42 2.56 6.61
C PHE B 22 0.04 3.01 6.61
N GLY B 23 0.94 2.07 6.88
CA GLY B 23 2.36 2.38 6.91
C GLY B 23 2.84 3.00 5.61
N ILE B 24 2.44 2.41 4.49
CA ILE B 24 2.84 2.89 3.18
C ILE B 24 2.19 4.23 2.88
N PHE B 25 0.92 4.38 3.24
CA PHE B 25 0.19 5.62 3.01
C PHE B 25 0.89 6.80 3.67
N GLY B 26 1.30 6.60 4.92
CA GLY B 26 1.98 7.66 5.65
C GLY B 26 3.34 7.99 5.06
N LEU B 27 4.11 6.95 4.76
CA LEU B 27 5.45 7.13 4.19
C LEU B 27 5.37 7.78 2.82
N THR B 28 4.35 7.41 2.05
CA THR B 28 4.15 7.96 0.71
C THR B 28 3.92 9.46 0.76
N VAL B 29 2.96 9.88 1.58
CA VAL B 29 2.64 11.29 1.72
C VAL B 29 3.86 12.09 2.15
N MET B 30 4.59 11.59 3.14
CA MET B 30 5.78 12.26 3.64
C MET B 30 6.88 12.26 2.58
N LEU B 31 6.97 11.18 1.81
CA LEU B 31 7.97 11.05 0.77
C LEU B 31 7.67 11.99 -0.39
N PHE B 32 6.39 12.17 -0.69
CA PHE B 32 5.98 13.04 -1.78
C PHE B 32 6.30 14.50 -1.46
N VAL B 33 5.85 14.97 -0.30
CA VAL B 33 6.10 16.34 0.12
C VAL B 33 7.59 16.59 0.29
N PHE B 34 8.31 15.59 0.77
CA PHE B 34 9.75 15.70 0.98
C PHE B 34 10.50 15.73 -0.35
N LEU B 35 10.13 14.82 -1.24
CA LEU B 35 10.77 14.74 -2.55
C LEU B 35 10.69 16.08 -3.28
N PHE B 36 9.51 16.70 -3.23
CA PHE B 36 9.30 17.98 -3.89
C PHE B 36 10.01 19.10 -3.13
N SER B 37 10.02 18.99 -1.81
CA SER B 37 10.65 20.00 -0.96
C SER B 37 12.15 20.11 -1.29
N LYS B 38 12.76 18.97 -1.62
CA LYS B 38 14.18 18.93 -1.94
C LYS B 38 14.40 19.09 -3.44
N GLN B 39 13.43 18.61 -4.23
CA GLN B 39 13.52 18.69 -5.67
C GLN B 39 13.45 20.15 -6.15
N GLN B 40 12.79 20.98 -5.35
CA GLN B 40 12.64 22.40 -5.68
C GLN B 40 14.00 23.02 -6.00
N ARG B 41 15.04 22.54 -5.32
CA ARG B 41 16.39 23.06 -5.52
C ARG B 41 17.30 21.98 -6.07
N ILE B 42 18.38 22.39 -6.74
CA ILE B 42 19.33 21.45 -7.31
C ILE B 42 19.80 20.45 -6.26
N LYS B 43 19.93 20.91 -5.02
CA LYS B 43 20.38 20.05 -3.93
C LYS B 43 19.18 19.44 -3.21
N GLY A 1 -6.19 -38.69 5.83
CA GLY A 1 -6.45 -37.90 4.65
C GLY A 1 -5.26 -37.06 4.24
N SER A 2 -4.98 -37.01 2.94
CA SER A 2 -3.86 -36.24 2.43
C SER A 2 -4.31 -34.86 1.97
N MET A 3 -3.62 -33.83 2.44
CA MET A 3 -3.95 -32.45 2.08
C MET A 3 -3.45 -32.12 0.68
N SER A 4 -4.30 -31.46 -0.10
CA SER A 4 -3.94 -31.09 -1.47
C SER A 4 -3.15 -29.79 -1.48
N GLN A 5 -2.70 -29.39 -2.67
CA GLN A 5 -1.92 -28.17 -2.82
C GLN A 5 -2.62 -27.20 -3.77
N PHE A 6 -2.04 -26.02 -3.93
CA PHE A 6 -2.60 -25.00 -4.81
C PHE A 6 -1.55 -24.46 -5.77
N THR A 7 -1.73 -24.74 -7.06
CA THR A 7 -0.80 -24.30 -8.08
C THR A 7 -1.04 -22.84 -8.45
N CYS A 8 -0.05 -22.21 -9.07
CA CYS A 8 -0.18 -20.81 -9.48
C CYS A 8 -0.44 -20.70 -10.98
N GLU A 9 -1.65 -20.28 -11.33
CA GLU A 9 -2.02 -20.13 -12.74
C GLU A 9 -1.90 -18.68 -13.19
N GLU A 10 -2.21 -17.75 -12.29
CA GLU A 10 -2.12 -16.33 -12.59
C GLU A 10 -0.74 -15.78 -12.24
N ASP A 11 -0.16 -16.30 -11.17
CA ASP A 11 1.15 -15.86 -10.73
C ASP A 11 1.13 -14.39 -10.32
N PHE A 12 0.45 -14.10 -9.21
CA PHE A 12 0.34 -12.73 -8.71
C PHE A 12 0.86 -12.64 -7.28
N TYR A 13 0.48 -13.61 -6.45
CA TYR A 13 0.90 -13.64 -5.06
C TYR A 13 2.30 -14.22 -4.91
N PHE A 14 3.06 -13.71 -3.95
CA PHE A 14 4.41 -14.17 -3.72
C PHE A 14 5.31 -13.89 -4.92
N PRO A 15 5.96 -12.72 -4.90
CA PRO A 15 5.84 -11.75 -3.81
C PRO A 15 4.46 -11.10 -3.76
N TRP A 16 3.86 -11.10 -2.58
CA TRP A 16 2.54 -10.50 -2.41
C TRP A 16 2.64 -9.01 -2.07
N LEU A 17 3.68 -8.67 -1.32
CA LEU A 17 3.91 -7.28 -0.93
C LEU A 17 4.00 -6.37 -2.15
N LEU A 18 4.72 -6.84 -3.17
CA LEU A 18 4.87 -6.07 -4.40
C LEU A 18 3.53 -5.70 -5.00
N ILE A 19 2.56 -6.61 -4.88
CA ILE A 19 1.22 -6.37 -5.40
C ILE A 19 0.47 -5.34 -4.56
N ILE A 20 0.43 -5.56 -3.25
CA ILE A 20 -0.25 -4.64 -2.35
C ILE A 20 0.36 -3.26 -2.41
N ILE A 21 1.69 -3.18 -2.24
CA ILE A 21 2.39 -1.91 -2.29
C ILE A 21 2.17 -1.20 -3.63
N PHE A 22 2.16 -1.99 -4.70
CA PHE A 22 1.96 -1.44 -6.04
C PHE A 22 0.62 -0.69 -6.13
N GLY A 23 -0.43 -1.32 -5.62
CA GLY A 23 -1.74 -0.70 -5.65
C GLY A 23 -1.82 0.56 -4.80
N ILE A 24 -1.28 0.47 -3.59
CA ILE A 24 -1.29 1.61 -2.68
C ILE A 24 -0.46 2.76 -3.23
N PHE A 25 0.75 2.45 -3.70
CA PHE A 25 1.63 3.46 -4.25
C PHE A 25 0.93 4.26 -5.34
N GLY A 26 0.35 3.55 -6.30
CA GLY A 26 -0.35 4.22 -7.39
C GLY A 26 -1.63 4.89 -6.94
N LEU A 27 -2.41 4.17 -6.14
CA LEU A 27 -3.68 4.70 -5.64
C LEU A 27 -3.46 6.02 -4.90
N THR A 28 -2.42 6.06 -4.07
CA THR A 28 -2.10 7.26 -3.31
C THR A 28 -1.72 8.42 -4.23
N VAL A 29 -0.77 8.17 -5.12
CA VAL A 29 -0.31 9.18 -6.06
C VAL A 29 -1.44 9.66 -6.94
N MET A 30 -2.33 8.74 -7.31
CA MET A 30 -3.48 9.08 -8.16
C MET A 30 -4.42 10.04 -7.45
N LEU A 31 -4.70 9.76 -6.18
CA LEU A 31 -5.59 10.62 -5.39
C LEU A 31 -4.90 11.93 -5.03
N PHE A 32 -3.60 11.86 -4.74
CA PHE A 32 -2.83 13.04 -4.38
C PHE A 32 -2.77 14.02 -5.54
N VAL A 33 -2.37 13.53 -6.71
CA VAL A 33 -2.27 14.36 -7.90
C VAL A 33 -3.63 14.84 -8.35
N PHE A 34 -4.63 13.99 -8.24
CA PHE A 34 -6.00 14.32 -8.63
C PHE A 34 -6.55 15.44 -7.75
N LEU A 35 -6.42 15.28 -6.44
CA LEU A 35 -6.91 16.27 -5.50
C LEU A 35 -6.15 17.59 -5.65
N PHE A 36 -4.84 17.50 -5.78
CA PHE A 36 -3.99 18.68 -5.94
C PHE A 36 -4.36 19.44 -7.22
N SER A 37 -4.66 18.69 -8.28
CA SER A 37 -5.01 19.29 -9.56
C SER A 37 -6.32 20.07 -9.45
N LYS A 38 -7.25 19.54 -8.66
CA LYS A 38 -8.54 20.19 -8.47
C LYS A 38 -8.40 21.46 -7.63
N GLN A 39 -7.42 21.46 -6.73
CA GLN A 39 -7.17 22.62 -5.88
C GLN A 39 -6.58 23.78 -6.68
N GLN A 40 -5.89 23.45 -7.77
CA GLN A 40 -5.27 24.46 -8.61
C GLN A 40 -6.15 24.77 -9.82
N ARG A 41 -6.71 25.97 -9.86
CA ARG A 41 -7.57 26.38 -10.96
C ARG A 41 -6.76 26.66 -12.22
N ILE A 42 -7.21 26.13 -13.35
CA ILE A 42 -6.53 26.31 -14.61
C ILE A 42 -6.67 27.75 -15.11
N LYS A 43 -5.82 28.13 -16.06
CA LYS A 43 -5.86 29.48 -16.63
C LYS A 43 -6.60 29.49 -17.96
N GLY B 1 -25.42 -13.40 -1.66
CA GLY B 1 -25.92 -13.71 -0.33
C GLY B 1 -27.14 -14.62 -0.38
N SER B 2 -27.03 -15.79 0.25
CA SER B 2 -28.13 -16.75 0.28
C SER B 2 -28.38 -17.24 1.70
N MET B 3 -29.60 -17.71 1.94
CA MET B 3 -29.97 -18.20 3.26
C MET B 3 -29.61 -19.68 3.41
N SER B 4 -29.76 -20.43 2.32
CA SER B 4 -29.45 -21.86 2.33
C SER B 4 -27.98 -22.09 2.64
N GLN B 5 -27.11 -21.64 1.75
CA GLN B 5 -25.67 -21.80 1.92
C GLN B 5 -24.96 -20.45 1.89
N PHE B 6 -24.60 -19.96 3.07
CA PHE B 6 -23.91 -18.67 3.17
C PHE B 6 -22.68 -18.63 2.25
N THR B 7 -22.24 -17.42 1.95
CA THR B 7 -21.08 -17.24 1.08
C THR B 7 -19.80 -17.03 1.89
N CYS B 8 -19.94 -16.33 3.01
CA CYS B 8 -18.79 -16.06 3.88
C CYS B 8 -18.36 -17.32 4.62
N GLU B 9 -17.20 -17.84 4.25
CA GLU B 9 -16.66 -19.05 4.87
C GLU B 9 -15.73 -18.70 6.02
N GLU B 10 -14.75 -17.84 5.74
CA GLU B 10 -13.77 -17.43 6.74
C GLU B 10 -13.97 -15.96 7.11
N ASP B 11 -14.34 -15.15 6.13
CA ASP B 11 -14.57 -13.73 6.35
C ASP B 11 -13.48 -13.14 7.25
N PHE B 12 -12.25 -13.58 7.04
CA PHE B 12 -11.13 -13.10 7.84
C PHE B 12 -11.05 -11.59 7.81
N TYR B 13 -10.17 -11.03 8.64
CA TYR B 13 -10.01 -9.58 8.72
C TYR B 13 -8.76 -9.13 7.96
N PHE B 14 -7.71 -9.95 8.01
CA PHE B 14 -6.47 -9.65 7.32
C PHE B 14 -5.84 -8.36 7.87
N PRO B 15 -5.33 -8.45 9.10
CA PRO B 15 -4.70 -7.31 9.78
C PRO B 15 -3.36 -6.92 9.14
N TRP B 16 -2.64 -7.93 8.64
CA TRP B 16 -1.36 -7.70 7.99
C TRP B 16 -1.46 -6.61 6.93
N LEU B 17 -2.57 -6.62 6.20
CA LEU B 17 -2.79 -5.63 5.14
C LEU B 17 -2.75 -4.21 5.71
N LEU B 18 -3.46 -4.00 6.81
CA LEU B 18 -3.51 -2.68 7.45
C LEU B 18 -2.11 -2.21 7.80
N ILE B 19 -1.25 -3.15 8.21
CA ILE B 19 0.12 -2.82 8.58
C ILE B 19 0.91 -2.35 7.37
N ILE B 20 0.92 -3.15 6.31
CA ILE B 20 1.63 -2.80 5.09
C ILE B 20 1.13 -1.49 4.50
N ILE B 21 -0.18 -1.41 4.30
CA ILE B 21 -0.80 -0.22 3.74
C ILE B 21 -0.50 1.00 4.60
N PHE B 22 -0.47 0.81 5.91
CA PHE B 22 -0.21 1.89 6.85
C PHE B 22 1.18 2.49 6.59
N GLY B 23 2.18 1.62 6.46
CA GLY B 23 3.53 2.08 6.21
C GLY B 23 3.68 2.76 4.87
N ILE B 24 3.11 2.17 3.83
CA ILE B 24 3.18 2.73 2.50
C ILE B 24 2.46 4.07 2.42
N PHE B 25 1.24 4.11 2.95
CA PHE B 25 0.44 5.32 2.95
C PHE B 25 1.21 6.49 3.56
N GLY B 26 1.76 6.25 4.75
CA GLY B 26 2.52 7.29 5.44
C GLY B 26 3.83 7.60 4.75
N LEU B 27 4.56 6.55 4.38
CA LEU B 27 5.85 6.72 3.72
C LEU B 27 5.70 7.53 2.44
N THR B 28 4.66 7.23 1.67
CA THR B 28 4.40 7.93 0.41
C THR B 28 4.11 9.42 0.68
N VAL B 29 3.16 9.68 1.56
CA VAL B 29 2.80 11.05 1.89
C VAL B 29 3.99 11.82 2.47
N MET B 30 4.80 11.11 3.26
CA MET B 30 5.98 11.72 3.87
C MET B 30 6.98 12.16 2.81
N LEU B 31 7.22 11.31 1.83
CA LEU B 31 8.16 11.61 0.76
C LEU B 31 7.57 12.64 -0.20
N PHE B 32 6.27 12.53 -0.45
CA PHE B 32 5.58 13.46 -1.35
C PHE B 32 5.62 14.87 -0.79
N VAL B 33 5.21 15.03 0.45
CA VAL B 33 5.19 16.34 1.10
C VAL B 33 6.61 16.87 1.29
N PHE B 34 7.54 15.98 1.61
CA PHE B 34 8.93 16.37 1.82
C PHE B 34 9.55 16.90 0.52
N LEU B 35 9.38 16.14 -0.55
CA LEU B 35 9.91 16.53 -1.86
C LEU B 35 9.27 17.81 -2.35
N PHE B 36 7.94 17.90 -2.21
CA PHE B 36 7.20 19.07 -2.64
C PHE B 36 7.65 20.31 -1.87
N SER B 37 7.92 20.13 -0.58
CA SER B 37 8.35 21.24 0.27
C SER B 37 9.70 21.79 -0.20
N LYS B 38 10.57 20.89 -0.65
CA LYS B 38 11.90 21.28 -1.13
C LYS B 38 11.81 21.90 -2.52
N GLN B 39 10.83 21.44 -3.30
CA GLN B 39 10.65 21.95 -4.66
C GLN B 39 9.62 23.08 -4.68
N GLN B 40 9.31 23.62 -3.51
CA GLN B 40 8.34 24.70 -3.40
C GLN B 40 8.97 26.04 -3.79
N ARG B 41 8.38 26.68 -4.79
CA ARG B 41 8.88 27.97 -5.27
C ARG B 41 7.88 29.08 -4.98
N ILE B 42 8.38 30.28 -4.74
CA ILE B 42 7.52 31.43 -4.45
C ILE B 42 7.66 32.50 -5.54
N LYS B 43 6.71 33.42 -5.57
CA LYS B 43 6.72 34.49 -6.54
C LYS B 43 6.60 35.86 -5.87
N GLY A 1 12.85 -31.60 -15.58
CA GLY A 1 12.18 -31.86 -16.84
C GLY A 1 10.96 -31.00 -17.04
N SER A 2 9.79 -31.61 -17.01
CA SER A 2 8.53 -30.88 -17.19
C SER A 2 8.39 -29.79 -16.14
N MET A 3 7.92 -28.62 -16.58
CA MET A 3 7.72 -27.49 -15.68
C MET A 3 6.25 -27.12 -15.57
N SER A 4 5.72 -27.16 -14.36
CA SER A 4 4.33 -26.85 -14.11
C SER A 4 4.18 -25.77 -13.04
N GLN A 5 2.98 -25.24 -12.89
CA GLN A 5 2.72 -24.21 -11.91
C GLN A 5 1.58 -24.61 -10.97
N PHE A 6 1.45 -23.92 -9.84
CA PHE A 6 0.41 -24.21 -8.88
C PHE A 6 -0.69 -23.16 -8.93
N THR A 7 -1.92 -23.57 -8.64
CA THR A 7 -3.06 -22.67 -8.65
C THR A 7 -4.05 -23.00 -7.54
N CYS A 8 -4.41 -22.00 -6.75
CA CYS A 8 -5.35 -22.20 -5.66
C CYS A 8 -6.61 -21.37 -5.87
N GLU A 9 -7.55 -21.48 -4.93
CA GLU A 9 -8.81 -20.74 -5.01
C GLU A 9 -8.55 -19.26 -5.25
N GLU A 10 -7.57 -18.70 -4.54
CA GLU A 10 -7.23 -17.29 -4.67
C GLU A 10 -6.75 -16.98 -6.08
N ASP A 11 -6.05 -17.93 -6.70
CA ASP A 11 -5.54 -17.76 -8.05
C ASP A 11 -4.56 -16.59 -8.12
N PHE A 12 -3.40 -16.76 -7.49
CA PHE A 12 -2.39 -15.71 -7.48
C PHE A 12 -1.01 -16.29 -7.17
N TYR A 13 0.02 -15.45 -7.28
CA TYR A 13 1.38 -15.89 -7.02
C TYR A 13 2.31 -14.69 -6.86
N PHE A 14 3.44 -14.91 -6.18
CA PHE A 14 4.41 -13.85 -5.95
C PHE A 14 4.89 -13.24 -7.27
N PRO A 15 5.45 -12.03 -7.20
CA PRO A 15 5.63 -11.32 -5.93
C PRO A 15 4.30 -10.84 -5.36
N TRP A 16 4.13 -11.03 -4.05
CA TRP A 16 2.90 -10.62 -3.38
C TRP A 16 3.01 -9.17 -2.89
N LEU A 17 4.08 -8.88 -2.15
CA LEU A 17 4.30 -7.54 -1.62
C LEU A 17 4.34 -6.51 -2.75
N LEU A 18 5.05 -6.85 -3.82
CA LEU A 18 5.16 -5.95 -4.97
C LEU A 18 3.77 -5.56 -5.49
N ILE A 19 2.84 -6.50 -5.42
CA ILE A 19 1.47 -6.24 -5.88
C ILE A 19 0.72 -5.33 -4.92
N ILE A 20 0.98 -5.52 -3.62
CA ILE A 20 0.33 -4.71 -2.59
C ILE A 20 0.81 -3.27 -2.64
N ILE A 21 2.12 -3.09 -2.60
CA ILE A 21 2.71 -1.75 -2.64
C ILE A 21 2.36 -1.04 -3.95
N PHE A 22 2.55 -1.74 -5.07
CA PHE A 22 2.26 -1.19 -6.38
C PHE A 22 0.83 -0.68 -6.45
N GLY A 23 -0.10 -1.45 -5.90
CA GLY A 23 -1.49 -1.07 -5.91
C GLY A 23 -1.75 0.21 -5.13
N ILE A 24 -1.22 0.28 -3.92
CA ILE A 24 -1.39 1.45 -3.08
C ILE A 24 -0.67 2.65 -3.66
N PHE A 25 0.49 2.41 -4.27
CA PHE A 25 1.28 3.48 -4.85
C PHE A 25 0.49 4.21 -5.93
N GLY A 26 -0.17 3.45 -6.80
CA GLY A 26 -0.96 4.04 -7.86
C GLY A 26 -2.19 4.76 -7.34
N LEU A 27 -2.89 4.13 -6.41
CA LEU A 27 -4.09 4.72 -5.83
C LEU A 27 -3.75 6.01 -5.07
N THR A 28 -2.76 5.92 -4.20
CA THR A 28 -2.34 7.07 -3.40
C THR A 28 -1.97 8.25 -4.30
N VAL A 29 -1.07 8.01 -5.24
CA VAL A 29 -0.64 9.05 -6.17
C VAL A 29 -1.80 9.56 -7.01
N MET A 30 -2.53 8.64 -7.63
CA MET A 30 -3.67 9.00 -8.46
C MET A 30 -4.64 9.90 -7.70
N LEU A 31 -4.87 9.58 -6.44
CA LEU A 31 -5.77 10.37 -5.60
C LEU A 31 -5.13 11.69 -5.21
N PHE A 32 -3.84 11.65 -4.91
CA PHE A 32 -3.11 12.85 -4.52
C PHE A 32 -3.11 13.88 -5.64
N VAL A 33 -2.67 13.45 -6.83
CA VAL A 33 -2.63 14.34 -7.99
C VAL A 33 -4.03 14.78 -8.39
N PHE A 34 -4.97 13.86 -8.36
CA PHE A 34 -6.36 14.15 -8.72
C PHE A 34 -6.94 15.22 -7.81
N LEU A 35 -6.60 15.15 -6.53
CA LEU A 35 -7.09 16.12 -5.55
C LEU A 35 -6.37 17.45 -5.70
N PHE A 36 -5.08 17.40 -6.00
CA PHE A 36 -4.28 18.61 -6.17
C PHE A 36 -4.67 19.34 -7.45
N SER A 37 -4.99 18.58 -8.49
CA SER A 37 -5.38 19.16 -9.78
C SER A 37 -6.63 20.02 -9.62
N LYS A 38 -7.54 19.59 -8.76
CA LYS A 38 -8.78 20.33 -8.52
C LYS A 38 -8.60 21.33 -7.38
N GLN A 39 -7.73 21.01 -6.44
CA GLN A 39 -7.48 21.88 -5.30
C GLN A 39 -6.66 23.10 -5.73
N GLN A 40 -5.88 22.94 -6.79
CA GLN A 40 -5.05 24.03 -7.30
C GLN A 40 -5.92 25.21 -7.74
N ARG A 41 -5.51 26.41 -7.37
CA ARG A 41 -6.25 27.61 -7.74
C ARG A 41 -7.70 27.54 -7.25
N ILE A 42 -7.88 27.03 -6.03
CA ILE A 42 -9.21 26.91 -5.45
C ILE A 42 -9.80 28.27 -5.13
N LYS A 43 -11.06 28.48 -5.53
CA LYS A 43 -11.75 29.74 -5.28
C LYS A 43 -12.32 29.77 -3.87
N GLY B 1 -1.52 -35.37 16.82
CA GLY B 1 -1.02 -34.09 17.28
C GLY B 1 -2.06 -33.30 18.04
N SER B 2 -1.63 -32.56 19.06
CA SER B 2 -2.54 -31.76 19.87
C SER B 2 -2.35 -30.27 19.58
N MET B 3 -3.29 -29.69 18.84
CA MET B 3 -3.22 -28.27 18.51
C MET B 3 -3.21 -27.41 19.77
N SER B 4 -2.37 -26.38 19.77
CA SER B 4 -2.27 -25.49 20.91
C SER B 4 -2.95 -24.15 20.63
N GLN B 5 -3.78 -23.71 21.56
CA GLN B 5 -4.50 -22.45 21.41
C GLN B 5 -3.65 -21.28 21.86
N PHE B 6 -4.05 -20.07 21.47
CA PHE B 6 -3.32 -18.86 21.84
C PHE B 6 -4.27 -17.76 22.30
N THR B 7 -4.18 -17.41 23.59
CA THR B 7 -5.04 -16.39 24.15
C THR B 7 -4.39 -15.01 24.06
N CYS B 8 -5.20 -13.98 23.86
CA CYS B 8 -4.70 -12.62 23.74
C CYS B 8 -5.30 -11.72 24.83
N GLU B 9 -4.43 -11.04 25.56
CA GLU B 9 -4.88 -10.15 26.63
C GLU B 9 -5.65 -8.96 26.07
N GLU B 10 -5.10 -8.35 25.03
CA GLU B 10 -5.74 -7.19 24.39
C GLU B 10 -7.06 -7.58 23.76
N ASP B 11 -7.12 -8.80 23.23
CA ASP B 11 -8.33 -9.30 22.58
C ASP B 11 -8.75 -8.39 21.43
N PHE B 12 -7.96 -8.39 20.36
CA PHE B 12 -8.25 -7.56 19.20
C PHE B 12 -7.78 -8.24 17.92
N TYR B 13 -8.52 -8.03 16.84
CA TYR B 13 -8.17 -8.61 15.55
C TYR B 13 -6.73 -8.30 15.17
N PHE B 14 -6.25 -8.92 14.10
CA PHE B 14 -4.89 -8.70 13.62
C PHE B 14 -4.88 -8.37 12.14
N PRO B 15 -5.39 -7.19 11.79
CA PRO B 15 -5.46 -6.71 10.41
C PRO B 15 -4.07 -6.39 9.85
N TRP B 16 -3.36 -7.41 9.39
CA TRP B 16 -2.03 -7.23 8.83
C TRP B 16 -2.03 -6.16 7.75
N LEU B 17 -3.12 -6.09 6.99
CA LEU B 17 -3.25 -5.11 5.93
C LEU B 17 -3.09 -3.69 6.46
N LEU B 18 -3.72 -3.41 7.59
CA LEU B 18 -3.64 -2.09 8.22
C LEU B 18 -2.18 -1.70 8.47
N ILE B 19 -1.35 -2.69 8.78
CA ILE B 19 0.06 -2.45 9.03
C ILE B 19 0.81 -2.13 7.75
N ILE B 20 0.52 -2.91 6.70
CA ILE B 20 1.17 -2.71 5.42
C ILE B 20 0.74 -1.40 4.78
N ILE B 21 -0.56 -1.19 4.66
CA ILE B 21 -1.10 0.03 4.09
C ILE B 21 -0.60 1.26 4.82
N PHE B 22 -0.76 1.26 6.14
CA PHE B 22 -0.32 2.38 6.96
C PHE B 22 1.16 2.67 6.73
N GLY B 23 1.96 1.62 6.65
CA GLY B 23 3.39 1.78 6.43
C GLY B 23 3.70 2.54 5.16
N ILE B 24 3.11 2.09 4.05
CA ILE B 24 3.34 2.72 2.76
C ILE B 24 2.69 4.11 2.71
N PHE B 25 1.54 4.24 3.36
CA PHE B 25 0.82 5.51 3.39
C PHE B 25 1.68 6.60 4.02
N GLY B 26 2.30 6.27 5.16
CA GLY B 26 3.14 7.23 5.85
C GLY B 26 4.40 7.57 5.07
N LEU B 27 5.06 6.55 4.55
CA LEU B 27 6.28 6.74 3.77
C LEU B 27 6.00 7.54 2.50
N THR B 28 4.99 7.13 1.76
CA THR B 28 4.62 7.81 0.52
C THR B 28 4.35 9.29 0.77
N VAL B 29 3.44 9.56 1.72
CA VAL B 29 3.09 10.93 2.06
C VAL B 29 4.30 11.70 2.58
N MET B 30 4.96 11.12 3.58
CA MET B 30 6.14 11.75 4.17
C MET B 30 7.15 12.13 3.10
N LEU B 31 7.36 11.23 2.13
CA LEU B 31 8.31 11.47 1.06
C LEU B 31 7.76 12.50 0.08
N PHE B 32 6.46 12.41 -0.21
CA PHE B 32 5.82 13.35 -1.14
C PHE B 32 5.91 14.77 -0.62
N VAL B 33 5.46 14.98 0.61
CA VAL B 33 5.49 16.30 1.23
C VAL B 33 6.92 16.79 1.42
N PHE B 34 7.80 15.89 1.85
CA PHE B 34 9.20 16.23 2.06
C PHE B 34 9.86 16.69 0.77
N LEU B 35 9.49 16.04 -0.34
CA LEU B 35 10.05 16.38 -1.64
C LEU B 35 9.44 17.68 -2.16
N PHE B 36 8.16 17.88 -1.90
CA PHE B 36 7.45 19.08 -2.35
C PHE B 36 7.92 20.30 -1.56
N SER B 37 8.19 20.10 -0.27
CA SER B 37 8.63 21.18 0.60
C SER B 37 9.95 21.77 0.10
N LYS B 38 10.82 20.90 -0.42
CA LYS B 38 12.12 21.33 -0.94
C LYS B 38 12.01 21.77 -2.39
N GLN B 39 11.08 21.15 -3.12
CA GLN B 39 10.87 21.48 -4.53
C GLN B 39 9.81 22.54 -4.69
N GLN B 40 9.47 23.22 -3.59
CA GLN B 40 8.46 24.25 -3.61
C GLN B 40 8.85 25.38 -4.56
N ARG B 41 7.86 26.12 -5.04
CA ARG B 41 8.10 27.23 -5.96
C ARG B 41 7.93 28.56 -5.25
N ILE B 42 8.88 29.47 -5.47
CA ILE B 42 8.82 30.79 -4.86
C ILE B 42 9.33 31.87 -5.81
N LYS B 43 8.53 32.91 -6.00
CA LYS B 43 8.90 34.01 -6.88
C LYS B 43 10.07 34.80 -6.31
N GLY A 1 25.24 -19.90 -18.68
CA GLY A 1 24.80 -19.11 -17.54
C GLY A 1 24.96 -19.86 -16.23
N SER A 2 25.18 -19.12 -15.16
CA SER A 2 25.35 -19.72 -13.83
C SER A 2 24.00 -20.17 -13.26
N MET A 3 23.03 -19.26 -13.31
CA MET A 3 21.70 -19.57 -12.80
C MET A 3 20.62 -19.14 -13.79
N SER A 4 19.84 -20.11 -14.26
CA SER A 4 18.78 -19.82 -15.22
C SER A 4 17.63 -19.07 -14.57
N GLN A 5 16.76 -18.47 -15.39
CA GLN A 5 15.63 -17.72 -14.89
C GLN A 5 14.64 -18.63 -14.16
N PHE A 6 13.87 -18.05 -13.25
CA PHE A 6 12.89 -18.80 -12.48
C PHE A 6 11.96 -19.59 -13.41
N THR A 7 11.22 -20.53 -12.84
CA THR A 7 10.30 -21.36 -13.61
C THR A 7 8.89 -21.31 -13.02
N CYS A 8 7.91 -21.02 -13.86
CA CYS A 8 6.52 -20.95 -13.42
C CYS A 8 5.75 -22.19 -13.86
N GLU A 9 4.89 -22.69 -12.97
CA GLU A 9 4.09 -23.88 -13.27
C GLU A 9 2.70 -23.49 -13.76
N GLU A 10 2.02 -22.65 -12.98
CA GLU A 10 0.68 -22.19 -13.34
C GLU A 10 0.69 -20.71 -13.70
N ASP A 11 1.84 -20.23 -14.16
CA ASP A 11 1.97 -18.83 -14.54
C ASP A 11 1.53 -17.91 -13.40
N PHE A 12 2.16 -18.07 -12.25
CA PHE A 12 1.84 -17.26 -11.08
C PHE A 12 2.75 -16.04 -11.00
N TYR A 13 2.29 -15.01 -10.30
CA TYR A 13 3.06 -13.79 -10.15
C TYR A 13 3.65 -13.68 -8.74
N PHE A 14 4.81 -13.04 -8.64
CA PHE A 14 5.47 -12.86 -7.35
C PHE A 14 6.70 -11.98 -7.49
N PRO A 15 7.15 -11.40 -6.37
CA PRO A 15 6.49 -11.58 -5.07
C PRO A 15 5.13 -10.90 -5.00
N TRP A 16 4.38 -11.20 -3.95
CA TRP A 16 3.06 -10.61 -3.77
C TRP A 16 3.14 -9.28 -3.05
N LEU A 17 4.08 -9.17 -2.12
CA LEU A 17 4.27 -7.94 -1.35
C LEU A 17 4.53 -6.76 -2.29
N LEU A 18 5.46 -6.94 -3.22
CA LEU A 18 5.80 -5.88 -4.17
C LEU A 18 4.57 -5.43 -4.94
N ILE A 19 3.66 -6.36 -5.21
CA ILE A 19 2.44 -6.05 -5.94
C ILE A 19 1.53 -5.16 -5.11
N ILE A 20 1.41 -5.48 -3.83
CA ILE A 20 0.56 -4.69 -2.93
C ILE A 20 1.06 -3.26 -2.81
N ILE A 21 2.34 -3.10 -2.49
CA ILE A 21 2.93 -1.77 -2.35
C ILE A 21 2.93 -1.04 -3.69
N PHE A 22 3.15 -1.78 -4.77
CA PHE A 22 3.18 -1.19 -6.10
C PHE A 22 1.86 -0.50 -6.42
N GLY A 23 0.75 -1.19 -6.17
CA GLY A 23 -0.56 -0.62 -6.43
C GLY A 23 -0.86 0.57 -5.54
N ILE A 24 -0.61 0.42 -4.25
CA ILE A 24 -0.87 1.49 -3.30
C ILE A 24 -0.02 2.72 -3.61
N PHE A 25 1.23 2.49 -3.99
CA PHE A 25 2.14 3.58 -4.32
C PHE A 25 1.60 4.40 -5.49
N GLY A 26 1.24 3.72 -6.58
CA GLY A 26 0.71 4.41 -7.73
C GLY A 26 -0.64 5.05 -7.47
N LEU A 27 -1.51 4.32 -6.77
CA LEU A 27 -2.84 4.82 -6.46
C LEU A 27 -2.76 6.06 -5.56
N THR A 28 -1.94 5.98 -4.51
CA THR A 28 -1.78 7.08 -3.59
C THR A 28 -1.34 8.34 -4.32
N VAL A 29 -0.29 8.22 -5.12
CA VAL A 29 0.24 9.35 -5.88
C VAL A 29 -0.87 10.02 -6.70
N MET A 30 -1.63 9.21 -7.41
CA MET A 30 -2.72 9.71 -8.25
C MET A 30 -3.82 10.34 -7.39
N LEU A 31 -4.12 9.69 -6.26
CA LEU A 31 -5.15 10.18 -5.36
C LEU A 31 -4.76 11.53 -4.77
N PHE A 32 -3.48 11.67 -4.40
CA PHE A 32 -2.99 12.91 -3.83
C PHE A 32 -3.13 14.06 -4.82
N VAL A 33 -2.71 13.82 -6.06
CA VAL A 33 -2.79 14.83 -7.10
C VAL A 33 -4.23 15.23 -7.39
N PHE A 34 -5.13 14.24 -7.30
CA PHE A 34 -6.55 14.49 -7.54
C PHE A 34 -7.17 15.27 -6.39
N LEU A 35 -6.94 14.79 -5.17
CA LEU A 35 -7.49 15.45 -3.98
C LEU A 35 -7.08 16.92 -3.93
N PHE A 36 -5.83 17.19 -4.30
CA PHE A 36 -5.32 18.56 -4.30
C PHE A 36 -5.92 19.36 -5.46
N SER A 37 -6.11 18.70 -6.60
CA SER A 37 -6.67 19.35 -7.77
C SER A 37 -8.07 19.87 -7.49
N LYS A 38 -8.84 19.11 -6.72
CA LYS A 38 -10.20 19.49 -6.36
C LYS A 38 -10.21 20.73 -5.48
N GLN A 39 -9.16 20.88 -4.67
CA GLN A 39 -9.04 22.02 -3.77
C GLN A 39 -8.55 23.26 -4.52
N GLN A 40 -7.81 23.04 -5.59
CA GLN A 40 -7.27 24.13 -6.39
C GLN A 40 -8.38 24.82 -7.18
N ARG A 41 -8.63 26.08 -6.87
CA ARG A 41 -9.66 26.85 -7.54
C ARG A 41 -9.24 28.31 -7.69
N ILE A 42 -9.38 28.85 -8.90
CA ILE A 42 -9.02 30.23 -9.16
C ILE A 42 -10.10 31.19 -8.66
N LYS A 43 -9.71 32.45 -8.46
CA LYS A 43 -10.66 33.46 -7.99
C LYS A 43 -11.10 34.37 -9.12
N GLY B 1 -8.57 -32.92 12.53
CA GLY B 1 -7.71 -32.51 13.62
C GLY B 1 -6.75 -31.41 13.22
N SER B 2 -6.70 -30.34 14.01
CA SER B 2 -5.82 -29.22 13.73
C SER B 2 -4.92 -28.91 14.93
N MET B 3 -3.71 -28.43 14.66
CA MET B 3 -2.76 -28.10 15.71
C MET B 3 -2.33 -26.64 15.61
N SER B 4 -1.79 -26.11 16.70
CA SER B 4 -1.34 -24.73 16.74
C SER B 4 0.16 -24.66 17.05
N GLN B 5 0.84 -23.70 16.43
CA GLN B 5 2.27 -23.52 16.64
C GLN B 5 2.58 -22.12 17.15
N PHE B 6 1.84 -21.14 16.64
CA PHE B 6 2.04 -19.75 17.04
C PHE B 6 0.95 -19.30 18.01
N THR B 7 1.11 -18.11 18.58
CA THR B 7 0.15 -17.57 19.51
C THR B 7 -1.26 -17.57 18.93
N CYS B 8 -2.18 -18.28 19.58
CA CYS B 8 -3.55 -18.36 19.11
C CYS B 8 -4.49 -18.79 20.23
N GLU B 9 -4.45 -18.06 21.34
CA GLU B 9 -5.29 -18.38 22.50
C GLU B 9 -6.56 -17.54 22.49
N GLU B 10 -6.44 -16.30 22.00
CA GLU B 10 -7.59 -15.40 21.94
C GLU B 10 -8.03 -15.18 20.49
N ASP B 11 -7.06 -15.17 19.59
CA ASP B 11 -7.36 -14.97 18.17
C ASP B 11 -8.40 -13.87 17.98
N PHE B 12 -8.27 -12.79 18.73
CA PHE B 12 -9.21 -11.68 18.66
C PHE B 12 -9.21 -11.08 17.25
N TYR B 13 -8.12 -10.43 16.89
CA TYR B 13 -7.99 -9.81 15.57
C TYR B 13 -6.55 -9.39 15.31
N PHE B 14 -6.19 -9.34 14.03
CA PHE B 14 -4.84 -8.95 13.63
C PHE B 14 -4.78 -8.60 12.15
N PRO B 15 -5.40 -7.46 11.80
CA PRO B 15 -5.44 -6.97 10.41
C PRO B 15 -4.07 -6.52 9.92
N TRP B 16 -3.21 -7.47 9.56
CA TRP B 16 -1.88 -7.15 9.07
C TRP B 16 -1.95 -6.28 7.82
N LEU B 17 -2.93 -6.56 6.97
CA LEU B 17 -3.10 -5.79 5.74
C LEU B 17 -3.25 -4.31 6.03
N LEU B 18 -4.14 -3.98 6.97
CA LEU B 18 -4.37 -2.59 7.33
C LEU B 18 -3.08 -1.92 7.81
N ILE B 19 -2.23 -2.69 8.48
CA ILE B 19 -0.96 -2.17 8.96
C ILE B 19 -0.04 -1.78 7.82
N ILE B 20 0.09 -2.66 6.84
CA ILE B 20 0.93 -2.41 5.67
C ILE B 20 0.44 -1.20 4.90
N ILE B 21 -0.86 -1.19 4.59
CA ILE B 21 -1.46 -0.09 3.84
C ILE B 21 -1.29 1.24 4.58
N PHE B 22 -1.59 1.23 5.88
CA PHE B 22 -1.47 2.42 6.71
C PHE B 22 -0.05 2.97 6.66
N GLY B 23 0.93 2.08 6.83
CA GLY B 23 2.32 2.51 6.80
C GLY B 23 2.72 3.13 5.48
N ILE B 24 2.41 2.45 4.38
CA ILE B 24 2.74 2.96 3.05
C ILE B 24 1.99 4.25 2.75
N PHE B 25 0.72 4.31 3.18
CA PHE B 25 -0.10 5.49 2.96
C PHE B 25 0.54 6.71 3.59
N GLY B 26 0.88 6.61 4.87
CA GLY B 26 1.49 7.72 5.58
C GLY B 26 2.87 8.05 5.06
N LEU B 27 3.67 7.02 4.83
CA LEU B 27 5.03 7.20 4.32
C LEU B 27 5.03 7.88 2.96
N THR B 28 4.17 7.38 2.07
CA THR B 28 4.06 7.94 0.72
C THR B 28 3.74 9.43 0.77
N VAL B 29 2.69 9.78 1.52
CA VAL B 29 2.27 11.16 1.65
C VAL B 29 3.43 12.05 2.07
N MET B 30 4.16 11.62 3.09
CA MET B 30 5.31 12.37 3.58
C MET B 30 6.42 12.43 2.54
N LEU B 31 6.67 11.29 1.89
CA LEU B 31 7.70 11.21 0.86
C LEU B 31 7.40 12.16 -0.30
N PHE B 32 6.14 12.21 -0.69
CA PHE B 32 5.72 13.07 -1.80
C PHE B 32 5.97 14.54 -1.46
N VAL B 33 5.55 14.94 -0.26
CA VAL B 33 5.73 16.33 0.19
C VAL B 33 7.21 16.68 0.29
N PHE B 34 8.03 15.71 0.69
CA PHE B 34 9.46 15.92 0.82
C PHE B 34 10.13 16.03 -0.54
N LEU B 35 9.85 15.05 -1.40
CA LEU B 35 10.42 15.03 -2.75
C LEU B 35 10.12 16.32 -3.49
N PHE B 36 8.90 16.82 -3.32
CA PHE B 36 8.48 18.07 -3.97
C PHE B 36 9.14 19.27 -3.31
N SER B 37 9.31 19.21 -2.00
CA SER B 37 9.91 20.30 -1.25
C SER B 37 11.33 20.58 -1.75
N LYS B 38 12.05 19.50 -2.10
CA LYS B 38 13.41 19.62 -2.59
C LYS B 38 13.43 19.83 -4.11
N GLN B 39 12.43 19.25 -4.78
CA GLN B 39 12.34 19.38 -6.24
C GLN B 39 11.92 20.78 -6.64
N GLN B 40 11.22 21.47 -5.75
CA GLN B 40 10.76 22.83 -6.02
C GLN B 40 11.95 23.78 -6.16
N ARG B 41 12.11 24.33 -7.37
CA ARG B 41 13.20 25.26 -7.64
C ARG B 41 12.67 26.66 -7.90
N ILE B 42 13.10 27.61 -7.08
CA ILE B 42 12.67 28.99 -7.23
C ILE B 42 13.19 29.60 -8.52
N LYS B 43 14.52 29.76 -8.61
CA LYS B 43 15.14 30.33 -9.79
C LYS B 43 14.95 29.42 -11.00
N GLY A 1 -19.26 -28.41 2.47
CA GLY A 1 -17.81 -28.52 2.56
C GLY A 1 -17.15 -28.62 1.20
N SER A 2 -17.08 -27.48 0.50
CA SER A 2 -16.47 -27.44 -0.82
C SER A 2 -14.96 -27.65 -0.74
N MET A 3 -14.48 -28.70 -1.39
CA MET A 3 -13.05 -29.02 -1.39
C MET A 3 -12.27 -27.97 -2.17
N SER A 4 -10.99 -27.83 -1.84
CA SER A 4 -10.12 -26.87 -2.51
C SER A 4 -10.00 -27.20 -4.00
N GLN A 5 -9.89 -26.17 -4.82
CA GLN A 5 -9.76 -26.35 -6.27
C GLN A 5 -8.59 -25.52 -6.82
N PHE A 6 -7.54 -26.20 -7.23
CA PHE A 6 -6.36 -25.53 -7.78
C PHE A 6 -6.42 -25.49 -9.30
N THR A 7 -6.53 -24.29 -9.86
CA THR A 7 -6.59 -24.12 -11.31
C THR A 7 -6.22 -22.69 -11.72
N CYS A 8 -5.98 -22.49 -13.00
CA CYS A 8 -5.61 -21.18 -13.52
C CYS A 8 -6.60 -20.12 -13.06
N GLU A 9 -7.88 -20.50 -12.99
CA GLU A 9 -8.92 -19.58 -12.57
C GLU A 9 -8.56 -18.91 -11.24
N GLU A 10 -7.92 -19.67 -10.37
CA GLU A 10 -7.51 -19.15 -9.07
C GLU A 10 -6.73 -17.85 -9.21
N ASP A 11 -5.94 -17.75 -10.27
CA ASP A 11 -5.15 -16.56 -10.54
C ASP A 11 -4.13 -16.33 -9.43
N PHE A 12 -3.14 -17.22 -9.34
CA PHE A 12 -2.11 -17.12 -8.33
C PHE A 12 -0.79 -16.62 -8.93
N TYR A 13 -0.22 -15.60 -8.31
CA TYR A 13 1.04 -15.02 -8.79
C TYR A 13 1.89 -14.54 -7.63
N PHE A 14 3.16 -14.27 -7.90
CA PHE A 14 4.09 -13.80 -6.87
C PHE A 14 5.27 -13.08 -7.51
N PRO A 15 5.96 -12.24 -6.70
CA PRO A 15 5.58 -12.01 -5.30
C PRO A 15 4.27 -11.24 -5.17
N TRP A 16 3.53 -11.53 -4.12
CA TRP A 16 2.24 -10.87 -3.88
C TRP A 16 2.45 -9.58 -3.09
N LEU A 17 3.42 -9.59 -2.19
CA LEU A 17 3.72 -8.41 -1.37
C LEU A 17 4.03 -7.20 -2.24
N LEU A 18 4.91 -7.39 -3.21
CA LEU A 18 5.29 -6.31 -4.13
C LEU A 18 4.07 -5.73 -4.81
N ILE A 19 3.10 -6.58 -5.12
CA ILE A 19 1.87 -6.15 -5.78
C ILE A 19 1.06 -5.24 -4.87
N ILE A 20 0.92 -5.63 -3.61
CA ILE A 20 0.16 -4.85 -2.65
C ILE A 20 0.76 -3.46 -2.46
N ILE A 21 2.05 -3.42 -2.18
CA ILE A 21 2.75 -2.15 -1.99
C ILE A 21 2.74 -1.32 -3.27
N PHE A 22 2.95 -1.98 -4.40
CA PHE A 22 2.96 -1.31 -5.70
C PHE A 22 1.60 -0.70 -6.00
N GLY A 23 0.54 -1.41 -5.62
CA GLY A 23 -0.81 -0.92 -5.86
C GLY A 23 -1.13 0.33 -5.06
N ILE A 24 -0.81 0.29 -3.77
CA ILE A 24 -1.07 1.43 -2.89
C ILE A 24 -0.32 2.67 -3.37
N PHE A 25 0.93 2.49 -3.76
CA PHE A 25 1.76 3.59 -4.24
C PHE A 25 1.12 4.25 -5.45
N GLY A 26 0.72 3.43 -6.42
CA GLY A 26 0.11 3.95 -7.63
C GLY A 26 -1.18 4.72 -7.35
N LEU A 27 -2.05 4.13 -6.53
CA LEU A 27 -3.31 4.76 -6.18
C LEU A 27 -3.08 6.04 -5.38
N THR A 28 -2.23 5.96 -4.37
CA THR A 28 -1.93 7.11 -3.54
C THR A 28 -1.49 8.30 -4.38
N VAL A 29 -0.53 8.07 -5.26
CA VAL A 29 -0.02 9.13 -6.13
C VAL A 29 -1.15 9.75 -6.95
N MET A 30 -1.96 8.90 -7.57
CA MET A 30 -3.07 9.37 -8.38
C MET A 30 -4.01 10.26 -7.56
N LEU A 31 -4.31 9.82 -6.35
CA LEU A 31 -5.20 10.58 -5.47
C LEU A 31 -4.56 11.91 -5.07
N PHE A 32 -3.30 11.85 -4.66
CA PHE A 32 -2.59 13.06 -4.26
C PHE A 32 -2.62 14.11 -5.36
N VAL A 33 -2.26 13.71 -6.57
CA VAL A 33 -2.25 14.61 -7.71
C VAL A 33 -3.62 15.26 -7.91
N PHE A 34 -4.66 14.45 -7.86
CA PHE A 34 -6.02 14.94 -8.04
C PHE A 34 -6.41 15.88 -6.90
N LEU A 35 -5.95 15.57 -5.70
CA LEU A 35 -6.25 16.39 -4.53
C LEU A 35 -5.59 17.76 -4.64
N PHE A 36 -4.31 17.77 -4.96
CA PHE A 36 -3.56 19.02 -5.10
C PHE A 36 -4.18 19.90 -6.19
N SER A 37 -4.67 19.26 -7.26
CA SER A 37 -5.28 19.99 -8.36
C SER A 37 -6.49 20.79 -7.88
N LYS A 38 -7.23 20.23 -6.93
CA LYS A 38 -8.40 20.90 -6.38
C LYS A 38 -8.00 22.04 -5.46
N GLN A 39 -6.85 21.90 -4.80
CA GLN A 39 -6.36 22.93 -3.90
C GLN A 39 -5.67 24.05 -4.67
N GLN A 40 -5.13 23.71 -5.84
CA GLN A 40 -4.44 24.69 -6.67
C GLN A 40 -5.36 25.86 -7.01
N ARG A 41 -4.83 27.08 -6.89
CA ARG A 41 -5.60 28.28 -7.18
C ARG A 41 -4.95 29.08 -8.30
N ILE A 42 -5.70 29.28 -9.38
CA ILE A 42 -5.20 30.03 -10.53
C ILE A 42 -5.23 31.54 -10.26
N LYS A 43 -6.25 31.98 -9.53
CA LYS A 43 -6.40 33.39 -9.19
C LYS A 43 -5.51 33.76 -8.00
N GLY B 1 -20.34 -21.97 -10.13
CA GLY B 1 -20.47 -20.60 -10.59
C GLY B 1 -19.51 -19.65 -9.89
N SER B 2 -19.67 -19.54 -8.58
CA SER B 2 -18.82 -18.66 -7.78
C SER B 2 -17.68 -19.44 -7.12
N MET B 3 -16.68 -18.73 -6.63
CA MET B 3 -15.54 -19.35 -5.97
C MET B 3 -15.71 -19.33 -4.46
N SER B 4 -16.14 -18.19 -3.93
CA SER B 4 -16.34 -18.04 -2.50
C SER B 4 -15.05 -18.37 -1.73
N GLN B 5 -13.94 -17.84 -2.22
CA GLN B 5 -12.65 -18.08 -1.58
C GLN B 5 -11.95 -16.77 -1.25
N PHE B 6 -11.38 -16.70 -0.05
CA PHE B 6 -10.68 -15.49 0.39
C PHE B 6 -9.62 -15.84 1.44
N THR B 7 -8.50 -15.11 1.40
CA THR B 7 -7.41 -15.35 2.34
C THR B 7 -7.86 -15.05 3.77
N CYS B 8 -8.67 -14.01 3.93
CA CYS B 8 -9.17 -13.63 5.25
C CYS B 8 -10.68 -13.41 5.21
N GLU B 9 -11.36 -13.81 6.28
CA GLU B 9 -12.81 -13.66 6.38
C GLU B 9 -13.16 -12.40 7.16
N GLU B 10 -12.57 -12.26 8.34
CA GLU B 10 -12.83 -11.10 9.19
C GLU B 10 -11.60 -10.21 9.29
N ASP B 11 -10.43 -10.83 9.30
CA ASP B 11 -9.17 -10.10 9.39
C ASP B 11 -9.19 -9.14 10.58
N PHE B 12 -9.63 -9.65 11.73
CA PHE B 12 -9.70 -8.83 12.94
C PHE B 12 -8.52 -9.14 13.87
N TYR B 13 -8.14 -10.42 13.93
CA TYR B 13 -7.03 -10.83 14.77
C TYR B 13 -5.69 -10.45 14.16
N PHE B 14 -5.08 -9.39 14.71
CA PHE B 14 -3.79 -8.91 14.22
C PHE B 14 -3.84 -8.67 12.71
N PRO B 15 -4.53 -7.60 12.31
CA PRO B 15 -4.67 -7.24 10.88
C PRO B 15 -3.36 -6.75 10.29
N TRP B 16 -2.49 -7.69 9.93
CA TRP B 16 -1.20 -7.36 9.35
C TRP B 16 -1.38 -6.57 8.06
N LEU B 17 -2.41 -6.91 7.29
CA LEU B 17 -2.71 -6.24 6.03
C LEU B 17 -2.87 -4.74 6.25
N LEU B 18 -3.69 -4.37 7.23
CA LEU B 18 -3.95 -2.97 7.55
C LEU B 18 -2.65 -2.24 7.86
N ILE B 19 -1.72 -2.95 8.51
CA ILE B 19 -0.42 -2.37 8.86
C ILE B 19 0.38 -2.02 7.61
N ILE B 20 0.48 -2.98 6.69
CA ILE B 20 1.22 -2.78 5.46
C ILE B 20 0.68 -1.59 4.68
N ILE B 21 -0.63 -1.59 4.46
CA ILE B 21 -1.28 -0.50 3.72
C ILE B 21 -1.04 0.83 4.40
N PHE B 22 -1.25 0.87 5.71
CA PHE B 22 -1.07 2.10 6.48
C PHE B 22 0.38 2.58 6.39
N GLY B 23 1.31 1.64 6.42
CA GLY B 23 2.72 2.00 6.35
C GLY B 23 3.08 2.67 5.04
N ILE B 24 2.58 2.11 3.93
CA ILE B 24 2.85 2.67 2.61
C ILE B 24 2.29 4.08 2.48
N PHE B 25 1.04 4.25 2.88
CA PHE B 25 0.39 5.56 2.82
C PHE B 25 1.17 6.60 3.63
N GLY B 26 1.50 6.24 4.86
CA GLY B 26 2.23 7.16 5.72
C GLY B 26 3.53 7.61 5.09
N LEU B 27 4.33 6.67 4.63
CA LEU B 27 5.61 6.99 4.00
C LEU B 27 5.41 7.77 2.71
N THR B 28 4.49 7.29 1.86
CA THR B 28 4.20 7.94 0.60
C THR B 28 3.85 9.40 0.80
N VAL B 29 2.90 9.66 1.69
CA VAL B 29 2.47 11.03 1.98
C VAL B 29 3.64 11.88 2.43
N MET B 30 4.40 11.37 3.41
CA MET B 30 5.55 12.09 3.93
C MET B 30 6.54 12.42 2.82
N LEU B 31 6.81 11.44 1.97
CA LEU B 31 7.75 11.63 0.85
C LEU B 31 7.20 12.66 -0.14
N PHE B 32 5.94 12.50 -0.51
CA PHE B 32 5.30 13.42 -1.46
C PHE B 32 5.43 14.87 -0.98
N VAL B 33 5.06 15.11 0.27
CA VAL B 33 5.14 16.45 0.84
C VAL B 33 6.55 17.01 0.74
N PHE B 34 7.52 16.20 1.12
CA PHE B 34 8.92 16.62 1.08
C PHE B 34 9.37 16.88 -0.35
N LEU B 35 8.87 16.06 -1.28
CA LEU B 35 9.21 16.20 -2.69
C LEU B 35 8.68 17.51 -3.26
N PHE B 36 7.39 17.77 -3.03
CA PHE B 36 6.76 18.98 -3.51
C PHE B 36 7.47 20.22 -2.97
N SER B 37 7.92 20.14 -1.72
CA SER B 37 8.61 21.25 -1.08
C SER B 37 9.87 21.62 -1.86
N LYS B 38 10.54 20.61 -2.41
CA LYS B 38 11.76 20.83 -3.18
C LYS B 38 11.47 21.62 -4.44
N GLN B 39 10.26 21.46 -4.99
CA GLN B 39 9.86 22.15 -6.20
C GLN B 39 9.33 23.55 -5.87
N GLN B 40 8.79 23.70 -4.66
CA GLN B 40 8.24 24.97 -4.23
C GLN B 40 7.55 25.69 -5.38
N ARG B 41 6.77 24.94 -6.15
CA ARG B 41 6.04 25.50 -7.29
C ARG B 41 4.77 24.70 -7.57
N ILE B 42 3.85 25.30 -8.32
CA ILE B 42 2.60 24.64 -8.65
C ILE B 42 2.76 23.76 -9.89
N LYS B 43 2.52 22.47 -9.72
CA LYS B 43 2.63 21.51 -10.81
C LYS B 43 1.27 20.99 -11.23
N GLY A 1 13.04 -24.95 8.03
CA GLY A 1 13.55 -24.39 9.27
C GLY A 1 12.47 -24.27 10.33
N SER A 2 12.78 -23.54 11.40
CA SER A 2 11.84 -23.35 12.50
C SER A 2 10.73 -22.38 12.10
N MET A 3 11.10 -21.33 11.35
CA MET A 3 10.15 -20.33 10.91
C MET A 3 9.68 -20.62 9.48
N SER A 4 8.38 -20.73 9.30
CA SER A 4 7.80 -21.01 7.99
C SER A 4 7.29 -19.73 7.34
N GLN A 5 7.46 -19.62 6.03
CA GLN A 5 7.01 -18.45 5.29
C GLN A 5 5.53 -18.55 4.96
N PHE A 6 4.88 -17.41 4.80
CA PHE A 6 3.45 -17.37 4.49
C PHE A 6 3.20 -17.90 3.08
N THR A 7 1.97 -18.35 2.84
CA THR A 7 1.60 -18.88 1.54
C THR A 7 0.17 -18.49 1.17
N CYS A 8 -0.08 -18.30 -0.12
CA CYS A 8 -1.41 -17.92 -0.59
C CYS A 8 -2.11 -19.11 -1.26
N GLU A 9 -3.43 -19.08 -1.29
CA GLU A 9 -4.21 -20.14 -1.88
C GLU A 9 -4.53 -19.83 -3.35
N GLU A 10 -4.93 -18.59 -3.61
CA GLU A 10 -5.26 -18.17 -4.96
C GLU A 10 -4.02 -18.17 -5.85
N ASP A 11 -2.88 -17.82 -5.26
CA ASP A 11 -1.61 -17.78 -6.00
C ASP A 11 -1.81 -17.15 -7.38
N PHE A 12 -2.63 -16.11 -7.44
CA PHE A 12 -2.91 -15.44 -8.70
C PHE A 12 -1.63 -14.91 -9.33
N TYR A 13 -0.96 -14.00 -8.64
CA TYR A 13 0.29 -13.41 -9.13
C TYR A 13 1.25 -13.13 -7.98
N PHE A 14 2.53 -13.32 -8.22
CA PHE A 14 3.55 -13.09 -7.21
C PHE A 14 4.73 -12.32 -7.79
N PRO A 15 5.51 -11.66 -6.91
CA PRO A 15 5.26 -11.69 -5.46
C PRO A 15 4.01 -10.92 -5.08
N TRP A 16 3.50 -11.17 -3.88
CA TRP A 16 2.31 -10.49 -3.39
C TRP A 16 2.64 -9.09 -2.88
N LEU A 17 3.82 -8.96 -2.28
CA LEU A 17 4.26 -7.68 -1.74
C LEU A 17 4.27 -6.60 -2.82
N LEU A 18 4.87 -6.92 -3.97
CA LEU A 18 4.94 -6.00 -5.09
C LEU A 18 3.55 -5.54 -5.51
N ILE A 19 2.59 -6.47 -5.43
CA ILE A 19 1.21 -6.16 -5.81
C ILE A 19 0.60 -5.13 -4.87
N ILE A 20 0.83 -5.31 -3.57
CA ILE A 20 0.30 -4.40 -2.57
C ILE A 20 0.99 -3.04 -2.65
N ILE A 21 2.32 -3.05 -2.60
CA ILE A 21 3.09 -1.81 -2.68
C ILE A 21 2.76 -1.04 -3.95
N PHE A 22 2.84 -1.71 -5.09
CA PHE A 22 2.54 -1.08 -6.38
C PHE A 22 1.09 -0.63 -6.44
N GLY A 23 0.21 -1.42 -5.84
CA GLY A 23 -1.21 -1.09 -5.85
C GLY A 23 -1.51 0.17 -5.06
N ILE A 24 -1.01 0.23 -3.83
CA ILE A 24 -1.23 1.39 -2.98
C ILE A 24 -0.44 2.60 -3.46
N PHE A 25 0.84 2.38 -3.76
CA PHE A 25 1.70 3.45 -4.24
C PHE A 25 1.08 4.15 -5.45
N GLY A 26 0.51 3.37 -6.35
CA GLY A 26 -0.11 3.93 -7.53
C GLY A 26 -1.38 4.70 -7.21
N LEU A 27 -2.27 4.08 -6.44
CA LEU A 27 -3.53 4.72 -6.07
C LEU A 27 -3.28 6.00 -5.29
N THR A 28 -2.28 5.98 -4.41
CA THR A 28 -1.93 7.14 -3.61
C THR A 28 -1.51 8.31 -4.49
N VAL A 29 -0.54 8.07 -5.36
CA VAL A 29 -0.04 9.10 -6.25
C VAL A 29 -1.17 9.66 -7.13
N MET A 30 -2.06 8.78 -7.57
CA MET A 30 -3.18 9.18 -8.40
C MET A 30 -4.15 10.04 -7.62
N LEU A 31 -4.48 9.62 -6.40
CA LEU A 31 -5.39 10.36 -5.55
C LEU A 31 -4.81 11.71 -5.15
N PHE A 32 -3.53 11.71 -4.79
CA PHE A 32 -2.85 12.94 -4.38
C PHE A 32 -2.93 13.99 -5.48
N VAL A 33 -2.62 13.58 -6.70
CA VAL A 33 -2.66 14.50 -7.84
C VAL A 33 -4.09 14.87 -8.20
N PHE A 34 -5.00 13.90 -8.09
CA PHE A 34 -6.40 14.12 -8.41
C PHE A 34 -7.01 15.15 -7.47
N LEU A 35 -6.70 15.02 -6.18
CA LEU A 35 -7.22 15.94 -5.17
C LEU A 35 -6.59 17.32 -5.31
N PHE A 36 -5.31 17.35 -5.67
CA PHE A 36 -4.59 18.61 -5.84
C PHE A 36 -5.15 19.39 -7.02
N SER A 37 -5.54 18.68 -8.07
CA SER A 37 -6.09 19.32 -9.26
C SER A 37 -7.49 19.87 -8.99
N LYS A 38 -8.26 19.14 -8.19
CA LYS A 38 -9.61 19.56 -7.84
C LYS A 38 -9.59 20.81 -6.98
N GLN A 39 -8.54 20.97 -6.19
CA GLN A 39 -8.39 22.12 -5.31
C GLN A 39 -8.12 23.39 -6.12
N GLN A 40 -7.51 23.22 -7.29
CA GLN A 40 -7.19 24.34 -8.15
C GLN A 40 -6.33 25.36 -7.43
N ARG A 41 -5.33 24.87 -6.71
CA ARG A 41 -4.43 25.73 -5.96
C ARG A 41 -2.98 25.27 -6.09
N ILE A 42 -2.09 26.21 -6.38
CA ILE A 42 -0.67 25.89 -6.54
C ILE A 42 0.19 26.68 -5.55
N LYS A 43 1.30 26.08 -5.13
CA LYS A 43 2.20 26.73 -4.19
C LYS A 43 3.25 27.56 -4.92
N GLY B 1 -22.62 -18.90 15.26
CA GLY B 1 -21.34 -19.07 14.60
C GLY B 1 -21.36 -20.20 13.60
N SER B 2 -21.86 -19.93 12.40
CA SER B 2 -21.93 -20.93 11.34
C SER B 2 -20.54 -21.34 10.89
N MET B 3 -19.68 -20.35 10.65
CA MET B 3 -18.33 -20.61 10.20
C MET B 3 -17.44 -21.04 11.37
N SER B 4 -17.37 -20.19 12.39
CA SER B 4 -16.56 -20.48 13.57
C SER B 4 -17.31 -20.10 14.85
N GLN B 5 -17.50 -21.09 15.72
CA GLN B 5 -18.20 -20.87 16.97
C GLN B 5 -17.42 -19.92 17.88
N PHE B 6 -16.12 -20.17 18.00
CA PHE B 6 -15.25 -19.35 18.83
C PHE B 6 -13.99 -18.95 18.06
N THR B 7 -13.46 -17.77 18.39
CA THR B 7 -12.25 -17.27 17.74
C THR B 7 -11.26 -16.72 18.76
N CYS B 8 -9.99 -16.69 18.39
CA CYS B 8 -8.94 -16.19 19.28
C CYS B 8 -9.18 -14.71 19.61
N GLU B 9 -8.94 -14.36 20.87
CA GLU B 9 -9.13 -12.99 21.32
C GLU B 9 -7.86 -12.17 21.13
N GLU B 10 -6.74 -12.72 21.57
CA GLU B 10 -5.45 -12.05 21.45
C GLU B 10 -5.16 -11.70 19.99
N ASP B 11 -5.59 -12.57 19.08
CA ASP B 11 -5.36 -12.36 17.66
C ASP B 11 -3.88 -12.17 17.35
N PHE B 12 -3.09 -13.22 17.56
CA PHE B 12 -1.66 -13.17 17.31
C PHE B 12 -1.38 -12.69 15.90
N TYR B 13 -2.20 -13.12 14.96
CA TYR B 13 -2.03 -12.74 13.56
C TYR B 13 -2.12 -11.23 13.39
N PHE B 14 -3.16 -10.63 13.98
CA PHE B 14 -3.36 -9.19 13.91
C PHE B 14 -3.56 -8.75 12.46
N PRO B 15 -4.14 -7.56 12.28
CA PRO B 15 -4.41 -7.00 10.95
C PRO B 15 -3.13 -6.59 10.23
N TRP B 16 -2.52 -7.54 9.54
CA TRP B 16 -1.29 -7.28 8.80
C TRP B 16 -1.53 -6.28 7.68
N LEU B 17 -2.70 -6.35 7.06
CA LEU B 17 -3.05 -5.44 5.98
C LEU B 17 -2.96 -3.98 6.43
N LEU B 18 -3.57 -3.69 7.57
CA LEU B 18 -3.55 -2.33 8.12
C LEU B 18 -2.12 -1.84 8.31
N ILE B 19 -1.23 -2.75 8.69
CA ILE B 19 0.17 -2.41 8.91
C ILE B 19 0.84 -2.00 7.59
N ILE B 20 0.56 -2.76 6.54
CA ILE B 20 1.14 -2.47 5.23
C ILE B 20 0.56 -1.18 4.64
N ILE B 21 -0.76 -1.11 4.58
CA ILE B 21 -1.44 0.06 4.05
C ILE B 21 -1.03 1.32 4.80
N PHE B 22 -1.14 1.28 6.12
CA PHE B 22 -0.78 2.42 6.96
C PHE B 22 0.71 2.73 6.84
N GLY B 23 1.53 1.69 6.70
CA GLY B 23 2.96 1.88 6.57
C GLY B 23 3.34 2.58 5.29
N ILE B 24 2.82 2.10 4.17
CA ILE B 24 3.11 2.70 2.87
C ILE B 24 2.42 4.05 2.72
N PHE B 25 1.14 4.09 3.06
CA PHE B 25 0.36 5.32 2.96
C PHE B 25 1.06 6.46 3.70
N GLY B 26 1.59 6.16 4.87
CA GLY B 26 2.27 7.17 5.67
C GLY B 26 3.59 7.60 5.04
N LEU B 27 4.41 6.62 4.67
CA LEU B 27 5.70 6.91 4.07
C LEU B 27 5.54 7.69 2.76
N THR B 28 4.52 7.32 1.99
CA THR B 28 4.25 7.99 0.72
C THR B 28 3.93 9.46 0.93
N VAL B 29 2.95 9.73 1.79
CA VAL B 29 2.55 11.10 2.09
C VAL B 29 3.73 11.92 2.61
N MET B 30 4.57 11.29 3.43
CA MET B 30 5.73 11.96 4.00
C MET B 30 6.75 12.28 2.92
N LEU B 31 7.01 11.31 2.05
CA LEU B 31 7.97 11.49 0.97
C LEU B 31 7.48 12.52 -0.03
N PHE B 32 6.20 12.45 -0.37
CA PHE B 32 5.59 13.37 -1.33
C PHE B 32 5.78 14.82 -0.86
N VAL B 33 5.46 15.07 0.41
CA VAL B 33 5.59 16.40 0.98
C VAL B 33 7.05 16.79 1.15
N PHE B 34 7.88 15.82 1.54
CA PHE B 34 9.30 16.06 1.73
C PHE B 34 9.97 16.47 0.42
N LEU B 35 9.62 15.78 -0.66
CA LEU B 35 10.19 16.06 -1.97
C LEU B 35 9.67 17.40 -2.51
N PHE B 36 8.40 17.68 -2.23
CA PHE B 36 7.79 18.92 -2.69
C PHE B 36 8.43 20.13 -2.01
N SER B 37 8.76 19.98 -0.73
CA SER B 37 9.38 21.05 0.04
C SER B 37 10.81 21.28 -0.42
N LYS B 38 11.51 20.19 -0.74
CA LYS B 38 12.90 20.29 -1.19
C LYS B 38 12.97 20.75 -2.64
N GLN B 39 11.95 20.42 -3.42
CA GLN B 39 11.90 20.81 -4.83
C GLN B 39 11.15 22.13 -5.00
N GLN B 40 10.95 22.84 -3.89
CA GLN B 40 10.25 24.11 -3.92
C GLN B 40 11.00 25.14 -4.77
N ARG B 41 10.28 26.15 -5.24
CA ARG B 41 10.88 27.19 -6.07
C ARG B 41 12.06 27.84 -5.35
N ILE B 42 11.82 28.32 -4.14
CA ILE B 42 12.86 28.97 -3.36
C ILE B 42 12.84 28.49 -1.90
N LYS B 43 14.01 28.10 -1.40
CA LYS B 43 14.12 27.62 -0.02
C LYS B 43 13.64 28.68 0.96
N GLY A 1 22.59 -30.25 1.09
CA GLY A 1 22.08 -30.90 -0.09
C GLY A 1 22.14 -30.01 -1.32
N SER A 2 21.50 -30.45 -2.40
CA SER A 2 21.50 -29.68 -3.65
C SER A 2 20.73 -28.38 -3.48
N MET A 3 20.78 -27.54 -4.51
CA MET A 3 20.08 -26.26 -4.48
C MET A 3 18.76 -26.33 -5.24
N SER A 4 17.74 -25.67 -4.70
CA SER A 4 16.42 -25.68 -5.32
C SER A 4 16.51 -25.25 -6.79
N GLN A 5 15.47 -25.57 -7.55
CA GLN A 5 15.44 -25.23 -8.97
C GLN A 5 14.08 -24.62 -9.35
N PHE A 6 14.11 -23.41 -9.91
CA PHE A 6 12.89 -22.73 -10.31
C PHE A 6 13.02 -22.18 -11.73
N THR A 7 11.88 -21.86 -12.33
CA THR A 7 11.85 -21.33 -13.70
C THR A 7 11.09 -20.02 -13.77
N CYS A 8 11.70 -19.01 -14.39
CA CYS A 8 11.07 -17.71 -14.53
C CYS A 8 11.50 -17.02 -15.81
N GLU A 9 10.54 -16.65 -16.64
CA GLU A 9 10.82 -15.98 -17.91
C GLU A 9 10.89 -14.47 -17.72
N GLU A 10 9.83 -13.91 -17.14
CA GLU A 10 9.77 -12.47 -16.91
C GLU A 10 9.82 -12.15 -15.42
N ASP A 11 9.23 -13.02 -14.62
CA ASP A 11 9.21 -12.83 -13.17
C ASP A 11 8.71 -11.44 -12.81
N PHE A 12 7.55 -11.08 -13.32
CA PHE A 12 6.96 -9.77 -13.05
C PHE A 12 5.96 -9.85 -11.90
N TYR A 13 4.84 -10.52 -12.14
CA TYR A 13 3.81 -10.66 -11.13
C TYR A 13 4.36 -11.33 -9.86
N PHE A 14 3.72 -11.06 -8.73
CA PHE A 14 4.14 -11.63 -7.46
C PHE A 14 5.54 -11.13 -7.08
N PRO A 15 5.88 -11.25 -5.80
CA PRO A 15 4.99 -11.83 -4.79
C PRO A 15 3.79 -10.92 -4.48
N TRP A 16 2.88 -11.42 -3.66
CA TRP A 16 1.69 -10.65 -3.30
C TRP A 16 2.07 -9.27 -2.77
N LEU A 17 3.22 -9.19 -2.12
CA LEU A 17 3.71 -7.93 -1.56
C LEU A 17 3.81 -6.86 -2.65
N LEU A 18 4.42 -7.22 -3.78
CA LEU A 18 4.59 -6.29 -4.89
C LEU A 18 3.23 -5.74 -5.34
N ILE A 19 2.20 -6.59 -5.25
CA ILE A 19 0.86 -6.17 -5.65
C ILE A 19 0.29 -5.14 -4.69
N ILE A 20 0.51 -5.37 -3.39
CA ILE A 20 0.02 -4.45 -2.37
C ILE A 20 0.66 -3.07 -2.51
N ILE A 21 1.98 -3.04 -2.63
CA ILE A 21 2.70 -1.78 -2.79
C ILE A 21 2.33 -1.10 -4.11
N PHE A 22 2.25 -1.89 -5.17
CA PHE A 22 1.91 -1.36 -6.49
C PHE A 22 0.53 -0.69 -6.48
N GLY A 23 -0.39 -1.30 -5.75
CA GLY A 23 -1.74 -0.76 -5.66
C GLY A 23 -1.81 0.51 -4.84
N ILE A 24 -1.26 0.46 -3.63
CA ILE A 24 -1.26 1.62 -2.75
C ILE A 24 -0.46 2.76 -3.34
N PHE A 25 0.76 2.46 -3.79
CA PHE A 25 1.63 3.46 -4.38
C PHE A 25 0.96 4.13 -5.58
N GLY A 26 0.31 3.32 -6.42
CA GLY A 26 -0.37 3.85 -7.58
C GLY A 26 -1.57 4.68 -7.23
N LEU A 27 -2.47 4.12 -6.42
CA LEU A 27 -3.68 4.82 -6.01
C LEU A 27 -3.33 6.12 -5.28
N THR A 28 -2.41 6.02 -4.31
CA THR A 28 -1.99 7.18 -3.54
C THR A 28 -1.54 8.32 -4.45
N VAL A 29 -0.61 8.02 -5.34
CA VAL A 29 -0.10 9.01 -6.27
C VAL A 29 -1.20 9.54 -7.18
N MET A 30 -1.95 8.62 -7.79
CA MET A 30 -3.04 9.00 -8.68
C MET A 30 -4.02 9.94 -7.98
N LEU A 31 -4.33 9.63 -6.73
CA LEU A 31 -5.26 10.44 -5.95
C LEU A 31 -4.61 11.76 -5.55
N PHE A 32 -3.33 11.71 -5.19
CA PHE A 32 -2.59 12.90 -4.79
C PHE A 32 -2.53 13.92 -5.93
N VAL A 33 -2.35 13.41 -7.15
CA VAL A 33 -2.27 14.27 -8.32
C VAL A 33 -3.62 14.92 -8.62
N PHE A 34 -4.66 14.09 -8.70
CA PHE A 34 -6.00 14.57 -8.99
C PHE A 34 -6.48 15.53 -7.89
N LEU A 35 -6.41 15.07 -6.65
CA LEU A 35 -6.83 15.88 -5.51
C LEU A 35 -6.09 17.21 -5.48
N PHE A 36 -4.80 17.17 -5.81
CA PHE A 36 -3.97 18.37 -5.82
C PHE A 36 -4.42 19.32 -6.93
N SER A 37 -4.82 18.76 -8.07
CA SER A 37 -5.27 19.55 -9.21
C SER A 37 -6.50 20.37 -8.84
N LYS A 38 -7.38 19.78 -8.03
CA LYS A 38 -8.60 20.46 -7.61
C LYS A 38 -8.30 21.55 -6.60
N GLN A 39 -7.24 21.35 -5.81
CA GLN A 39 -6.85 22.32 -4.80
C GLN A 39 -5.80 23.29 -5.36
N GLN A 40 -5.67 23.31 -6.68
CA GLN A 40 -4.70 24.18 -7.34
C GLN A 40 -5.00 25.64 -7.02
N ARG A 41 -3.94 26.42 -6.81
CA ARG A 41 -4.09 27.85 -6.51
C ARG A 41 -3.14 28.68 -7.35
N ILE A 42 -3.34 30.00 -7.32
CA ILE A 42 -2.50 30.92 -8.09
C ILE A 42 -1.70 31.82 -7.16
N LYS A 43 -0.78 32.59 -7.74
CA LYS A 43 0.05 33.51 -6.97
C LYS A 43 -0.46 34.95 -7.11
N GLY B 1 -5.98 -37.63 7.64
CA GLY B 1 -6.00 -37.69 9.09
C GLY B 1 -4.92 -36.82 9.72
N SER B 2 -4.84 -35.58 9.28
CA SER B 2 -3.84 -34.65 9.81
C SER B 2 -4.37 -33.22 9.82
N MET B 3 -3.73 -32.36 10.61
CA MET B 3 -4.14 -30.97 10.71
C MET B 3 -2.97 -30.08 11.11
N SER B 4 -3.02 -28.82 10.68
CA SER B 4 -1.95 -27.88 11.00
C SER B 4 -2.12 -27.30 12.40
N GLN B 5 -1.09 -26.61 12.88
CA GLN B 5 -1.12 -26.01 14.21
C GLN B 5 -1.39 -24.51 14.12
N PHE B 6 -2.61 -24.12 14.48
CA PHE B 6 -2.99 -22.70 14.45
C PHE B 6 -3.52 -22.26 15.80
N THR B 7 -3.68 -20.94 15.96
CA THR B 7 -4.18 -20.38 17.21
C THR B 7 -4.83 -19.02 16.98
N CYS B 8 -5.99 -18.82 17.59
CA CYS B 8 -6.72 -17.57 17.44
C CYS B 8 -6.78 -16.82 18.77
N GLU B 9 -6.92 -17.56 19.86
CA GLU B 9 -6.99 -16.98 21.20
C GLU B 9 -5.69 -16.24 21.53
N GLU B 10 -4.57 -16.80 21.08
CA GLU B 10 -3.26 -16.20 21.33
C GLU B 10 -3.21 -14.77 20.80
N ASP B 11 -3.88 -14.53 19.69
CA ASP B 11 -3.91 -13.21 19.08
C ASP B 11 -2.50 -12.74 18.72
N PHE B 12 -1.89 -13.42 17.74
CA PHE B 12 -0.54 -13.09 17.30
C PHE B 12 -0.55 -12.66 15.84
N TYR B 13 -1.39 -13.29 15.03
CA TYR B 13 -1.49 -12.98 13.62
C TYR B 13 -1.69 -11.49 13.40
N PHE B 14 -2.84 -10.99 13.86
CA PHE B 14 -3.17 -9.56 13.72
C PHE B 14 -3.28 -9.18 12.24
N PRO B 15 -3.95 -8.05 11.98
CA PRO B 15 -4.14 -7.55 10.62
C PRO B 15 -2.85 -7.03 10.00
N TRP B 16 -2.08 -7.95 9.42
CA TRP B 16 -0.82 -7.60 8.78
C TRP B 16 -1.03 -6.59 7.66
N LEU B 17 -2.15 -6.74 6.95
CA LEU B 17 -2.48 -5.85 5.85
C LEU B 17 -2.51 -4.39 6.30
N LEU B 18 -3.18 -4.16 7.43
CA LEU B 18 -3.29 -2.80 7.98
C LEU B 18 -1.90 -2.19 8.20
N ILE B 19 -0.95 -3.04 8.57
CA ILE B 19 0.42 -2.58 8.80
C ILE B 19 1.11 -2.21 7.49
N ILE B 20 0.84 -2.99 6.45
CA ILE B 20 1.43 -2.74 5.14
C ILE B 20 0.98 -1.40 4.58
N ILE B 21 -0.33 -1.19 4.52
CA ILE B 21 -0.89 0.05 4.01
C ILE B 21 -0.54 1.23 4.91
N PHE B 22 -0.51 0.97 6.22
CA PHE B 22 -0.19 2.01 7.20
C PHE B 22 1.19 2.59 6.93
N GLY B 23 2.15 1.72 6.67
CA GLY B 23 3.52 2.18 6.40
C GLY B 23 3.64 2.90 5.06
N ILE B 24 3.12 2.27 4.02
CA ILE B 24 3.17 2.84 2.68
C ILE B 24 2.45 4.19 2.63
N PHE B 25 1.23 4.21 3.15
CA PHE B 25 0.43 5.43 3.17
C PHE B 25 1.17 6.55 3.90
N GLY B 26 1.75 6.22 5.04
CA GLY B 26 2.49 7.21 5.81
C GLY B 26 3.76 7.67 5.12
N LEU B 27 4.59 6.72 4.72
CA LEU B 27 5.84 7.03 4.05
C LEU B 27 5.59 7.83 2.77
N THR B 28 4.67 7.34 1.95
CA THR B 28 4.32 8.01 0.71
C THR B 28 3.98 9.48 0.94
N VAL B 29 3.03 9.72 1.84
CA VAL B 29 2.61 11.08 2.16
C VAL B 29 3.77 11.89 2.72
N MET B 30 4.45 11.34 3.71
CA MET B 30 5.59 12.01 4.34
C MET B 30 6.62 12.42 3.29
N LEU B 31 6.90 11.52 2.36
CA LEU B 31 7.87 11.79 1.30
C LEU B 31 7.31 12.80 0.29
N PHE B 32 6.02 12.66 -0.02
CA PHE B 32 5.37 13.57 -0.96
C PHE B 32 5.41 15.00 -0.46
N VAL B 33 5.21 15.17 0.85
CA VAL B 33 5.22 16.50 1.46
C VAL B 33 6.62 17.10 1.44
N PHE B 34 7.59 16.34 1.93
CA PHE B 34 8.97 16.80 1.97
C PHE B 34 9.49 17.07 0.57
N LEU B 35 9.36 16.09 -0.31
CA LEU B 35 9.82 16.21 -1.69
C LEU B 35 9.17 17.41 -2.36
N PHE B 36 7.90 17.64 -2.07
CA PHE B 36 7.16 18.75 -2.66
C PHE B 36 7.69 20.09 -2.13
N SER B 37 8.08 20.10 -0.86
CA SER B 37 8.60 21.31 -0.24
C SER B 37 9.88 21.78 -0.93
N LYS B 38 10.70 20.82 -1.36
CA LYS B 38 11.95 21.12 -2.04
C LYS B 38 11.72 21.27 -3.54
N GLN B 39 10.75 20.54 -4.07
CA GLN B 39 10.43 20.60 -5.49
C GLN B 39 9.73 21.91 -5.84
N GLN B 40 9.03 22.48 -4.86
CA GLN B 40 8.32 23.73 -5.07
C GLN B 40 7.65 23.76 -6.45
N ARG B 41 7.07 22.63 -6.85
CA ARG B 41 6.41 22.53 -8.13
C ARG B 41 4.99 23.07 -8.07
N ILE B 42 4.54 23.68 -9.15
CA ILE B 42 3.19 24.25 -9.21
C ILE B 42 2.73 24.42 -10.66
N LYS B 43 1.52 23.95 -10.94
CA LYS B 43 0.95 24.06 -12.29
C LYS B 43 -0.52 24.43 -12.23
N GLY A 1 -9.08 -39.27 14.06
CA GLY A 1 -9.74 -38.16 13.42
C GLY A 1 -8.97 -36.86 13.57
N SER A 2 -7.76 -36.83 13.02
CA SER A 2 -6.91 -35.65 13.11
C SER A 2 -6.57 -35.11 11.72
N MET A 3 -7.02 -33.90 11.43
CA MET A 3 -6.77 -33.27 10.13
C MET A 3 -6.35 -31.82 10.30
N SER A 4 -5.94 -31.20 9.21
CA SER A 4 -5.50 -29.81 9.23
C SER A 4 -5.88 -29.09 7.93
N GLN A 5 -6.28 -27.83 8.06
CA GLN A 5 -6.67 -27.04 6.90
C GLN A 5 -5.57 -27.04 5.84
N PHE A 6 -5.99 -27.06 4.57
CA PHE A 6 -5.04 -27.09 3.46
C PHE A 6 -4.45 -25.70 3.23
N THR A 7 -3.12 -25.61 3.29
CA THR A 7 -2.43 -24.34 3.09
C THR A 7 -1.52 -24.40 1.86
N CYS A 8 -1.07 -23.23 1.41
CA CYS A 8 -0.20 -23.15 0.25
C CYS A 8 1.13 -22.51 0.61
N GLU A 9 2.20 -23.29 0.55
CA GLU A 9 3.53 -22.79 0.87
C GLU A 9 4.26 -22.32 -0.39
N GLU A 10 4.04 -23.04 -1.49
CA GLU A 10 4.68 -22.68 -2.75
C GLU A 10 4.43 -21.22 -3.11
N ASP A 11 3.25 -20.73 -2.76
CA ASP A 11 2.89 -19.35 -3.04
C ASP A 11 2.84 -19.09 -4.54
N PHE A 12 1.87 -19.72 -5.22
CA PHE A 12 1.73 -19.55 -6.66
C PHE A 12 1.61 -18.08 -7.04
N TYR A 13 0.92 -17.32 -6.20
CA TYR A 13 0.72 -15.90 -6.44
C TYR A 13 1.89 -15.09 -5.91
N PHE A 14 2.77 -14.67 -6.80
CA PHE A 14 3.95 -13.89 -6.42
C PHE A 14 4.60 -13.25 -7.65
N PRO A 15 5.30 -12.14 -7.43
CA PRO A 15 5.43 -11.52 -6.11
C PRO A 15 4.12 -10.92 -5.61
N TRP A 16 3.83 -11.12 -4.33
CA TRP A 16 2.60 -10.61 -3.73
C TRP A 16 2.81 -9.19 -3.22
N LEU A 17 3.97 -8.94 -2.63
CA LEU A 17 4.29 -7.62 -2.09
C LEU A 17 4.19 -6.55 -3.18
N LEU A 18 4.78 -6.84 -4.34
CA LEU A 18 4.76 -5.90 -5.46
C LEU A 18 3.32 -5.53 -5.82
N ILE A 19 2.41 -6.49 -5.69
CA ILE A 19 1.01 -6.26 -6.02
C ILE A 19 0.37 -5.31 -5.00
N ILE A 20 0.66 -5.54 -3.72
CA ILE A 20 0.11 -4.71 -2.65
C ILE A 20 0.69 -3.30 -2.71
N ILE A 21 2.01 -3.21 -2.79
CA ILE A 21 2.69 -1.91 -2.85
C ILE A 21 2.24 -1.12 -4.08
N PHE A 22 2.33 -1.75 -5.25
CA PHE A 22 1.92 -1.12 -6.50
C PHE A 22 0.47 -0.65 -6.43
N GLY A 23 -0.37 -1.45 -5.79
CA GLY A 23 -1.77 -1.10 -5.68
C GLY A 23 -1.99 0.19 -4.92
N ILE A 24 -1.40 0.28 -3.73
CA ILE A 24 -1.54 1.48 -2.90
C ILE A 24 -0.79 2.65 -3.51
N PHE A 25 0.39 2.37 -4.06
CA PHE A 25 1.22 3.41 -4.68
C PHE A 25 0.46 4.10 -5.81
N GLY A 26 -0.24 3.30 -6.62
CA GLY A 26 -0.99 3.86 -7.72
C GLY A 26 -2.20 4.66 -7.27
N LEU A 27 -2.97 4.09 -6.34
CA LEU A 27 -4.15 4.75 -5.82
C LEU A 27 -3.78 6.04 -5.09
N THR A 28 -2.82 5.94 -4.18
CA THR A 28 -2.36 7.09 -3.41
C THR A 28 -1.96 8.24 -4.33
N VAL A 29 -1.06 7.95 -5.26
CA VAL A 29 -0.59 8.96 -6.20
C VAL A 29 -1.73 9.45 -7.09
N MET A 30 -2.45 8.52 -7.69
CA MET A 30 -3.56 8.86 -8.57
C MET A 30 -4.54 9.81 -7.87
N LEU A 31 -4.81 9.53 -6.60
CA LEU A 31 -5.72 10.36 -5.82
C LEU A 31 -5.08 11.69 -5.46
N PHE A 32 -3.85 11.63 -4.94
CA PHE A 32 -3.12 12.84 -4.55
C PHE A 32 -3.05 13.82 -5.71
N VAL A 33 -2.70 13.31 -6.89
CA VAL A 33 -2.59 14.14 -8.08
C VAL A 33 -3.96 14.59 -8.57
N PHE A 34 -4.91 13.66 -8.60
CA PHE A 34 -6.26 13.97 -9.05
C PHE A 34 -6.85 15.13 -8.25
N LEU A 35 -6.54 15.16 -6.96
CA LEU A 35 -7.04 16.23 -6.09
C LEU A 35 -6.28 17.53 -6.33
N PHE A 36 -4.97 17.42 -6.51
CA PHE A 36 -4.14 18.60 -6.75
C PHE A 36 -4.59 19.32 -8.02
N SER A 37 -5.01 18.56 -9.01
CA SER A 37 -5.46 19.14 -10.28
C SER A 37 -6.62 20.10 -10.06
N LYS A 38 -7.49 19.77 -9.10
CA LYS A 38 -8.64 20.60 -8.79
C LYS A 38 -8.20 21.94 -8.22
N GLN A 39 -7.07 21.95 -7.53
CA GLN A 39 -6.53 23.17 -6.94
C GLN A 39 -5.98 24.10 -8.01
N GLN A 40 -5.54 23.52 -9.13
CA GLN A 40 -4.99 24.30 -10.22
C GLN A 40 -6.08 25.12 -10.91
N ARG A 41 -5.72 26.31 -11.35
CA ARG A 41 -6.66 27.20 -12.03
C ARG A 41 -5.93 28.38 -12.66
N ILE A 42 -6.56 28.99 -13.67
CA ILE A 42 -5.98 30.13 -14.37
C ILE A 42 -6.97 31.29 -14.43
N LYS A 43 -6.45 32.48 -14.68
CA LYS A 43 -7.28 33.68 -14.78
C LYS A 43 -7.42 34.14 -16.22
N GLY B 1 -22.15 -30.84 6.39
CA GLY B 1 -21.01 -30.44 7.20
C GLY B 1 -19.73 -30.38 6.39
N SER B 2 -18.83 -31.32 6.64
CA SER B 2 -17.55 -31.36 5.92
C SER B 2 -16.84 -30.02 6.00
N MET B 3 -16.96 -29.36 7.15
CA MET B 3 -16.33 -28.06 7.36
C MET B 3 -15.38 -28.10 8.56
N SER B 4 -14.11 -27.81 8.30
CA SER B 4 -13.10 -27.82 9.36
C SER B 4 -13.45 -26.82 10.46
N GLN B 5 -12.86 -27.01 11.63
CA GLN B 5 -13.12 -26.13 12.77
C GLN B 5 -12.27 -24.87 12.67
N PHE B 6 -12.94 -23.72 12.56
CA PHE B 6 -12.24 -22.45 12.45
C PHE B 6 -11.78 -21.96 13.83
N THR B 7 -12.61 -22.22 14.84
CA THR B 7 -12.29 -21.80 16.20
C THR B 7 -10.96 -22.37 16.65
N CYS B 8 -10.22 -21.59 17.43
CA CYS B 8 -8.91 -22.01 17.92
C CYS B 8 -8.77 -21.71 19.42
N GLU B 9 -7.79 -22.34 20.05
CA GLU B 9 -7.56 -22.14 21.48
C GLU B 9 -7.33 -20.67 21.79
N GLU B 10 -6.41 -20.04 21.06
CA GLU B 10 -6.10 -18.64 21.25
C GLU B 10 -6.61 -17.79 20.10
N ASP B 11 -6.57 -18.36 18.90
CA ASP B 11 -7.03 -17.66 17.70
C ASP B 11 -6.58 -16.20 17.71
N PHE B 12 -5.35 -15.97 18.17
CA PHE B 12 -4.81 -14.61 18.24
C PHE B 12 -4.31 -14.15 16.87
N TYR B 13 -4.73 -12.97 16.47
CA TYR B 13 -4.32 -12.41 15.18
C TYR B 13 -4.55 -10.90 15.14
N PHE B 14 -3.94 -10.25 14.15
CA PHE B 14 -4.08 -8.80 14.00
C PHE B 14 -4.18 -8.41 12.53
N PRO B 15 -4.70 -7.20 12.28
CA PRO B 15 -4.88 -6.69 10.91
C PRO B 15 -3.54 -6.37 10.24
N TRP B 16 -2.89 -7.40 9.70
CA TRP B 16 -1.62 -7.22 9.03
C TRP B 16 -1.71 -6.16 7.94
N LEU B 17 -2.86 -6.11 7.26
CA LEU B 17 -3.07 -5.15 6.19
C LEU B 17 -2.87 -3.72 6.70
N LEU B 18 -3.46 -3.43 7.86
CA LEU B 18 -3.35 -2.09 8.45
C LEU B 18 -1.89 -1.70 8.64
N ILE B 19 -1.06 -2.69 8.96
CA ILE B 19 0.37 -2.44 9.17
C ILE B 19 1.07 -2.11 7.86
N ILE B 20 0.76 -2.88 6.81
CA ILE B 20 1.35 -2.65 5.49
C ILE B 20 0.87 -1.33 4.90
N ILE B 21 -0.45 -1.16 4.84
CA ILE B 21 -1.04 0.05 4.28
C ILE B 21 -0.52 1.29 5.01
N PHE B 22 -0.61 1.28 6.33
CA PHE B 22 -0.15 2.41 7.14
C PHE B 22 1.34 2.68 6.90
N GLY B 23 2.11 1.61 6.71
CA GLY B 23 3.53 1.76 6.46
C GLY B 23 3.82 2.51 5.18
N ILE B 24 3.22 2.07 4.09
CA ILE B 24 3.42 2.71 2.79
C ILE B 24 2.78 4.09 2.75
N PHE B 25 1.59 4.19 3.34
CA PHE B 25 0.86 5.45 3.37
C PHE B 25 1.68 6.53 4.06
N GLY B 26 2.34 6.17 5.15
CA GLY B 26 3.15 7.13 5.89
C GLY B 26 4.40 7.53 5.11
N LEU B 27 5.12 6.54 4.59
CA LEU B 27 6.33 6.80 3.83
C LEU B 27 6.03 7.61 2.57
N THR B 28 5.05 7.15 1.80
CA THR B 28 4.66 7.82 0.57
C THR B 28 4.35 9.29 0.83
N VAL B 29 3.46 9.56 1.77
CA VAL B 29 3.08 10.92 2.12
C VAL B 29 4.27 11.69 2.68
N MET B 30 4.94 11.10 3.67
CA MET B 30 6.08 11.74 4.30
C MET B 30 7.11 12.16 3.26
N LEU B 31 7.34 11.30 2.27
CA LEU B 31 8.29 11.59 1.20
C LEU B 31 7.74 12.64 0.24
N PHE B 32 6.50 12.42 -0.21
CA PHE B 32 5.86 13.35 -1.13
C PHE B 32 5.87 14.77 -0.58
N VAL B 33 5.51 14.90 0.70
CA VAL B 33 5.49 16.20 1.36
C VAL B 33 6.89 16.74 1.59
N PHE B 34 7.77 15.86 2.10
CA PHE B 34 9.15 16.24 2.38
C PHE B 34 9.81 16.84 1.13
N LEU B 35 9.49 16.27 -0.03
CA LEU B 35 10.05 16.75 -1.30
C LEU B 35 9.41 18.07 -1.71
N PHE B 36 8.09 18.16 -1.54
CA PHE B 36 7.36 19.37 -1.90
C PHE B 36 7.88 20.57 -1.12
N SER B 37 8.25 20.35 0.14
CA SER B 37 8.76 21.42 0.99
C SER B 37 10.01 22.04 0.38
N LYS B 38 10.83 21.22 -0.25
CA LYS B 38 12.06 21.69 -0.87
C LYS B 38 11.76 22.55 -2.09
N GLN B 39 10.65 22.25 -2.76
CA GLN B 39 10.24 23.00 -3.94
C GLN B 39 9.11 23.96 -3.61
N GLN B 40 8.89 24.20 -2.32
CA GLN B 40 7.83 25.10 -1.88
C GLN B 40 8.00 26.49 -2.50
N ARG B 41 6.89 27.20 -2.65
CA ARG B 41 6.90 28.53 -3.22
C ARG B 41 7.50 29.55 -2.25
N ILE B 42 8.00 30.66 -2.79
CA ILE B 42 8.60 31.70 -1.97
C ILE B 42 7.66 32.11 -0.84
N LYS B 43 6.36 32.12 -1.13
CA LYS B 43 5.36 32.49 -0.13
C LYS B 43 4.91 31.27 0.67
N GLY A 1 25.00 -24.76 -12.27
CA GLY A 1 24.43 -24.77 -13.61
C GLY A 1 22.94 -24.49 -13.61
N SER A 2 22.55 -23.42 -12.95
CA SER A 2 21.14 -23.04 -12.87
C SER A 2 20.87 -21.78 -13.69
N MET A 3 19.69 -21.71 -14.30
CA MET A 3 19.31 -20.56 -15.10
C MET A 3 19.25 -19.30 -14.26
N SER A 4 18.53 -19.37 -13.13
CA SER A 4 18.40 -18.22 -12.24
C SER A 4 17.93 -16.99 -13.00
N GLN A 5 17.06 -17.20 -13.98
CA GLN A 5 16.54 -16.10 -14.78
C GLN A 5 15.02 -16.16 -14.85
N PHE A 6 14.40 -15.01 -15.12
CA PHE A 6 12.95 -14.92 -15.21
C PHE A 6 12.49 -14.95 -16.67
N THR A 7 11.22 -15.27 -16.89
CA THR A 7 10.66 -15.33 -18.23
C THR A 7 9.25 -14.75 -18.26
N CYS A 8 9.02 -13.79 -19.15
CA CYS A 8 7.71 -13.16 -19.27
C CYS A 8 6.65 -14.20 -19.64
N GLU A 9 7.03 -15.17 -20.46
CA GLU A 9 6.11 -16.21 -20.88
C GLU A 9 5.43 -16.86 -19.68
N GLU A 10 6.17 -17.00 -18.59
CA GLU A 10 5.65 -17.61 -17.38
C GLU A 10 4.56 -16.72 -16.76
N ASP A 11 4.75 -15.41 -16.87
CA ASP A 11 3.80 -14.45 -16.31
C ASP A 11 3.51 -14.76 -14.85
N PHE A 12 4.51 -14.55 -14.00
CA PHE A 12 4.37 -14.79 -12.57
C PHE A 12 3.85 -13.55 -11.85
N TYR A 13 3.22 -13.77 -10.70
CA TYR A 13 2.66 -12.67 -9.91
C TYR A 13 3.60 -12.29 -8.77
N PHE A 14 4.12 -13.30 -8.09
CA PHE A 14 5.03 -13.08 -6.97
C PHE A 14 6.19 -12.18 -7.38
N PRO A 15 6.77 -11.47 -6.40
CA PRO A 15 6.31 -11.53 -5.01
C PRO A 15 4.94 -10.89 -4.81
N TRP A 16 4.42 -10.98 -3.59
CA TRP A 16 3.12 -10.42 -3.27
C TRP A 16 3.26 -8.96 -2.86
N LEU A 17 4.36 -8.62 -2.19
CA LEU A 17 4.60 -7.26 -1.74
C LEU A 17 4.57 -6.28 -2.91
N LEU A 18 5.20 -6.68 -4.01
CA LEU A 18 5.25 -5.83 -5.20
C LEU A 18 3.84 -5.47 -5.67
N ILE A 19 2.91 -6.41 -5.50
CA ILE A 19 1.53 -6.18 -5.89
C ILE A 19 0.83 -5.23 -4.94
N ILE A 20 0.98 -5.48 -3.64
CA ILE A 20 0.36 -4.64 -2.62
C ILE A 20 0.92 -3.22 -2.68
N ILE A 21 2.23 -3.09 -2.64
CA ILE A 21 2.87 -1.78 -2.70
C ILE A 21 2.48 -1.02 -3.95
N PHE A 22 2.64 -1.67 -5.11
CA PHE A 22 2.29 -1.07 -6.38
C PHE A 22 0.83 -0.61 -6.39
N GLY A 23 -0.03 -1.39 -5.74
CA GLY A 23 -1.43 -1.04 -5.68
C GLY A 23 -1.69 0.26 -4.95
N ILE A 24 -1.14 0.37 -3.75
CA ILE A 24 -1.31 1.57 -2.93
C ILE A 24 -0.55 2.75 -3.53
N PHE A 25 0.62 2.47 -4.08
CA PHE A 25 1.46 3.50 -4.67
C PHE A 25 0.71 4.22 -5.80
N GLY A 26 0.11 3.44 -6.69
CA GLY A 26 -0.63 4.01 -7.81
C GLY A 26 -1.87 4.75 -7.35
N LEU A 27 -2.65 4.11 -6.49
CA LEU A 27 -3.88 4.73 -5.97
C LEU A 27 -3.57 6.02 -5.23
N THR A 28 -2.62 5.96 -4.31
CA THR A 28 -2.23 7.14 -3.53
C THR A 28 -1.82 8.29 -4.44
N VAL A 29 -0.87 8.02 -5.34
CA VAL A 29 -0.38 9.04 -6.27
C VAL A 29 -1.51 9.52 -7.17
N MET A 30 -2.39 8.61 -7.58
CA MET A 30 -3.51 8.95 -8.44
C MET A 30 -4.50 9.87 -7.72
N LEU A 31 -4.75 9.58 -6.45
CA LEU A 31 -5.66 10.37 -5.66
C LEU A 31 -5.04 11.70 -5.26
N PHE A 32 -3.74 11.67 -4.98
CA PHE A 32 -3.02 12.88 -4.59
C PHE A 32 -3.11 13.95 -5.67
N VAL A 33 -2.78 13.56 -6.91
CA VAL A 33 -2.84 14.50 -8.03
C VAL A 33 -4.28 14.81 -8.41
N PHE A 34 -5.14 13.81 -8.32
CA PHE A 34 -6.55 13.98 -8.67
C PHE A 34 -7.21 15.00 -7.75
N LEU A 35 -7.07 14.79 -6.44
CA LEU A 35 -7.65 15.69 -5.46
C LEU A 35 -7.02 17.07 -5.54
N PHE A 36 -5.70 17.11 -5.73
CA PHE A 36 -4.98 18.38 -5.85
C PHE A 36 -5.54 19.23 -6.98
N SER A 37 -5.93 18.56 -8.07
CA SER A 37 -6.47 19.26 -9.23
C SER A 37 -7.83 19.86 -8.92
N LYS A 38 -8.62 19.17 -8.11
CA LYS A 38 -9.94 19.64 -7.73
C LYS A 38 -9.84 20.70 -6.64
N GLN A 39 -8.82 20.59 -5.80
CA GLN A 39 -8.61 21.53 -4.71
C GLN A 39 -8.19 22.89 -5.25
N GLN A 40 -7.55 22.89 -6.42
CA GLN A 40 -7.09 24.13 -7.04
C GLN A 40 -8.05 24.59 -8.12
N ARG A 41 -8.47 25.85 -8.04
CA ARG A 41 -9.40 26.40 -9.02
C ARG A 41 -8.73 27.51 -9.82
N ILE A 42 -8.46 27.24 -11.10
CA ILE A 42 -7.83 28.22 -11.97
C ILE A 42 -8.85 29.20 -12.53
N LYS A 43 -8.48 30.48 -12.56
CA LYS A 43 -9.36 31.53 -13.06
C LYS A 43 -8.63 32.42 -14.06
N GLY B 1 10.65 -32.82 17.89
CA GLY B 1 10.15 -33.95 17.12
C GLY B 1 10.48 -33.85 15.65
N SER B 2 10.27 -34.94 14.92
CA SER B 2 10.56 -34.97 13.49
C SER B 2 9.27 -35.13 12.68
N MET B 3 9.24 -34.49 11.52
CA MET B 3 8.07 -34.55 10.65
C MET B 3 6.82 -34.06 11.38
N SER B 4 6.95 -32.92 12.07
CA SER B 4 5.83 -32.35 12.81
C SER B 4 5.64 -30.88 12.47
N GLN B 5 4.50 -30.56 11.87
CA GLN B 5 4.20 -29.19 11.49
C GLN B 5 3.47 -28.45 12.62
N PHE B 6 3.46 -27.13 12.54
CA PHE B 6 2.81 -26.31 13.55
C PHE B 6 1.42 -25.87 13.09
N THR B 7 0.64 -25.32 14.01
CA THR B 7 -0.71 -24.87 13.69
C THR B 7 -1.07 -23.61 14.49
N CYS B 8 -1.82 -22.71 13.86
CA CYS B 8 -2.22 -21.48 14.52
C CYS B 8 -3.28 -21.74 15.57
N GLU B 9 -2.97 -21.42 16.82
CA GLU B 9 -3.89 -21.63 17.93
C GLU B 9 -4.90 -20.49 18.02
N GLU B 10 -4.39 -19.26 17.99
CA GLU B 10 -5.25 -18.08 18.07
C GLU B 10 -6.32 -18.12 16.98
N ASP B 11 -5.96 -18.65 15.82
CA ASP B 11 -6.89 -18.74 14.71
C ASP B 11 -7.52 -17.39 14.40
N PHE B 12 -6.68 -16.43 14.00
CA PHE B 12 -7.16 -15.09 13.68
C PHE B 12 -6.42 -14.53 12.46
N TYR B 13 -6.89 -13.38 11.98
CA TYR B 13 -6.28 -12.75 10.82
C TYR B 13 -5.33 -11.63 11.25
N PHE B 14 -5.71 -10.91 12.29
CA PHE B 14 -4.90 -9.82 12.81
C PHE B 14 -4.75 -8.72 11.77
N PRO B 15 -4.39 -7.51 12.23
CA PRO B 15 -4.20 -6.35 11.36
C PRO B 15 -2.98 -6.48 10.46
N TRP B 16 -3.12 -7.24 9.38
CA TRP B 16 -2.02 -7.45 8.45
C TRP B 16 -1.99 -6.35 7.39
N LEU B 17 -3.10 -6.20 6.67
CA LEU B 17 -3.20 -5.19 5.63
C LEU B 17 -3.18 -3.78 6.23
N LEU B 18 -3.86 -3.63 7.36
CA LEU B 18 -3.91 -2.33 8.04
C LEU B 18 -2.52 -1.79 8.31
N ILE B 19 -1.60 -2.67 8.68
CA ILE B 19 -0.23 -2.28 8.97
C ILE B 19 0.53 -1.98 7.68
N ILE B 20 0.39 -2.87 6.70
CA ILE B 20 1.07 -2.69 5.42
C ILE B 20 0.65 -1.38 4.76
N ILE B 21 -0.65 -1.19 4.60
CA ILE B 21 -1.18 0.03 3.99
C ILE B 21 -0.80 1.26 4.78
N PHE B 22 -1.06 1.23 6.09
CA PHE B 22 -0.74 2.36 6.97
C PHE B 22 0.74 2.71 6.86
N GLY B 23 1.59 1.69 6.73
CA GLY B 23 3.01 1.91 6.63
C GLY B 23 3.39 2.67 5.39
N ILE B 24 2.91 2.21 4.23
CA ILE B 24 3.20 2.86 2.96
C ILE B 24 2.52 4.22 2.88
N PHE B 25 1.32 4.32 3.43
CA PHE B 25 0.57 5.56 3.41
C PHE B 25 1.36 6.69 4.06
N GLY B 26 1.93 6.42 5.23
CA GLY B 26 2.71 7.42 5.92
C GLY B 26 4.01 7.74 5.22
N LEU B 27 4.72 6.69 4.79
CA LEU B 27 5.99 6.87 4.09
C LEU B 27 5.80 7.67 2.81
N THR B 28 4.83 7.26 1.99
CA THR B 28 4.56 7.93 0.73
C THR B 28 4.26 9.42 0.95
N VAL B 29 3.30 9.69 1.84
CA VAL B 29 2.91 11.07 2.15
C VAL B 29 4.09 11.84 2.73
N MET B 30 4.90 11.16 3.54
CA MET B 30 6.06 11.80 4.16
C MET B 30 7.10 12.17 3.11
N LEU B 31 7.30 11.27 2.14
CA LEU B 31 8.27 11.52 1.07
C LEU B 31 7.75 12.53 0.07
N PHE B 32 6.44 12.48 -0.18
CA PHE B 32 5.80 13.40 -1.12
C PHE B 32 6.01 14.85 -0.69
N VAL B 33 5.67 15.14 0.57
CA VAL B 33 5.82 16.49 1.11
C VAL B 33 7.30 16.84 1.31
N PHE B 34 8.09 15.86 1.72
CA PHE B 34 9.51 16.07 1.96
C PHE B 34 10.21 16.47 0.67
N LEU B 35 10.02 15.68 -0.39
CA LEU B 35 10.64 15.96 -1.67
C LEU B 35 10.12 17.27 -2.27
N PHE B 36 8.82 17.49 -2.13
CA PHE B 36 8.19 18.70 -2.64
C PHE B 36 8.82 19.95 -2.02
N SER B 37 9.20 19.85 -0.76
CA SER B 37 9.81 20.96 -0.04
C SER B 37 11.21 21.24 -0.60
N LYS B 38 11.92 20.19 -0.96
CA LYS B 38 13.27 20.31 -1.50
C LYS B 38 13.24 21.01 -2.85
N GLN B 39 12.16 20.82 -3.60
CA GLN B 39 12.01 21.43 -4.92
C GLN B 39 11.82 22.94 -4.80
N GLN B 40 11.28 23.38 -3.67
CA GLN B 40 11.04 24.80 -3.44
C GLN B 40 12.37 25.56 -3.35
N ARG B 41 12.28 26.88 -3.34
CA ARG B 41 13.47 27.72 -3.26
C ARG B 41 13.28 28.86 -2.26
N ILE B 42 14.23 29.02 -1.36
CA ILE B 42 14.17 30.07 -0.34
C ILE B 42 15.46 30.86 -0.29
N LYS B 43 15.42 32.01 0.38
CA LYS B 43 16.59 32.86 0.51
C LYS B 43 16.78 33.31 1.96
N GLY A 1 12.83 -32.07 -6.86
CA GLY A 1 12.42 -31.87 -5.49
C GLY A 1 11.03 -31.25 -5.39
N SER A 2 10.86 -30.32 -4.46
CA SER A 2 9.57 -29.66 -4.26
C SER A 2 9.24 -28.77 -5.45
N MET A 3 7.95 -28.60 -5.70
CA MET A 3 7.47 -27.77 -6.80
C MET A 3 6.54 -26.67 -6.31
N SER A 4 6.09 -25.82 -7.23
CA SER A 4 5.20 -24.73 -6.89
C SER A 4 3.86 -24.88 -7.60
N GLN A 5 2.78 -24.59 -6.88
CA GLN A 5 1.43 -24.69 -7.44
C GLN A 5 0.95 -23.34 -7.95
N PHE A 6 0.82 -23.22 -9.27
CA PHE A 6 0.37 -21.98 -9.88
C PHE A 6 -1.02 -22.15 -10.49
N THR A 7 -1.87 -21.13 -10.34
CA THR A 7 -3.21 -21.16 -10.88
C THR A 7 -3.38 -20.18 -12.03
N CYS A 8 -4.29 -20.49 -12.94
CA CYS A 8 -4.54 -19.63 -14.09
C CYS A 8 -5.90 -18.94 -13.97
N GLU A 9 -6.89 -19.68 -13.48
CA GLU A 9 -8.23 -19.15 -13.32
C GLU A 9 -8.21 -17.85 -12.50
N GLU A 10 -7.41 -17.84 -11.44
CA GLU A 10 -7.30 -16.68 -10.57
C GLU A 10 -6.71 -15.49 -11.33
N ASP A 11 -5.78 -15.79 -12.24
CA ASP A 11 -5.14 -14.75 -13.03
C ASP A 11 -4.47 -13.71 -12.13
N PHE A 12 -3.43 -14.15 -11.42
CA PHE A 12 -2.70 -13.27 -10.52
C PHE A 12 -1.19 -13.47 -10.66
N TYR A 13 -0.44 -12.39 -10.54
CA TYR A 13 1.01 -12.45 -10.65
C TYR A 13 1.68 -12.36 -9.27
N PHE A 14 2.88 -12.91 -9.17
CA PHE A 14 3.61 -12.90 -7.90
C PHE A 14 4.92 -12.14 -8.06
N PRO A 15 5.49 -11.71 -6.92
CA PRO A 15 4.91 -11.96 -5.60
C PRO A 15 3.63 -11.16 -5.37
N TRP A 16 2.96 -11.43 -4.26
CA TRP A 16 1.72 -10.74 -3.93
C TRP A 16 2.00 -9.45 -3.16
N LEU A 17 3.05 -9.47 -2.34
CA LEU A 17 3.42 -8.31 -1.55
C LEU A 17 3.69 -7.11 -2.45
N LEU A 18 4.48 -7.32 -3.49
CA LEU A 18 4.82 -6.25 -4.43
C LEU A 18 3.56 -5.64 -5.04
N ILE A 19 2.56 -6.49 -5.27
CA ILE A 19 1.29 -6.04 -5.83
C ILE A 19 0.57 -5.09 -4.89
N ILE A 20 0.47 -5.49 -3.63
CA ILE A 20 -0.20 -4.69 -2.62
C ILE A 20 0.45 -3.31 -2.49
N ILE A 21 1.76 -3.29 -2.29
CA ILE A 21 2.50 -2.05 -2.17
C ILE A 21 2.42 -1.23 -3.45
N PHE A 22 2.52 -1.91 -4.58
CA PHE A 22 2.45 -1.24 -5.89
C PHE A 22 1.09 -0.59 -6.09
N GLY A 23 0.03 -1.29 -5.67
CA GLY A 23 -1.31 -0.76 -5.82
C GLY A 23 -1.54 0.48 -5.00
N ILE A 24 -1.06 0.47 -3.76
CA ILE A 24 -1.22 1.61 -2.87
C ILE A 24 -0.36 2.79 -3.32
N PHE A 25 0.83 2.48 -3.81
CA PHE A 25 1.76 3.51 -4.28
C PHE A 25 1.14 4.32 -5.42
N GLY A 26 0.62 3.62 -6.43
CA GLY A 26 0.01 4.28 -7.56
C GLY A 26 -1.29 4.96 -7.20
N LEU A 27 -2.10 4.30 -6.38
CA LEU A 27 -3.38 4.85 -5.97
C LEU A 27 -3.19 6.14 -5.17
N THR A 28 -2.26 6.12 -4.23
CA THR A 28 -1.97 7.28 -3.40
C THR A 28 -1.51 8.46 -4.26
N VAL A 29 -0.55 8.20 -5.14
CA VAL A 29 -0.02 9.24 -6.01
C VAL A 29 -1.10 9.76 -6.96
N MET A 30 -1.80 8.85 -7.61
CA MET A 30 -2.86 9.21 -8.54
C MET A 30 -3.93 10.04 -7.84
N LEU A 31 -4.28 9.64 -6.63
CA LEU A 31 -5.30 10.36 -5.86
C LEU A 31 -4.79 11.72 -5.42
N PHE A 32 -3.52 11.78 -5.01
CA PHE A 32 -2.92 13.03 -4.56
C PHE A 32 -2.99 14.08 -5.66
N VAL A 33 -2.65 13.69 -6.89
CA VAL A 33 -2.68 14.59 -8.02
C VAL A 33 -4.11 14.97 -8.40
N PHE A 34 -4.99 13.97 -8.41
CA PHE A 34 -6.39 14.19 -8.75
C PHE A 34 -7.03 15.20 -7.81
N LEU A 35 -6.76 15.05 -6.53
CA LEU A 35 -7.31 15.96 -5.52
C LEU A 35 -6.66 17.33 -5.60
N PHE A 36 -5.36 17.35 -5.87
CA PHE A 36 -4.62 18.60 -5.98
C PHE A 36 -5.15 19.44 -7.13
N SER A 37 -5.51 18.77 -8.23
CA SER A 37 -6.03 19.46 -9.41
C SER A 37 -7.41 20.05 -9.13
N LYS A 38 -8.22 19.30 -8.37
CA LYS A 38 -9.57 19.75 -8.02
C LYS A 38 -9.52 20.94 -7.08
N GLN A 39 -8.48 21.00 -6.25
CA GLN A 39 -8.33 22.09 -5.30
C GLN A 39 -8.06 23.41 -6.02
N GLN A 40 -7.47 23.31 -7.21
CA GLN A 40 -7.16 24.50 -8.00
C GLN A 40 -8.28 24.80 -8.99
N ARG A 41 -8.69 26.06 -9.05
CA ARG A 41 -9.75 26.48 -9.96
C ARG A 41 -9.48 27.89 -10.50
N ILE A 42 -10.25 28.29 -11.50
CA ILE A 42 -10.11 29.61 -12.10
C ILE A 42 -11.42 30.37 -12.08
N LYS A 43 -11.35 31.68 -12.31
CA LYS A 43 -12.53 32.53 -12.31
C LYS A 43 -12.95 32.87 -13.75
N GLY B 1 -20.31 2.86 34.32
CA GLY B 1 -21.66 2.38 34.09
C GLY B 1 -21.70 0.91 33.73
N SER B 2 -22.79 0.49 33.10
CA SER B 2 -22.95 -0.91 32.69
C SER B 2 -22.68 -1.08 31.21
N MET B 3 -21.67 -1.87 30.89
CA MET B 3 -21.30 -2.12 29.50
C MET B 3 -21.45 -3.60 29.15
N SER B 4 -21.89 -3.88 27.93
CA SER B 4 -22.10 -5.25 27.48
C SER B 4 -20.88 -5.74 26.69
N GLN B 5 -20.60 -7.03 26.80
CA GLN B 5 -19.46 -7.63 26.11
C GLN B 5 -19.92 -8.33 24.83
N PHE B 6 -19.58 -7.74 23.69
CA PHE B 6 -19.96 -8.31 22.40
C PHE B 6 -18.86 -9.24 21.88
N THR B 7 -19.27 -10.42 21.42
CA THR B 7 -18.32 -11.40 20.88
C THR B 7 -18.33 -11.41 19.37
N CYS B 8 -17.15 -11.34 18.77
CA CYS B 8 -17.03 -11.34 17.31
C CYS B 8 -17.14 -12.76 16.76
N GLU B 9 -17.32 -12.87 15.44
CA GLU B 9 -17.44 -14.17 14.79
C GLU B 9 -16.11 -14.59 14.17
N GLU B 10 -15.35 -13.62 13.69
CA GLU B 10 -14.06 -13.90 13.07
C GLU B 10 -12.93 -13.75 14.08
N ASP B 11 -13.08 -12.81 15.00
CA ASP B 11 -12.07 -12.57 16.02
C ASP B 11 -10.71 -12.28 15.39
N PHE B 12 -10.65 -11.24 14.57
CA PHE B 12 -9.41 -10.85 13.90
C PHE B 12 -8.60 -9.90 14.78
N TYR B 13 -7.29 -10.10 14.79
CA TYR B 13 -6.40 -9.25 15.58
C TYR B 13 -5.07 -9.02 14.85
N PHE B 14 -4.30 -8.05 15.33
CA PHE B 14 -3.02 -7.72 14.72
C PHE B 14 -3.08 -7.86 13.20
N PRO B 15 -3.85 -6.97 12.55
CA PRO B 15 -4.02 -6.97 11.10
C PRO B 15 -2.74 -6.54 10.38
N TRP B 16 -1.90 -7.51 10.05
CA TRP B 16 -0.65 -7.23 9.36
C TRP B 16 -0.91 -6.44 8.07
N LEU B 17 -2.01 -6.75 7.40
CA LEU B 17 -2.37 -6.06 6.17
C LEU B 17 -2.48 -4.56 6.39
N LEU B 18 -3.20 -4.17 7.43
CA LEU B 18 -3.39 -2.76 7.75
C LEU B 18 -2.04 -2.07 7.98
N ILE B 19 -1.10 -2.81 8.57
CA ILE B 19 0.22 -2.27 8.84
C ILE B 19 0.96 -1.94 7.55
N ILE B 20 0.96 -2.90 6.61
CA ILE B 20 1.62 -2.71 5.33
C ILE B 20 1.04 -1.52 4.58
N ILE B 21 -0.29 -1.50 4.46
CA ILE B 21 -0.97 -0.41 3.77
C ILE B 21 -0.75 0.93 4.47
N PHE B 22 -0.82 0.90 5.80
CA PHE B 22 -0.63 2.12 6.59
C PHE B 22 0.80 2.63 6.46
N GLY B 23 1.76 1.71 6.44
CA GLY B 23 3.15 2.10 6.31
C GLY B 23 3.44 2.79 4.99
N ILE B 24 2.91 2.25 3.91
CA ILE B 24 3.11 2.82 2.59
C ILE B 24 2.34 4.13 2.43
N PHE B 25 1.14 4.18 2.99
CA PHE B 25 0.31 5.37 2.92
C PHE B 25 1.00 6.57 3.58
N GLY B 26 1.47 6.37 4.81
CA GLY B 26 2.14 7.43 5.53
C GLY B 26 3.48 7.78 4.91
N LEU B 27 4.23 6.76 4.50
CA LEU B 27 5.54 6.96 3.89
C LEU B 27 5.43 7.74 2.59
N THR B 28 4.48 7.33 1.74
CA THR B 28 4.26 8.00 0.47
C THR B 28 3.90 9.46 0.66
N VAL B 29 2.95 9.72 1.54
CA VAL B 29 2.50 11.08 1.82
C VAL B 29 3.64 11.91 2.43
N MET B 30 4.28 11.35 3.45
CA MET B 30 5.38 12.04 4.12
C MET B 30 6.50 12.37 3.14
N LEU B 31 6.81 11.41 2.26
CA LEU B 31 7.86 11.60 1.27
C LEU B 31 7.45 12.63 0.23
N PHE B 32 6.18 12.58 -0.19
CA PHE B 32 5.67 13.51 -1.18
C PHE B 32 5.83 14.95 -0.72
N VAL B 33 5.50 15.20 0.54
CA VAL B 33 5.61 16.54 1.12
C VAL B 33 7.07 16.93 1.31
N PHE B 34 7.87 16.00 1.81
CA PHE B 34 9.29 16.26 2.03
C PHE B 34 9.98 16.65 0.74
N LEU B 35 9.68 15.93 -0.33
CA LEU B 35 10.29 16.22 -1.64
C LEU B 35 9.73 17.50 -2.22
N PHE B 36 8.44 17.75 -2.01
CA PHE B 36 7.78 18.95 -2.51
C PHE B 36 8.40 20.20 -1.89
N SER B 37 8.76 20.10 -0.61
CA SER B 37 9.35 21.23 0.10
C SER B 37 10.74 21.54 -0.44
N LYS B 38 11.47 20.50 -0.82
CA LYS B 38 12.82 20.68 -1.35
C LYS B 38 12.77 21.08 -2.83
N GLN B 39 11.73 20.63 -3.52
CA GLN B 39 11.57 20.95 -4.94
C GLN B 39 10.99 22.35 -5.11
N GLN B 40 10.25 22.81 -4.12
CA GLN B 40 9.64 24.14 -4.17
C GLN B 40 9.12 24.45 -5.56
N ARG B 41 8.49 23.46 -6.20
CA ARG B 41 7.95 23.63 -7.54
C ARG B 41 6.47 23.28 -7.58
N ILE B 42 5.69 24.12 -8.24
CA ILE B 42 4.25 23.91 -8.36
C ILE B 42 3.83 23.83 -9.82
N LYS B 43 2.62 23.32 -10.05
CA LYS B 43 2.08 23.19 -11.40
C LYS B 43 1.79 24.56 -12.00
N GLY A 1 -0.37 -41.36 -5.40
CA GLY A 1 0.45 -41.69 -6.55
C GLY A 1 0.98 -40.45 -7.25
N SER A 2 0.36 -40.12 -8.38
CA SER A 2 0.77 -38.95 -9.16
C SER A 2 -0.44 -38.24 -9.75
N MET A 3 -0.36 -36.92 -9.80
CA MET A 3 -1.46 -36.11 -10.34
C MET A 3 -1.27 -35.88 -11.84
N SER A 4 -2.24 -35.20 -12.44
CA SER A 4 -2.19 -34.92 -13.87
C SER A 4 -1.72 -33.48 -14.13
N GLN A 5 -0.88 -33.32 -15.14
CA GLN A 5 -0.35 -32.01 -15.49
C GLN A 5 -1.48 -31.02 -15.75
N PHE A 6 -1.46 -29.88 -15.05
CA PHE A 6 -2.48 -28.87 -15.20
C PHE A 6 -1.86 -27.48 -15.30
N THR A 7 -2.61 -26.53 -15.85
CA THR A 7 -2.12 -25.16 -16.00
C THR A 7 -1.93 -24.50 -14.64
N CYS A 8 -1.26 -23.35 -14.66
CA CYS A 8 -1.00 -22.60 -13.42
C CYS A 8 -2.21 -21.75 -13.04
N GLU A 9 -2.45 -21.62 -11.74
CA GLU A 9 -3.56 -20.83 -11.24
C GLU A 9 -3.13 -19.39 -10.94
N GLU A 10 -1.92 -19.25 -10.41
CA GLU A 10 -1.40 -17.93 -10.08
C GLU A 10 -1.39 -17.02 -11.31
N ASP A 11 -1.14 -17.62 -12.47
CA ASP A 11 -1.11 -16.86 -13.72
C ASP A 11 -0.04 -15.77 -13.67
N PHE A 12 1.08 -16.07 -13.02
CA PHE A 12 2.18 -15.13 -12.90
C PHE A 12 1.74 -13.88 -12.13
N TYR A 13 1.14 -14.11 -10.97
CA TYR A 13 0.66 -13.00 -10.13
C TYR A 13 1.63 -12.76 -8.97
N PHE A 14 2.12 -13.84 -8.38
CA PHE A 14 3.06 -13.73 -7.26
C PHE A 14 4.36 -13.08 -7.69
N PRO A 15 5.04 -12.44 -6.73
CA PRO A 15 4.58 -12.37 -5.34
C PRO A 15 3.36 -11.49 -5.18
N TRP A 16 2.76 -11.53 -4.00
CA TRP A 16 1.57 -10.73 -3.72
C TRP A 16 1.95 -9.34 -3.23
N LEU A 17 3.08 -9.25 -2.53
CA LEU A 17 3.55 -7.97 -2.01
C LEU A 17 3.69 -6.95 -3.13
N LEU A 18 4.20 -7.39 -4.28
CA LEU A 18 4.38 -6.51 -5.43
C LEU A 18 3.07 -5.84 -5.81
N ILE A 19 1.97 -6.58 -5.68
CA ILE A 19 0.65 -6.05 -6.02
C ILE A 19 0.18 -5.05 -4.96
N ILE A 20 0.39 -5.39 -3.70
CA ILE A 20 0.00 -4.51 -2.60
C ILE A 20 0.59 -3.12 -2.75
N ILE A 21 1.91 -3.08 -2.95
CA ILE A 21 2.61 -1.80 -3.11
C ILE A 21 2.17 -1.10 -4.39
N PHE A 22 2.03 -1.88 -5.46
CA PHE A 22 1.62 -1.33 -6.75
C PHE A 22 0.24 -0.68 -6.65
N GLY A 23 -0.63 -1.30 -5.86
CA GLY A 23 -1.98 -0.78 -5.71
C GLY A 23 -2.02 0.48 -4.85
N ILE A 24 -1.41 0.42 -3.67
CA ILE A 24 -1.39 1.55 -2.77
C ILE A 24 -0.62 2.73 -3.39
N PHE A 25 0.56 2.43 -3.91
CA PHE A 25 1.39 3.46 -4.53
C PHE A 25 0.68 4.09 -5.73
N GLY A 26 0.02 3.25 -6.52
CA GLY A 26 -0.70 3.74 -7.69
C GLY A 26 -1.91 4.58 -7.32
N LEU A 27 -2.71 4.07 -6.38
CA LEU A 27 -3.91 4.78 -5.94
C LEU A 27 -3.54 6.07 -5.21
N THR A 28 -2.62 5.98 -4.26
CA THR A 28 -2.18 7.14 -3.50
C THR A 28 -1.75 8.26 -4.42
N VAL A 29 -0.82 7.96 -5.33
CA VAL A 29 -0.32 8.95 -6.27
C VAL A 29 -1.43 9.44 -7.19
N MET A 30 -2.15 8.51 -7.80
CA MET A 30 -3.23 8.84 -8.71
C MET A 30 -4.22 9.81 -8.04
N LEU A 31 -4.50 9.56 -6.77
CA LEU A 31 -5.42 10.40 -6.02
C LEU A 31 -4.77 11.73 -5.66
N PHE A 32 -3.57 11.66 -5.11
CA PHE A 32 -2.84 12.86 -4.72
C PHE A 32 -2.73 13.84 -5.88
N VAL A 33 -2.26 13.34 -7.03
CA VAL A 33 -2.11 14.16 -8.22
C VAL A 33 -3.45 14.68 -8.70
N PHE A 34 -4.45 13.82 -8.72
CA PHE A 34 -5.79 14.19 -9.16
C PHE A 34 -6.34 15.33 -8.31
N LEU A 35 -6.22 15.19 -7.00
CA LEU A 35 -6.70 16.21 -6.07
C LEU A 35 -6.04 17.56 -6.34
N PHE A 36 -4.72 17.54 -6.45
CA PHE A 36 -3.96 18.77 -6.71
C PHE A 36 -4.41 19.41 -8.02
N SER A 37 -4.70 18.57 -9.01
CA SER A 37 -5.13 19.05 -10.32
C SER A 37 -6.53 19.65 -10.25
N LYS A 38 -7.39 19.04 -9.43
CA LYS A 38 -8.75 19.50 -9.27
C LYS A 38 -8.79 20.86 -8.57
N GLN A 39 -7.81 21.09 -7.71
CA GLN A 39 -7.73 22.35 -6.97
C GLN A 39 -6.73 23.30 -7.63
N GLN A 40 -6.37 23.00 -8.87
CA GLN A 40 -5.41 23.82 -9.61
C GLN A 40 -6.13 24.93 -10.38
N ARG A 41 -5.79 26.17 -10.06
CA ARG A 41 -6.40 27.32 -10.72
C ARG A 41 -6.30 27.19 -12.24
N ILE A 42 -7.36 27.58 -12.94
CA ILE A 42 -7.39 27.52 -14.40
C ILE A 42 -6.43 28.52 -15.01
N LYS A 43 -6.45 29.75 -14.49
CA LYS A 43 -5.58 30.81 -14.97
C LYS A 43 -4.11 30.46 -14.76
N GLY B 1 -26.96 -28.26 2.95
CA GLY B 1 -26.08 -27.13 3.19
C GLY B 1 -24.79 -27.54 3.85
N SER B 2 -23.71 -26.82 3.55
CA SER B 2 -22.40 -27.11 4.12
C SER B 2 -22.02 -26.07 5.17
N MET B 3 -21.22 -26.49 6.15
CA MET B 3 -20.78 -25.60 7.21
C MET B 3 -19.59 -24.75 6.75
N SER B 4 -19.62 -23.47 7.11
CA SER B 4 -18.56 -22.54 6.73
C SER B 4 -17.55 -22.39 7.86
N GLN B 5 -16.29 -22.72 7.58
CA GLN B 5 -15.23 -22.62 8.57
C GLN B 5 -14.61 -21.23 8.56
N PHE B 6 -14.01 -20.84 9.68
CA PHE B 6 -13.37 -19.53 9.79
C PHE B 6 -11.85 -19.66 9.71
N THR B 7 -11.22 -18.75 8.97
CA THR B 7 -9.77 -18.76 8.80
C THR B 7 -9.08 -18.28 10.06
N CYS B 8 -7.94 -18.89 10.36
CA CYS B 8 -7.17 -18.53 11.55
C CYS B 8 -5.85 -17.87 11.17
N GLU B 9 -5.25 -18.34 10.07
CA GLU B 9 -3.99 -17.80 9.60
C GLU B 9 -4.07 -16.28 9.47
N GLU B 10 -5.23 -15.79 9.05
CA GLU B 10 -5.43 -14.35 8.89
C GLU B 10 -5.03 -13.59 10.15
N ASP B 11 -5.26 -14.21 11.30
CA ASP B 11 -4.91 -13.59 12.58
C ASP B 11 -5.63 -12.25 12.74
N PHE B 12 -6.95 -12.30 12.91
CA PHE B 12 -7.75 -11.09 13.09
C PHE B 12 -7.18 -10.22 14.19
N TYR B 13 -6.72 -10.85 15.26
CA TYR B 13 -6.16 -10.14 16.39
C TYR B 13 -4.85 -9.45 16.01
N PHE B 14 -4.07 -10.10 15.15
CA PHE B 14 -2.81 -9.55 14.70
C PHE B 14 -2.84 -9.24 13.21
N PRO B 15 -3.56 -8.16 12.85
CA PRO B 15 -3.70 -7.73 11.46
C PRO B 15 -2.40 -7.17 10.89
N TRP B 16 -1.88 -7.82 9.86
CA TRP B 16 -0.64 -7.40 9.23
C TRP B 16 -0.92 -6.34 8.15
N LEU B 17 -2.05 -6.46 7.49
CA LEU B 17 -2.43 -5.53 6.44
C LEU B 17 -2.44 -4.09 6.97
N LEU B 18 -2.83 -3.93 8.23
CA LEU B 18 -2.88 -2.61 8.86
C LEU B 18 -1.52 -1.92 8.78
N ILE B 19 -0.46 -2.69 9.03
CA ILE B 19 0.89 -2.16 8.98
C ILE B 19 1.34 -1.91 7.55
N ILE B 20 0.95 -2.81 6.65
CA ILE B 20 1.30 -2.68 5.24
C ILE B 20 0.88 -1.33 4.68
N ILE B 21 -0.40 -1.00 4.85
CA ILE B 21 -0.93 0.27 4.37
C ILE B 21 -0.41 1.43 5.20
N PHE B 22 -0.30 1.22 6.51
CA PHE B 22 0.18 2.26 7.42
C PHE B 22 1.61 2.68 7.04
N GLY B 23 2.42 1.72 6.62
CA GLY B 23 3.79 2.00 6.25
C GLY B 23 3.88 2.71 4.90
N ILE B 24 3.25 2.13 3.89
CA ILE B 24 3.26 2.72 2.56
C ILE B 24 2.61 4.09 2.54
N PHE B 25 1.42 4.18 3.14
CA PHE B 25 0.69 5.44 3.20
C PHE B 25 1.48 6.50 3.97
N GLY B 26 2.09 6.08 5.07
CA GLY B 26 2.86 6.99 5.89
C GLY B 26 4.13 7.47 5.19
N LEU B 27 4.86 6.53 4.60
CA LEU B 27 6.10 6.86 3.89
C LEU B 27 5.80 7.68 2.64
N THR B 28 4.84 7.21 1.84
CA THR B 28 4.47 7.92 0.61
C THR B 28 4.13 9.38 0.89
N VAL B 29 3.21 9.59 1.82
CA VAL B 29 2.80 10.94 2.19
C VAL B 29 3.95 11.72 2.79
N MET B 30 4.61 11.14 3.78
CA MET B 30 5.74 11.79 4.44
C MET B 30 6.78 12.24 3.42
N LEU B 31 7.02 11.41 2.41
CA LEU B 31 7.99 11.72 1.37
C LEU B 31 7.43 12.77 0.41
N PHE B 32 6.21 12.55 -0.07
CA PHE B 32 5.56 13.48 -0.98
C PHE B 32 5.55 14.89 -0.41
N VAL B 33 5.07 15.02 0.83
CA VAL B 33 5.00 16.31 1.49
C VAL B 33 6.39 16.90 1.69
N PHE B 34 7.32 16.06 2.14
CA PHE B 34 8.69 16.50 2.38
C PHE B 34 9.32 17.07 1.10
N LEU B 35 9.16 16.33 0.01
CA LEU B 35 9.70 16.75 -1.28
C LEU B 35 9.15 18.11 -1.68
N PHE B 36 7.83 18.26 -1.62
CA PHE B 36 7.18 19.51 -1.99
C PHE B 36 7.69 20.66 -1.12
N SER B 37 7.94 20.37 0.16
CA SER B 37 8.42 21.37 1.09
C SER B 37 9.87 21.76 0.77
N LYS B 38 10.66 20.77 0.37
CA LYS B 38 12.05 21.00 0.02
C LYS B 38 12.17 21.87 -1.22
N GLN B 39 11.21 21.76 -2.12
CA GLN B 39 11.20 22.53 -3.35
C GLN B 39 10.32 23.78 -3.20
N GLN B 40 10.00 24.13 -1.97
CA GLN B 40 9.17 25.30 -1.69
C GLN B 40 9.89 26.58 -2.09
N ARG B 41 11.11 26.74 -1.60
CA ARG B 41 11.91 27.93 -1.91
C ARG B 41 12.67 27.74 -3.21
N ILE B 42 12.97 28.86 -3.87
CA ILE B 42 13.70 28.82 -5.14
C ILE B 42 15.04 28.13 -4.98
N LYS B 43 15.21 27.02 -5.68
CA LYS B 43 16.46 26.26 -5.62
C LYS B 43 17.64 27.13 -6.04
N GLY A 1 14.86 -22.33 6.84
CA GLY A 1 13.80 -22.13 7.81
C GLY A 1 13.36 -23.42 8.46
N SER A 2 13.21 -23.40 9.78
CA SER A 2 12.80 -24.59 10.53
C SER A 2 11.30 -24.55 10.83
N MET A 3 10.86 -23.47 11.49
CA MET A 3 9.45 -23.32 11.83
C MET A 3 8.59 -23.27 10.57
N SER A 4 9.11 -22.65 9.53
CA SER A 4 8.39 -22.53 8.27
C SER A 4 8.66 -23.74 7.37
N GLN A 5 7.63 -24.16 6.64
CA GLN A 5 7.75 -25.31 5.74
C GLN A 5 7.15 -25.00 4.38
N PHE A 6 7.30 -25.93 3.45
CA PHE A 6 6.76 -25.75 2.10
C PHE A 6 5.24 -25.70 2.11
N THR A 7 4.69 -24.61 1.59
CA THR A 7 3.24 -24.45 1.54
C THR A 7 2.86 -23.24 0.68
N CYS A 8 1.58 -23.17 0.33
CA CYS A 8 1.09 -22.06 -0.50
C CYS A 8 -0.02 -21.30 0.23
N GLU A 9 0.28 -20.07 0.64
CA GLU A 9 -0.68 -19.24 1.34
C GLU A 9 -1.37 -18.27 0.38
N GLU A 10 -0.57 -17.66 -0.50
CA GLU A 10 -1.11 -16.71 -1.46
C GLU A 10 -1.38 -17.39 -2.81
N ASP A 11 -1.64 -18.69 -2.76
CA ASP A 11 -1.92 -19.47 -3.97
C ASP A 11 -0.75 -19.39 -4.94
N PHE A 12 0.37 -19.97 -4.56
CA PHE A 12 1.56 -19.96 -5.40
C PHE A 12 1.70 -18.64 -6.14
N TYR A 13 1.48 -17.54 -5.43
CA TYR A 13 1.58 -16.21 -6.01
C TYR A 13 2.61 -15.36 -5.28
N PHE A 14 3.58 -14.86 -6.04
CA PHE A 14 4.64 -14.03 -5.47
C PHE A 14 5.58 -13.52 -6.55
N PRO A 15 6.31 -12.44 -6.24
CA PRO A 15 6.22 -11.77 -4.94
C PRO A 15 4.89 -11.06 -4.74
N TRP A 16 4.31 -11.20 -3.55
CA TRP A 16 3.04 -10.57 -3.23
C TRP A 16 3.26 -9.16 -2.71
N LEU A 17 4.34 -8.97 -1.96
CA LEU A 17 4.66 -7.66 -1.39
C LEU A 17 4.77 -6.61 -2.49
N LEU A 18 5.52 -6.92 -3.54
CA LEU A 18 5.70 -6.00 -4.65
C LEU A 18 4.36 -5.58 -5.24
N ILE A 19 3.41 -6.52 -5.26
CA ILE A 19 2.09 -6.25 -5.79
C ILE A 19 1.33 -5.26 -4.92
N ILE A 20 1.42 -5.45 -3.60
CA ILE A 20 0.75 -4.57 -2.66
C ILE A 20 1.41 -3.19 -2.62
N ILE A 21 2.72 -3.17 -2.39
CA ILE A 21 3.47 -1.93 -2.34
C ILE A 21 3.27 -1.11 -3.61
N PHE A 22 3.50 -1.74 -4.76
CA PHE A 22 3.34 -1.07 -6.04
C PHE A 22 1.90 -0.60 -6.24
N GLY A 23 0.95 -1.40 -5.76
CA GLY A 23 -0.45 -1.04 -5.89
C GLY A 23 -0.82 0.20 -5.10
N ILE A 24 -0.45 0.21 -3.82
CA ILE A 24 -0.74 1.34 -2.96
C ILE A 24 0.09 2.56 -3.35
N PHE A 25 1.36 2.33 -3.64
CA PHE A 25 2.26 3.41 -4.03
C PHE A 25 1.68 4.22 -5.18
N GLY A 26 1.26 3.53 -6.23
CA GLY A 26 0.69 4.19 -7.39
C GLY A 26 -0.62 4.87 -7.07
N LEU A 27 -1.52 4.15 -6.39
CA LEU A 27 -2.82 4.71 -6.02
C LEU A 27 -2.66 5.99 -5.21
N THR A 28 -1.82 5.93 -4.19
CA THR A 28 -1.59 7.09 -3.34
C THR A 28 -1.15 8.29 -4.15
N VAL A 29 -0.12 8.09 -4.98
CA VAL A 29 0.39 9.17 -5.83
C VAL A 29 -0.73 9.83 -6.62
N MET A 30 -1.63 9.01 -7.16
CA MET A 30 -2.74 9.52 -7.95
C MET A 30 -3.70 10.32 -7.07
N LEU A 31 -4.02 9.77 -5.90
CA LEU A 31 -4.93 10.43 -4.97
C LEU A 31 -4.37 11.78 -4.52
N PHE A 32 -3.11 11.78 -4.11
CA PHE A 32 -2.45 13.01 -3.66
C PHE A 32 -2.57 14.10 -4.71
N VAL A 33 -2.17 13.77 -5.94
CA VAL A 33 -2.22 14.73 -7.04
C VAL A 33 -3.61 15.33 -7.17
N PHE A 34 -4.64 14.48 -7.09
CA PHE A 34 -6.02 14.93 -7.21
C PHE A 34 -6.42 15.77 -6.00
N LEU A 35 -5.91 15.39 -4.83
CA LEU A 35 -6.21 16.12 -3.60
C LEU A 35 -5.57 17.49 -3.60
N PHE A 36 -4.38 17.59 -4.17
CA PHE A 36 -3.66 18.85 -4.24
C PHE A 36 -4.31 19.79 -5.25
N SER A 37 -4.82 19.24 -6.33
CA SER A 37 -5.47 20.03 -7.37
C SER A 37 -6.72 20.72 -6.82
N LYS A 38 -7.45 20.01 -5.96
CA LYS A 38 -8.66 20.56 -5.36
C LYS A 38 -8.33 21.49 -4.20
N GLN A 39 -7.22 21.20 -3.52
CA GLN A 39 -6.79 22.01 -2.39
C GLN A 39 -6.38 23.41 -2.84
N GLN A 40 -5.93 23.51 -4.09
CA GLN A 40 -5.50 24.79 -4.64
C GLN A 40 -4.47 25.45 -3.74
N ARG A 41 -3.49 24.68 -3.30
CA ARG A 41 -2.44 25.19 -2.42
C ARG A 41 -1.30 25.79 -3.24
N ILE A 42 -0.97 27.05 -2.95
CA ILE A 42 0.10 27.74 -3.66
C ILE A 42 1.45 27.08 -3.39
N LYS A 43 2.16 26.73 -4.45
CA LYS A 43 3.46 26.09 -4.33
C LYS A 43 3.36 24.78 -3.57
N GLY B 1 2.98 -38.31 7.97
CA GLY B 1 4.42 -38.48 7.95
C GLY B 1 4.99 -38.75 9.33
N SER B 2 5.91 -37.90 9.77
CA SER B 2 6.54 -38.04 11.08
C SER B 2 5.64 -37.50 12.18
N MET B 3 5.24 -36.23 12.04
CA MET B 3 4.38 -35.59 13.02
C MET B 3 2.93 -35.55 12.53
N SER B 4 2.01 -35.22 13.43
CA SER B 4 0.60 -35.15 13.08
C SER B 4 0.26 -33.79 12.48
N GLN B 5 -0.95 -33.67 11.95
CA GLN B 5 -1.40 -32.42 11.34
C GLN B 5 -2.82 -32.08 11.77
N PHE B 6 -3.04 -30.81 12.08
CA PHE B 6 -4.35 -30.35 12.52
C PHE B 6 -4.81 -29.14 11.70
N THR B 7 -6.12 -28.92 11.65
CA THR B 7 -6.68 -27.81 10.90
C THR B 7 -7.40 -26.83 11.83
N CYS B 8 -7.14 -25.55 11.64
CA CYS B 8 -7.77 -24.52 12.45
C CYS B 8 -9.29 -24.62 12.40
N GLU B 9 -9.94 -24.28 13.51
CA GLU B 9 -11.40 -24.34 13.59
C GLU B 9 -12.01 -22.98 13.32
N GLU B 10 -11.38 -21.94 13.87
CA GLU B 10 -11.86 -20.57 13.70
C GLU B 10 -11.53 -20.05 12.31
N ASP B 11 -10.37 -20.44 11.79
CA ASP B 11 -9.92 -20.01 10.47
C ASP B 11 -9.99 -18.49 10.35
N PHE B 12 -9.14 -17.82 11.11
CA PHE B 12 -9.09 -16.36 11.09
C PHE B 12 -7.66 -15.85 11.17
N TYR B 13 -7.46 -14.57 10.89
CA TYR B 13 -6.13 -13.97 10.92
C TYR B 13 -6.20 -12.55 11.48
N PHE B 14 -5.04 -12.05 11.92
CA PHE B 14 -4.97 -10.69 12.47
C PHE B 14 -4.95 -9.65 11.36
N PRO B 15 -5.30 -8.40 11.72
CA PRO B 15 -5.34 -7.29 10.76
C PRO B 15 -3.94 -6.88 10.29
N TRP B 16 -3.40 -7.66 9.35
CA TRP B 16 -2.07 -7.38 8.81
C TRP B 16 -2.15 -6.40 7.65
N LEU B 17 -3.22 -6.50 6.86
CA LEU B 17 -3.42 -5.63 5.71
C LEU B 17 -3.45 -4.17 6.15
N LEU B 18 -4.19 -3.89 7.22
CA LEU B 18 -4.31 -2.54 7.74
C LEU B 18 -2.94 -1.95 8.04
N ILE B 19 -2.04 -2.78 8.56
CA ILE B 19 -0.70 -2.34 8.90
C ILE B 19 0.11 -2.03 7.64
N ILE B 20 -0.09 -2.84 6.60
CA ILE B 20 0.61 -2.64 5.34
C ILE B 20 0.10 -1.41 4.61
N ILE B 21 -1.21 -1.33 4.43
CA ILE B 21 -1.82 -0.20 3.74
C ILE B 21 -1.54 1.10 4.48
N PHE B 22 -1.83 1.12 5.78
CA PHE B 22 -1.61 2.30 6.60
C PHE B 22 -0.13 2.70 6.59
N GLY B 23 0.74 1.69 6.56
CA GLY B 23 2.17 1.95 6.56
C GLY B 23 2.63 2.65 5.31
N ILE B 24 2.27 2.09 4.15
CA ILE B 24 2.65 2.68 2.87
C ILE B 24 1.91 3.99 2.62
N PHE B 25 0.63 4.02 2.97
CA PHE B 25 -0.18 5.22 2.78
C PHE B 25 0.48 6.43 3.42
N GLY B 26 0.86 6.28 4.69
CA GLY B 26 1.50 7.38 5.40
C GLY B 26 2.86 7.73 4.82
N LEU B 27 3.68 6.71 4.59
CA LEU B 27 5.01 6.93 4.03
C LEU B 27 4.94 7.68 2.70
N THR B 28 4.08 7.21 1.80
CA THR B 28 3.91 7.84 0.50
C THR B 28 3.57 9.32 0.65
N VAL B 29 2.56 9.61 1.46
CA VAL B 29 2.13 10.98 1.69
C VAL B 29 3.30 11.86 2.09
N MET B 30 4.16 11.34 2.97
CA MET B 30 5.32 12.08 3.44
C MET B 30 6.32 12.29 2.31
N LEU B 31 6.57 11.24 1.54
CA LEU B 31 7.51 11.31 0.42
C LEU B 31 7.04 12.32 -0.62
N PHE B 32 5.77 12.23 -1.00
CA PHE B 32 5.19 13.13 -1.99
C PHE B 32 5.41 14.58 -1.58
N VAL B 33 5.00 14.92 -0.36
CA VAL B 33 5.15 16.27 0.15
C VAL B 33 6.59 16.76 0.02
N PHE B 34 7.53 15.90 0.38
CA PHE B 34 8.95 16.24 0.29
C PHE B 34 9.39 16.38 -1.16
N LEU B 35 8.83 15.54 -2.02
CA LEU B 35 9.17 15.57 -3.44
C LEU B 35 8.63 16.83 -4.12
N PHE B 36 7.44 17.25 -3.68
CA PHE B 36 6.83 18.45 -4.23
C PHE B 36 7.57 19.71 -3.79
N SER B 37 8.06 19.69 -2.56
CA SER B 37 8.79 20.84 -2.01
C SER B 37 10.07 21.09 -2.81
N LYS B 38 10.72 20.01 -3.23
CA LYS B 38 11.95 20.12 -4.01
C LYS B 38 11.65 20.47 -5.47
N GLN B 39 10.50 20.02 -5.96
CA GLN B 39 10.10 20.29 -7.34
C GLN B 39 9.15 21.48 -7.40
N GLN B 40 9.10 22.26 -6.33
CA GLN B 40 8.24 23.42 -6.26
C GLN B 40 8.77 24.55 -7.16
N ARG B 41 7.86 25.20 -7.88
CA ARG B 41 8.24 26.28 -8.78
C ARG B 41 7.63 27.60 -8.31
N ILE B 42 8.44 28.65 -8.30
CA ILE B 42 7.98 29.98 -7.88
C ILE B 42 7.58 30.82 -9.09
N LYS B 43 6.47 31.54 -8.95
CA LYS B 43 5.98 32.40 -10.02
C LYS B 43 6.90 33.60 -10.23
#